data_5IG7
#
_entry.id   5IG7
#
_cell.length_a   79.900
_cell.length_b   112.670
_cell.length_c   104.950
_cell.angle_alpha   90.00
_cell.angle_beta   103.47
_cell.angle_gamma   90.00
#
_symmetry.space_group_name_H-M   'P 1 21 1'
#
loop_
_entity.id
_entity.type
_entity.pdbx_description
1 polymer '1E01 Fab fragment heavy chain'
2 polymer '1E01 Fab fragment light chain'
3 polymer 'peptide PRO-LEU-GLN-PRO-GLN-GLN-PRO-PHE-PRO'
4 non-polymer 'SULFATE ION'
5 water water
#
loop_
_entity_poly.entity_id
_entity_poly.type
_entity_poly.pdbx_seq_one_letter_code
_entity_poly.pdbx_strand_id
1 'polypeptide(L)'
;EVQLLESGGGLVQPGGSLRLSCAASGFTFSTYAMSWVRQAPGKGLEWVSGISGSGGSTYYADSVKGRFTTSRDNSKNTLY
LQMNSLRAEDTAVYYCAKFSGKDCSGTSCRDYWGQGTLVTVSSASTKGPSVFPLAPSSKSTSGGTAALGCLVKDYFPEPV
TVSWNSGALTSGVHTFPAVLQSSGLYSLSSVVTVPSSSLGTQTYICNVNHKPSNTKVDKKVEPKSCD
;
A,D,G,J
2 'polypeptide(L)'
;QLVLTQSPSASASLGASVRLTCTLSSGHSSYVIAWHQQQSEKGPRYLMKVNSDGSHSKGDGIPDRFSGSSSGAERYLTIS
SLQSEDEADYYCQTWGAGILVFGGGTKLTVLSQPKAAPSVTLFPPSSEELQANKATLVCLISDFYPGAVTVAWKADSSPV
KAGVETTTPSKQSNNKYAASSYLSLTPEQWKSHRSYSCQVTHEGSTVEKTVAPTEC
;
B,E,H,K
3 'polypeptide(L)' PLQPQQPFP C,F,I,L
#
loop_
_chem_comp.id
_chem_comp.type
_chem_comp.name
_chem_comp.formula
SO4 non-polymer 'SULFATE ION' 'O4 S -2'
#
# COMPACT_ATOMS: atom_id res chain seq x y z
N GLU A 1 20.87 5.30 15.96
CA GLU A 1 22.04 5.17 15.09
C GLU A 1 21.57 4.56 13.77
N VAL A 2 22.47 3.83 13.13
CA VAL A 2 22.15 3.06 11.95
C VAL A 2 21.08 2.03 12.27
N GLN A 3 20.09 1.92 11.38
CA GLN A 3 19.08 0.89 11.48
C GLN A 3 18.90 0.27 10.10
N LEU A 4 18.81 -1.06 10.09
CA LEU A 4 18.54 -1.83 8.88
C LEU A 4 17.35 -2.72 9.18
N LEU A 5 16.24 -2.47 8.48
CA LEU A 5 14.98 -3.14 8.78
C LEU A 5 14.52 -3.93 7.56
N GLU A 6 14.48 -5.25 7.69
CA GLU A 6 14.15 -6.08 6.56
C GLU A 6 12.68 -6.43 6.56
N SER A 7 12.17 -6.76 5.37
CA SER A 7 10.82 -7.27 5.20
C SER A 7 10.78 -8.08 3.92
N GLY A 8 9.69 -8.80 3.71
CA GLY A 8 9.46 -9.53 2.49
C GLY A 8 9.62 -11.03 2.61
N GLY A 9 10.10 -11.54 3.75
CA GLY A 9 10.25 -12.97 3.93
C GLY A 9 8.93 -13.71 3.89
N GLY A 10 8.99 -15.00 3.60
CA GLY A 10 7.78 -15.80 3.56
C GLY A 10 8.03 -17.17 3.00
N LEU A 11 6.93 -17.83 2.64
CA LEU A 11 6.94 -19.19 2.11
C LEU A 11 6.74 -19.17 0.60
N VAL A 12 7.54 -19.95 -0.12
CA VAL A 12 7.49 -19.98 -1.58
C VAL A 12 7.62 -21.42 -2.06
N GLN A 13 6.93 -21.73 -3.15
CA GLN A 13 7.06 -23.03 -3.77
C GLN A 13 8.44 -23.13 -4.43
N PRO A 14 8.98 -24.34 -4.54
CA PRO A 14 10.22 -24.50 -5.31
C PRO A 14 10.04 -24.04 -6.73
N GLY A 15 11.06 -23.35 -7.27
CA GLY A 15 10.96 -22.72 -8.56
C GLY A 15 10.34 -21.35 -8.53
N GLY A 16 9.80 -20.91 -7.39
CA GLY A 16 9.14 -19.64 -7.29
C GLY A 16 10.11 -18.49 -7.06
N SER A 17 9.53 -17.33 -6.78
CA SER A 17 10.28 -16.09 -6.70
C SER A 17 9.89 -15.31 -5.46
N LEU A 18 10.82 -14.51 -4.96
CA LEU A 18 10.55 -13.67 -3.82
C LEU A 18 11.55 -12.53 -3.79
N ARG A 19 11.11 -11.35 -3.35
CA ARG A 19 12.01 -10.21 -3.19
C ARG A 19 12.03 -9.73 -1.75
N LEU A 20 13.24 -9.59 -1.21
CA LEU A 20 13.46 -9.06 0.13
C LEU A 20 13.86 -7.60 0.06
N SER A 21 13.43 -6.84 1.04
CA SER A 21 13.76 -5.42 1.14
C SER A 21 14.46 -5.14 2.45
N CYS A 22 15.35 -4.17 2.43
CA CYS A 22 16.06 -3.77 3.64
C CYS A 22 16.07 -2.24 3.65
N ALA A 23 15.24 -1.66 4.50
CA ALA A 23 15.11 -0.21 4.63
C ALA A 23 16.17 0.32 5.59
N ALA A 24 17.04 1.19 5.09
CA ALA A 24 18.18 1.69 5.85
C ALA A 24 17.91 3.11 6.33
N SER A 25 18.46 3.44 7.50
CA SER A 25 18.34 4.80 8.03
C SER A 25 19.51 5.09 8.95
N GLY A 26 19.77 6.39 9.15
CA GLY A 26 20.81 6.82 10.06
C GLY A 26 22.15 7.08 9.43
N PHE A 27 22.29 6.95 8.11
CA PHE A 27 23.54 7.23 7.43
C PHE A 27 23.23 7.49 5.96
N THR A 28 24.18 8.11 5.26
CA THR A 28 24.03 8.38 3.84
C THR A 28 24.18 7.06 3.08
N PHE A 29 23.03 6.44 2.79
CA PHE A 29 22.96 5.09 2.22
C PHE A 29 23.86 4.96 1.00
N SER A 30 23.74 5.89 0.06
CA SER A 30 24.41 5.81 -1.23
C SER A 30 25.93 5.81 -1.12
N THR A 31 26.48 6.17 0.05
CA THR A 31 27.92 6.17 0.23
C THR A 31 28.50 4.77 0.39
N TYR A 32 27.72 3.81 0.87
CA TYR A 32 28.27 2.55 1.36
C TYR A 32 27.76 1.38 0.53
N ALA A 33 28.65 0.42 0.29
CA ALA A 33 28.26 -0.87 -0.24
C ALA A 33 27.43 -1.65 0.78
N MET A 34 26.47 -2.44 0.28
CA MET A 34 25.55 -3.20 1.10
C MET A 34 25.58 -4.67 0.70
N SER A 35 25.33 -5.54 1.68
CA SER A 35 25.47 -6.98 1.51
C SER A 35 24.23 -7.70 2.00
N TRP A 36 24.04 -8.89 1.46
CA TRP A 36 23.10 -9.87 1.97
C TRP A 36 23.87 -11.08 2.47
N VAL A 37 23.42 -11.63 3.59
CA VAL A 37 24.01 -12.79 4.25
C VAL A 37 22.87 -13.73 4.60
N ARG A 38 23.12 -15.04 4.59
CA ARG A 38 22.06 -15.95 5.03
C ARG A 38 22.60 -17.04 5.95
N GLN A 39 21.66 -17.67 6.65
CA GLN A 39 21.99 -18.72 7.61
C GLN A 39 20.91 -19.80 7.51
N ALA A 40 21.28 -20.96 6.97
CA ALA A 40 20.38 -22.09 6.91
C ALA A 40 20.20 -22.65 8.31
N PRO A 41 19.09 -23.33 8.56
CA PRO A 41 18.81 -23.81 9.92
C PRO A 41 19.95 -24.68 10.44
N GLY A 42 20.44 -24.31 11.63
CA GLY A 42 21.53 -25.05 12.26
C GLY A 42 22.88 -24.93 11.61
N LYS A 43 23.05 -24.02 10.64
CA LYS A 43 24.34 -23.81 9.96
C LYS A 43 24.89 -22.41 10.30
N GLY A 44 26.08 -22.11 9.78
CA GLY A 44 26.72 -20.84 10.01
C GLY A 44 26.31 -19.77 9.01
N LEU A 45 26.88 -18.58 9.18
CA LEU A 45 26.60 -17.47 8.28
C LEU A 45 27.24 -17.71 6.91
N GLU A 46 26.51 -17.38 5.86
CA GLU A 46 26.97 -17.58 4.49
C GLU A 46 26.75 -16.28 3.71
N TRP A 47 27.80 -15.77 3.09
CA TRP A 47 27.66 -14.57 2.27
C TRP A 47 26.82 -14.87 1.03
N VAL A 48 25.97 -13.93 0.66
CA VAL A 48 25.07 -14.07 -0.50
C VAL A 48 25.45 -13.11 -1.62
N SER A 49 25.49 -11.81 -1.32
CA SER A 49 25.75 -10.83 -2.37
C SER A 49 26.22 -9.50 -1.78
N GLY A 50 26.86 -8.73 -2.65
CA GLY A 50 27.22 -7.37 -2.31
C GLY A 50 26.88 -6.49 -3.51
N ILE A 51 26.68 -5.20 -3.21
CA ILE A 51 26.39 -4.20 -4.23
C ILE A 51 27.06 -2.90 -3.83
N SER A 52 27.73 -2.26 -4.81
CA SER A 52 28.45 -1.02 -4.56
C SER A 52 27.48 0.10 -4.20
N GLY A 53 28.04 1.18 -3.64
CA GLY A 53 27.22 2.31 -3.23
C GLY A 53 26.34 2.86 -4.34
N SER A 54 26.90 2.97 -5.54
CA SER A 54 26.14 3.50 -6.66
C SER A 54 25.17 2.48 -7.27
N GLY A 55 25.34 1.20 -6.98
CA GLY A 55 24.56 0.19 -7.65
C GLY A 55 25.14 -0.30 -8.96
N GLY A 56 26.29 0.23 -9.38
CA GLY A 56 26.86 -0.15 -10.67
C GLY A 56 27.57 -1.50 -10.68
N SER A 57 27.95 -2.01 -9.51
CA SER A 57 28.70 -3.25 -9.42
C SER A 57 28.04 -4.18 -8.42
N THR A 58 27.77 -5.41 -8.85
CA THR A 58 27.17 -6.41 -7.98
C THR A 58 28.06 -7.66 -7.94
N TYR A 59 27.95 -8.40 -6.85
CA TYR A 59 28.83 -9.51 -6.55
C TYR A 59 27.98 -10.59 -5.88
N TYR A 60 28.20 -11.86 -6.26
CA TYR A 60 27.36 -12.95 -5.80
C TYR A 60 28.20 -14.16 -5.41
N ALA A 61 27.76 -14.86 -4.37
CA ALA A 61 28.29 -16.18 -4.08
C ALA A 61 27.90 -17.16 -5.19
N ASP A 62 28.80 -18.13 -5.45
CA ASP A 62 28.57 -19.10 -6.53
C ASP A 62 27.27 -19.87 -6.34
N SER A 63 26.85 -20.08 -5.09
CA SER A 63 25.65 -20.87 -4.84
C SER A 63 24.37 -20.16 -5.28
N VAL A 64 24.40 -18.85 -5.50
CA VAL A 64 23.21 -18.10 -5.88
C VAL A 64 23.36 -17.38 -7.20
N LYS A 65 24.55 -17.41 -7.80
CA LYS A 65 24.80 -16.63 -8.99
C LYS A 65 23.84 -17.05 -10.11
N GLY A 66 23.25 -16.06 -10.78
CA GLY A 66 22.30 -16.32 -11.84
C GLY A 66 20.87 -16.54 -11.41
N ARG A 67 20.61 -16.80 -10.12
CA ARG A 67 19.25 -16.91 -9.61
C ARG A 67 18.84 -15.75 -8.71
N PHE A 68 19.78 -15.17 -7.97
CA PHE A 68 19.53 -14.04 -7.10
C PHE A 68 20.16 -12.80 -7.71
N THR A 69 19.45 -11.67 -7.64
CA THR A 69 19.96 -10.40 -8.12
C THR A 69 19.76 -9.35 -7.03
N THR A 70 20.78 -8.54 -6.79
CA THR A 70 20.72 -7.48 -5.80
C THR A 70 20.61 -6.15 -6.51
N SER A 71 19.79 -5.25 -5.96
CA SER A 71 19.66 -3.90 -6.46
C SER A 71 19.43 -2.97 -5.28
N ARG A 72 19.40 -1.67 -5.57
CA ARG A 72 19.20 -0.68 -4.53
C ARG A 72 18.54 0.55 -5.10
N ASP A 73 17.78 1.24 -4.26
CA ASP A 73 17.18 2.52 -4.61
C ASP A 73 17.77 3.55 -3.65
N ASN A 74 18.61 4.45 -4.18
CA ASN A 74 19.33 5.40 -3.32
C ASN A 74 18.54 6.66 -3.01
N SER A 75 17.25 6.71 -3.33
CA SER A 75 16.37 7.76 -2.82
C SER A 75 15.44 7.26 -1.73
N LYS A 76 14.94 6.03 -1.86
CA LYS A 76 14.21 5.37 -0.80
C LYS A 76 15.13 4.77 0.26
N ASN A 77 16.45 4.78 0.01
CA ASN A 77 17.43 4.18 0.93
C ASN A 77 17.09 2.73 1.26
N THR A 78 16.80 1.95 0.21
CA THR A 78 16.36 0.56 0.36
C THR A 78 17.24 -0.35 -0.48
N LEU A 79 17.62 -1.47 0.12
CA LEU A 79 18.35 -2.55 -0.54
C LEU A 79 17.37 -3.69 -0.83
N TYR A 80 17.58 -4.36 -1.96
CA TYR A 80 16.68 -5.43 -2.39
C TYR A 80 17.48 -6.68 -2.68
N LEU A 81 16.80 -7.82 -2.56
CA LEU A 81 17.34 -9.09 -3.04
C LEU A 81 16.22 -9.79 -3.80
N GLN A 82 16.35 -9.89 -5.11
CA GLN A 82 15.34 -10.52 -5.95
C GLN A 82 15.73 -11.98 -6.18
N MET A 83 14.90 -12.90 -5.71
CA MET A 83 15.16 -14.33 -5.87
C MET A 83 14.22 -14.89 -6.92
N ASN A 84 14.77 -15.59 -7.91
CA ASN A 84 14.00 -16.40 -8.84
C ASN A 84 14.56 -17.83 -8.80
N SER A 85 13.75 -18.77 -9.29
CA SER A 85 14.14 -20.19 -9.36
C SER A 85 14.63 -20.69 -7.99
N LEU A 86 13.84 -20.40 -6.96
CA LEU A 86 14.21 -20.76 -5.60
C LEU A 86 14.21 -22.28 -5.43
N ARG A 87 15.09 -22.75 -4.56
CA ARG A 87 15.25 -24.17 -4.28
C ARG A 87 15.09 -24.42 -2.79
N ALA A 88 14.79 -25.68 -2.45
CA ALA A 88 14.62 -26.06 -1.05
C ALA A 88 15.82 -25.63 -0.22
N GLU A 89 17.02 -25.81 -0.74
CA GLU A 89 18.21 -25.50 0.05
C GLU A 89 18.47 -24.00 0.19
N ASP A 90 17.66 -23.14 -0.45
CA ASP A 90 17.73 -21.70 -0.21
C ASP A 90 16.99 -21.29 1.06
N THR A 91 16.32 -22.23 1.72
CA THR A 91 15.61 -21.95 2.96
C THR A 91 16.61 -21.47 4.02
N ALA A 92 16.32 -20.30 4.61
CA ALA A 92 17.28 -19.68 5.51
C ALA A 92 16.70 -18.40 6.05
N VAL A 93 17.29 -17.94 7.15
CA VAL A 93 17.14 -16.56 7.57
C VAL A 93 18.09 -15.71 6.75
N TYR A 94 17.56 -14.68 6.12
CA TYR A 94 18.35 -13.76 5.30
C TYR A 94 18.59 -12.45 6.07
N TYR A 95 19.83 -11.99 6.09
CA TYR A 95 20.23 -10.75 6.76
C TYR A 95 20.80 -9.77 5.75
N CYS A 96 20.29 -8.55 5.75
CA CYS A 96 21.03 -7.45 5.15
C CYS A 96 22.07 -6.94 6.13
N ALA A 97 23.17 -6.44 5.60
CA ALA A 97 24.26 -5.98 6.45
C ALA A 97 25.05 -4.90 5.73
N LYS A 98 25.70 -4.06 6.52
CA LYS A 98 26.61 -3.04 6.02
C LYS A 98 27.99 -3.33 6.61
N PHE A 99 28.91 -3.82 5.78
CA PHE A 99 30.28 -4.08 6.17
C PHE A 99 31.17 -2.94 5.70
N SER A 100 31.84 -2.28 6.65
CA SER A 100 32.55 -1.06 6.30
C SER A 100 33.95 -1.31 5.78
N GLY A 101 34.46 -2.54 5.93
CA GLY A 101 35.82 -2.78 5.48
C GLY A 101 36.80 -1.97 6.30
N LYS A 102 37.82 -1.47 5.61
CA LYS A 102 38.81 -0.56 6.15
C LYS A 102 38.78 0.70 5.30
N ASP A 103 39.70 1.64 5.58
CA ASP A 103 39.74 2.99 5.02
C ASP A 103 38.92 3.97 5.86
N CYS A 104 38.02 3.45 6.68
CA CYS A 104 37.22 4.30 7.57
C CYS A 104 38.05 4.54 8.82
N SER A 105 37.51 5.29 9.79
CA SER A 105 38.38 5.66 10.90
C SER A 105 37.93 5.17 12.27
N GLY A 106 36.96 5.86 12.87
CA GLY A 106 36.53 5.49 14.21
C GLY A 106 35.28 4.63 14.19
N THR A 107 34.18 5.21 14.67
CA THR A 107 32.89 4.51 14.61
C THR A 107 32.41 4.30 13.17
N SER A 108 32.94 5.06 12.21
CA SER A 108 32.60 4.84 10.81
C SER A 108 33.03 3.47 10.29
N CYS A 109 33.92 2.79 11.00
CA CYS A 109 34.37 1.45 10.66
C CYS A 109 33.52 0.35 11.29
N ARG A 110 32.41 0.70 11.93
CA ARG A 110 31.53 -0.32 12.51
C ARG A 110 30.79 -1.05 11.39
N ASP A 111 30.42 -2.29 11.69
CA ASP A 111 29.50 -3.06 10.86
C ASP A 111 28.12 -3.06 11.50
N TYR A 112 27.09 -3.24 10.68
CA TYR A 112 25.72 -3.25 11.16
C TYR A 112 24.95 -4.38 10.47
N TRP A 113 23.95 -4.90 11.18
CA TRP A 113 23.15 -6.04 10.74
C TRP A 113 21.67 -5.70 10.78
N GLY A 114 20.93 -6.17 9.80
CA GLY A 114 19.49 -6.17 9.93
C GLY A 114 19.04 -7.25 10.89
N GLN A 115 17.74 -7.28 11.17
CA GLN A 115 17.23 -8.25 12.13
C GLN A 115 16.99 -9.62 11.53
N GLY A 116 17.03 -9.78 10.22
CA GLY A 116 16.81 -11.08 9.58
C GLY A 116 15.35 -11.33 9.27
N THR A 117 15.12 -12.07 8.18
CA THR A 117 13.78 -12.50 7.80
C THR A 117 13.86 -13.90 7.23
N LEU A 118 12.88 -14.73 7.57
CA LEU A 118 12.92 -16.15 7.26
C LEU A 118 12.31 -16.37 5.87
N VAL A 119 13.04 -17.07 5.01
CA VAL A 119 12.55 -17.46 3.69
C VAL A 119 12.52 -18.98 3.67
N THR A 120 11.33 -19.55 3.44
CA THR A 120 11.14 -20.99 3.40
C THR A 120 10.71 -21.40 1.99
N VAL A 121 11.48 -22.29 1.37
CA VAL A 121 11.17 -22.85 0.06
C VAL A 121 10.74 -24.29 0.27
N SER A 122 9.46 -24.58 0.02
CA SER A 122 8.90 -25.89 0.30
C SER A 122 7.73 -26.16 -0.63
N SER A 123 7.50 -27.44 -0.92
CA SER A 123 6.29 -27.77 -1.64
C SER A 123 5.07 -27.83 -0.71
N ALA A 124 5.26 -27.75 0.60
CA ALA A 124 4.15 -27.71 1.54
C ALA A 124 3.50 -26.33 1.54
N SER A 125 2.17 -26.30 1.69
CA SER A 125 1.44 -25.04 1.67
C SER A 125 1.27 -24.48 3.08
N THR A 126 1.07 -23.16 3.17
CA THR A 126 0.89 -22.57 4.50
C THR A 126 -0.41 -23.03 5.13
N LYS A 127 -0.39 -23.10 6.46
CA LYS A 127 -1.57 -23.36 7.26
C LYS A 127 -1.52 -22.45 8.48
N GLY A 128 -2.58 -21.70 8.71
CA GLY A 128 -2.67 -20.85 9.87
C GLY A 128 -3.02 -21.65 11.10
N PRO A 129 -2.65 -21.16 12.27
CA PRO A 129 -2.90 -21.90 13.50
C PRO A 129 -4.34 -21.75 13.96
N SER A 130 -4.79 -22.74 14.71
CA SER A 130 -5.98 -22.58 15.56
C SER A 130 -5.50 -22.16 16.94
N VAL A 131 -6.20 -21.21 17.55
CA VAL A 131 -5.77 -20.65 18.83
C VAL A 131 -6.78 -21.06 19.87
N PHE A 132 -6.30 -21.72 20.92
CA PHE A 132 -7.21 -22.14 21.97
C PHE A 132 -6.81 -21.52 23.31
N PRO A 133 -7.79 -21.08 24.10
CA PRO A 133 -7.48 -20.54 25.43
C PRO A 133 -7.13 -21.66 26.40
N LEU A 134 -6.16 -21.39 27.26
CA LEU A 134 -5.73 -22.28 28.33
C LEU A 134 -6.16 -21.62 29.64
N ALA A 135 -7.32 -22.03 30.15
CA ALA A 135 -7.91 -21.45 31.36
C ALA A 135 -7.09 -21.80 32.62
N PRO A 136 -7.30 -21.11 33.75
CA PRO A 136 -8.24 -20.04 34.06
C PRO A 136 -7.57 -18.68 34.04
N GLY A 144 -1.89 -17.40 45.60
CA GLY A 144 -2.67 -16.31 45.05
C GLY A 144 -2.42 -15.95 43.58
N THR A 145 -1.57 -16.70 42.89
CA THR A 145 -1.28 -16.43 41.49
C THR A 145 -1.76 -17.59 40.62
N ALA A 146 -2.19 -17.26 39.39
CA ALA A 146 -2.75 -18.24 38.47
C ALA A 146 -2.07 -18.14 37.11
N ALA A 147 -1.84 -19.28 36.47
CA ALA A 147 -1.26 -19.33 35.15
C ALA A 147 -2.36 -19.53 34.11
N LEU A 148 -2.36 -18.70 33.08
CA LEU A 148 -3.29 -18.85 31.96
C LEU A 148 -2.51 -18.68 30.67
N GLY A 149 -3.08 -19.14 29.56
CA GLY A 149 -2.27 -19.11 28.35
C GLY A 149 -3.09 -19.29 27.09
N CYS A 150 -2.36 -19.46 25.99
CA CYS A 150 -2.92 -19.66 24.66
C CYS A 150 -2.10 -20.73 23.97
N LEU A 151 -2.79 -21.72 23.42
CA LEU A 151 -2.18 -22.75 22.62
C LEU A 151 -2.35 -22.37 21.15
N VAL A 152 -1.24 -22.25 20.44
CA VAL A 152 -1.20 -21.88 19.03
C VAL A 152 -0.87 -23.15 18.27
N LYS A 153 -1.89 -23.78 17.72
CA LYS A 153 -1.80 -25.17 17.28
C LYS A 153 -1.82 -25.30 15.77
N ASP A 154 -0.87 -26.10 15.24
CA ASP A 154 -0.87 -26.63 13.87
C ASP A 154 -0.71 -25.55 12.81
N TYR A 155 0.45 -24.93 12.73
CA TYR A 155 0.69 -23.94 11.71
C TYR A 155 1.96 -24.27 10.96
N PHE A 156 2.09 -23.67 9.78
CA PHE A 156 3.30 -23.77 8.97
C PHE A 156 3.34 -22.60 8.01
N PRO A 157 4.52 -21.98 7.83
CA PRO A 157 5.77 -22.22 8.57
C PRO A 157 5.89 -21.29 9.78
N GLU A 158 7.07 -21.27 10.40
CA GLU A 158 7.40 -20.22 11.36
C GLU A 158 7.47 -18.87 10.62
N PRO A 159 7.36 -17.74 11.34
CA PRO A 159 7.16 -17.64 12.78
C PRO A 159 5.74 -17.24 13.13
N VAL A 160 5.43 -17.29 14.42
CA VAL A 160 4.22 -16.73 14.99
C VAL A 160 4.67 -15.71 16.03
N THR A 161 3.92 -14.62 16.18
CA THR A 161 4.14 -13.71 17.29
C THR A 161 2.93 -13.73 18.22
N VAL A 162 3.18 -13.63 19.52
CA VAL A 162 2.12 -13.62 20.52
C VAL A 162 2.35 -12.41 21.41
N SER A 163 1.31 -11.63 21.65
CA SER A 163 1.35 -10.61 22.70
C SER A 163 0.12 -10.81 23.57
N TRP A 164 0.09 -10.10 24.71
CA TRP A 164 -1.02 -10.16 25.63
C TRP A 164 -1.57 -8.75 25.83
N ASN A 165 -2.89 -8.62 25.73
CA ASN A 165 -3.57 -7.32 25.85
C ASN A 165 -2.89 -6.27 24.98
N SER A 166 -2.51 -6.69 23.76
CA SER A 166 -1.92 -5.82 22.76
C SER A 166 -0.66 -5.11 23.25
N GLY A 167 0.11 -5.78 24.12
CA GLY A 167 1.34 -5.23 24.65
C GLY A 167 1.21 -4.58 26.01
N ALA A 168 -0.01 -4.47 26.54
CA ALA A 168 -0.17 -3.94 27.89
C ALA A 168 0.35 -4.89 28.95
N LEU A 169 0.44 -6.17 28.66
CA LEU A 169 0.85 -7.17 29.64
C LEU A 169 2.14 -7.81 29.14
N THR A 170 3.23 -7.58 29.88
CA THR A 170 4.50 -8.19 29.50
C THR A 170 5.14 -8.92 30.68
N SER A 171 4.87 -8.45 31.90
CA SER A 171 5.49 -9.05 33.09
C SER A 171 4.88 -10.43 33.37
N GLY A 172 5.75 -11.43 33.47
CA GLY A 172 5.34 -12.78 33.71
C GLY A 172 4.88 -13.51 32.47
N VAL A 173 5.01 -12.91 31.29
CA VAL A 173 4.65 -13.56 30.03
C VAL A 173 5.81 -14.44 29.59
N HIS A 174 5.50 -15.67 29.18
CA HIS A 174 6.50 -16.58 28.62
C HIS A 174 5.91 -17.32 27.42
N THR A 175 6.43 -17.02 26.24
CA THR A 175 6.05 -17.69 25.00
C THR A 175 7.11 -18.73 24.68
N PHE A 176 6.71 -19.99 24.63
CA PHE A 176 7.65 -21.08 24.50
C PHE A 176 8.02 -21.32 23.03
N PRO A 177 9.23 -21.82 22.80
CA PRO A 177 9.61 -22.25 21.45
C PRO A 177 8.66 -23.35 20.97
N ALA A 178 8.39 -23.34 19.66
CA ALA A 178 7.43 -24.26 19.09
C ALA A 178 7.97 -25.69 19.01
N VAL A 179 7.06 -26.65 19.09
CA VAL A 179 7.38 -28.04 18.75
C VAL A 179 7.07 -28.23 17.27
N LEU A 180 7.92 -28.99 16.61
CA LEU A 180 7.70 -29.41 15.23
C LEU A 180 7.20 -30.85 15.26
N GLN A 181 5.91 -31.04 15.01
CA GLN A 181 5.29 -32.35 15.04
C GLN A 181 5.67 -33.19 13.81
N SER A 182 5.44 -34.51 13.93
CA SER A 182 5.76 -35.41 12.84
C SER A 182 4.93 -35.15 11.59
N SER A 183 3.77 -34.52 11.74
CA SER A 183 2.99 -34.08 10.60
C SER A 183 3.61 -32.91 9.85
N GLY A 184 4.70 -32.34 10.36
CA GLY A 184 5.31 -31.19 9.75
C GLY A 184 4.72 -29.85 10.14
N LEU A 185 3.73 -29.83 11.04
CA LEU A 185 3.14 -28.60 11.54
C LEU A 185 3.76 -28.24 12.88
N TYR A 186 3.80 -26.95 13.18
CA TYR A 186 4.29 -26.46 14.46
C TYR A 186 3.11 -26.18 15.40
N SER A 187 3.39 -26.26 16.70
CA SER A 187 2.53 -25.70 17.74
C SER A 187 3.42 -25.03 18.80
N LEU A 188 2.90 -23.98 19.40
CA LEU A 188 3.59 -23.36 20.53
C LEU A 188 2.54 -22.91 21.53
N SER A 189 2.99 -22.55 22.73
CA SER A 189 2.09 -22.00 23.72
C SER A 189 2.71 -20.76 24.35
N SER A 190 1.86 -19.87 24.80
CA SER A 190 2.27 -18.69 25.54
C SER A 190 1.51 -18.68 26.85
N VAL A 191 2.22 -18.43 27.95
CA VAL A 191 1.63 -18.45 29.28
C VAL A 191 1.99 -17.16 30.01
N VAL A 192 1.05 -16.65 30.80
CA VAL A 192 1.30 -15.50 31.66
C VAL A 192 0.73 -15.81 33.04
N THR A 193 1.46 -15.41 34.08
CA THR A 193 1.04 -15.59 35.45
C THR A 193 0.49 -14.27 35.97
N VAL A 194 -0.71 -14.31 36.52
CA VAL A 194 -1.40 -13.10 36.96
C VAL A 194 -1.96 -13.36 38.36
N PRO A 195 -2.27 -12.30 39.11
CA PRO A 195 -2.91 -12.50 40.41
C PRO A 195 -4.29 -13.14 40.26
N SER A 196 -4.62 -14.09 41.14
CA SER A 196 -5.93 -14.72 41.08
C SER A 196 -7.05 -13.73 41.31
N SER A 197 -6.82 -12.71 42.17
CA SER A 197 -7.85 -11.72 42.46
C SER A 197 -8.27 -10.92 41.23
N SER A 198 -7.45 -10.90 40.18
CA SER A 198 -7.74 -10.10 38.99
C SER A 198 -8.62 -10.82 37.98
N LEU A 199 -8.87 -12.12 38.15
CA LEU A 199 -9.54 -12.90 37.12
C LEU A 199 -10.95 -12.37 36.83
N GLY A 200 -11.67 -11.96 37.88
CA GLY A 200 -13.01 -11.45 37.69
C GLY A 200 -13.09 -10.03 37.14
N THR A 201 -12.00 -9.27 37.20
CA THR A 201 -12.08 -7.87 36.82
C THR A 201 -11.23 -7.52 35.62
N GLN A 202 -10.11 -8.21 35.40
CA GLN A 202 -9.22 -7.90 34.28
C GLN A 202 -9.44 -8.92 33.17
N THR A 203 -9.58 -8.43 31.95
CA THR A 203 -9.71 -9.31 30.80
C THR A 203 -8.31 -9.57 30.25
N TYR A 204 -8.07 -10.82 29.86
CA TYR A 204 -6.79 -11.25 29.31
C TYR A 204 -7.01 -11.80 27.91
N ILE A 205 -6.32 -11.23 26.93
CA ILE A 205 -6.46 -11.59 25.52
C ILE A 205 -5.07 -11.84 24.97
N CYS A 206 -4.87 -12.98 24.33
CA CYS A 206 -3.63 -13.19 23.59
C CYS A 206 -3.85 -12.84 22.13
N ASN A 207 -2.91 -12.08 21.58
CA ASN A 207 -2.99 -11.59 20.21
C ASN A 207 -1.97 -12.39 19.42
N VAL A 208 -2.44 -13.23 18.51
CA VAL A 208 -1.58 -14.14 17.77
C VAL A 208 -1.51 -13.67 16.31
N ASN A 209 -0.31 -13.63 15.75
CA ASN A 209 -0.14 -13.23 14.35
C ASN A 209 0.71 -14.26 13.62
N HIS A 210 0.16 -14.80 12.53
CA HIS A 210 0.86 -15.72 11.64
C HIS A 210 0.79 -15.10 10.25
N LYS A 211 1.78 -14.25 9.92
CA LYS A 211 1.77 -13.53 8.66
C LYS A 211 1.73 -14.41 7.41
N PRO A 212 2.42 -15.56 7.33
CA PRO A 212 2.34 -16.36 6.09
C PRO A 212 0.93 -16.77 5.71
N SER A 213 0.01 -16.86 6.65
CA SER A 213 -1.35 -17.29 6.37
C SER A 213 -2.36 -16.16 6.55
N ASN A 214 -1.88 -14.92 6.72
CA ASN A 214 -2.74 -13.76 7.01
C ASN A 214 -3.62 -14.00 8.23
N THR A 215 -3.13 -14.74 9.21
CA THR A 215 -3.92 -15.05 10.40
C THR A 215 -3.59 -14.06 11.51
N LYS A 216 -4.63 -13.41 12.02
CA LYS A 216 -4.53 -12.56 13.18
C LYS A 216 -5.72 -12.89 14.06
N VAL A 217 -5.44 -13.38 15.27
CA VAL A 217 -6.45 -13.87 16.19
C VAL A 217 -6.29 -13.18 17.53
N ASP A 218 -7.39 -12.70 18.09
CA ASP A 218 -7.43 -12.15 19.44
C ASP A 218 -8.30 -13.07 20.27
N LYS A 219 -7.68 -13.84 21.15
CA LYS A 219 -8.37 -14.87 21.90
C LYS A 219 -8.47 -14.44 23.36
N LYS A 220 -9.70 -14.29 23.83
CA LYS A 220 -9.94 -13.98 25.23
C LYS A 220 -9.82 -15.25 26.05
N VAL A 221 -9.09 -15.18 27.15
CA VAL A 221 -8.84 -16.31 28.02
C VAL A 221 -9.58 -16.06 29.33
N GLU A 222 -10.66 -16.80 29.56
CA GLU A 222 -11.53 -16.60 30.70
C GLU A 222 -11.37 -17.74 31.71
N PRO A 223 -11.73 -17.51 32.98
CA PRO A 223 -11.73 -18.56 34.02
C PRO A 223 -12.85 -19.59 33.88
N GLN B 1 43.57 -19.38 -1.59
CA GLN B 1 42.19 -19.56 -1.10
C GLN B 1 42.01 -18.82 0.21
N LEU B 2 41.21 -17.76 0.22
CA LEU B 2 40.92 -17.03 1.45
C LEU B 2 39.96 -17.85 2.30
N VAL B 3 40.44 -18.36 3.43
CA VAL B 3 39.66 -19.21 4.33
C VAL B 3 39.91 -18.73 5.76
N LEU B 4 38.85 -18.73 6.57
CA LEU B 4 38.95 -18.47 8.01
C LEU B 4 38.68 -19.77 8.76
N THR B 5 39.58 -20.14 9.66
CA THR B 5 39.48 -21.41 10.38
C THR B 5 39.16 -21.15 11.85
N GLN B 6 38.01 -21.66 12.30
CA GLN B 6 37.59 -21.56 13.69
C GLN B 6 37.25 -22.93 14.25
N SER B 7 37.66 -23.18 15.49
CA SER B 7 37.22 -24.38 16.19
C SER B 7 35.71 -24.33 16.41
N PRO B 8 35.02 -25.47 16.36
CA PRO B 8 33.55 -25.45 16.48
C PRO B 8 33.04 -25.06 17.86
N SER B 9 33.76 -25.38 18.93
CA SER B 9 33.21 -25.20 20.27
C SER B 9 34.32 -24.81 21.23
N ALA B 10 33.92 -24.13 22.29
CA ALA B 10 34.84 -23.77 23.37
C ALA B 10 34.03 -23.65 24.65
N SER B 11 34.73 -23.73 25.79
CA SER B 11 34.04 -23.60 27.06
C SER B 11 35.02 -23.06 28.11
N ALA B 12 34.46 -22.40 29.12
CA ALA B 12 35.23 -21.88 30.24
C ALA B 12 34.28 -21.65 31.40
N SER B 13 34.85 -21.42 32.58
CA SER B 13 34.04 -21.30 33.78
C SER B 13 33.40 -19.92 33.85
N LEU B 14 32.23 -19.87 34.46
CA LEU B 14 31.60 -18.60 34.80
C LEU B 14 32.58 -17.75 35.60
N GLY B 15 32.74 -16.49 35.20
CA GLY B 15 33.66 -15.59 35.85
C GLY B 15 35.11 -15.69 35.43
N ALA B 16 35.47 -16.66 34.61
CA ALA B 16 36.85 -16.79 34.16
C ALA B 16 36.99 -16.09 32.80
N SER B 17 38.15 -16.26 32.16
CA SER B 17 38.42 -15.69 30.85
C SER B 17 38.54 -16.79 29.81
N VAL B 18 38.27 -16.42 28.56
CA VAL B 18 38.44 -17.30 27.41
C VAL B 18 38.97 -16.48 26.24
N ARG B 19 39.82 -17.11 25.43
CA ARG B 19 40.26 -16.50 24.18
C ARG B 19 39.85 -17.41 23.01
N LEU B 20 39.12 -16.84 22.06
CA LEU B 20 38.74 -17.56 20.84
C LEU B 20 39.72 -17.22 19.71
N THR B 21 39.97 -18.18 18.85
CA THR B 21 41.03 -18.05 17.84
C THR B 21 40.43 -18.13 16.44
N CYS B 22 40.84 -17.20 15.57
CA CYS B 22 40.50 -17.23 14.16
C CYS B 22 41.80 -17.26 13.35
N THR B 23 41.93 -18.23 12.46
CA THR B 23 43.17 -18.42 11.71
C THR B 23 42.94 -18.08 10.23
N LEU B 24 43.74 -17.15 9.71
CA LEU B 24 43.74 -16.84 8.29
C LEU B 24 44.63 -17.82 7.53
N SER B 25 44.18 -18.22 6.35
CA SER B 25 44.94 -19.12 5.48
C SER B 25 46.21 -18.44 4.95
N SER B 26 47.18 -19.25 4.53
CA SER B 26 48.48 -18.72 4.12
C SER B 26 48.34 -17.70 3.00
N GLY B 27 49.17 -16.66 3.05
CA GLY B 27 49.12 -15.60 2.08
C GLY B 27 48.14 -14.49 2.40
N HIS B 28 47.48 -14.55 3.56
CA HIS B 28 46.50 -13.53 3.94
C HIS B 28 46.77 -13.01 5.35
N SER B 29 48.02 -13.09 5.81
CA SER B 29 48.32 -12.76 7.20
C SER B 29 48.15 -11.29 7.53
N SER B 30 48.03 -10.44 6.52
CA SER B 30 47.83 -9.01 6.72
C SER B 30 46.36 -8.61 6.76
N TYR B 31 45.44 -9.56 6.68
CA TYR B 31 44.03 -9.22 6.49
C TYR B 31 43.38 -8.76 7.79
N VAL B 32 42.43 -7.84 7.64
CA VAL B 32 41.59 -7.42 8.75
C VAL B 32 40.43 -8.39 8.87
N ILE B 33 40.06 -8.73 10.10
CA ILE B 33 38.85 -9.52 10.33
C ILE B 33 37.95 -8.73 11.27
N ALA B 34 36.70 -9.18 11.35
CA ALA B 34 35.71 -8.68 12.30
C ALA B 34 35.14 -9.86 13.06
N TRP B 35 34.79 -9.61 14.33
CA TRP B 35 34.11 -10.59 15.17
C TRP B 35 32.64 -10.23 15.27
N HIS B 36 31.78 -11.21 15.06
CA HIS B 36 30.34 -11.03 15.24
C HIS B 36 29.84 -12.06 16.24
N GLN B 37 28.93 -11.63 17.11
CA GLN B 37 28.34 -12.49 18.12
C GLN B 37 26.90 -12.80 17.74
N GLN B 38 26.51 -14.06 17.87
CA GLN B 38 25.13 -14.47 17.59
C GLN B 38 24.64 -15.36 18.72
N GLN B 39 23.81 -14.82 19.59
CA GLN B 39 23.15 -15.67 20.57
C GLN B 39 22.14 -16.57 19.89
N SER B 40 21.87 -17.70 20.52
CA SER B 40 21.02 -18.72 19.92
C SER B 40 19.63 -18.15 19.62
N GLU B 41 19.21 -18.29 18.37
CA GLU B 41 17.90 -17.83 17.88
C GLU B 41 17.79 -16.30 17.90
N LYS B 42 18.91 -15.59 17.75
CA LYS B 42 18.94 -14.16 17.54
C LYS B 42 19.75 -13.85 16.29
N GLY B 43 19.74 -12.58 15.89
CA GLY B 43 20.57 -12.12 14.80
C GLY B 43 21.95 -11.75 15.28
N PRO B 44 22.92 -11.70 14.37
CA PRO B 44 24.30 -11.38 14.76
C PRO B 44 24.42 -9.95 15.29
N ARG B 45 25.45 -9.75 16.11
CA ARG B 45 25.82 -8.43 16.62
C ARG B 45 27.30 -8.23 16.34
N TYR B 46 27.63 -7.15 15.63
CA TYR B 46 29.03 -6.83 15.39
C TYR B 46 29.74 -6.47 16.70
N LEU B 47 30.96 -6.97 16.87
CA LEU B 47 31.75 -6.70 18.09
C LEU B 47 32.86 -5.68 17.82
N MET B 48 33.76 -5.99 16.89
CA MET B 48 34.94 -5.18 16.67
C MET B 48 35.65 -5.71 15.44
N LYS B 49 36.64 -4.95 14.99
CA LYS B 49 37.56 -5.39 13.95
C LYS B 49 38.94 -5.58 14.56
N VAL B 50 39.72 -6.46 13.96
CA VAL B 50 41.08 -6.75 14.41
C VAL B 50 41.98 -6.82 13.19
N ASN B 51 42.96 -5.93 13.10
CA ASN B 51 43.96 -6.01 12.05
C ASN B 51 45.26 -6.53 12.66
N SER B 52 46.34 -6.51 11.86
CA SER B 52 47.60 -7.07 12.33
C SER B 52 48.14 -6.36 13.58
N ASP B 53 48.02 -5.03 13.65
CA ASP B 53 48.52 -4.29 14.80
C ASP B 53 47.60 -4.38 16.02
N GLY B 54 46.79 -5.44 16.10
CA GLY B 54 45.75 -5.55 17.11
C GLY B 54 44.56 -4.65 16.84
N SER B 55 44.48 -3.52 17.55
CA SER B 55 43.46 -2.51 17.35
C SER B 55 42.05 -3.04 17.60
N HIS B 56 41.08 -2.14 17.55
CA HIS B 56 39.67 -2.47 17.65
C HIS B 56 38.88 -1.51 16.77
N SER B 57 37.56 -1.56 16.89
CA SER B 57 36.65 -0.58 16.32
C SER B 57 35.27 -0.92 16.88
N LYS B 58 35.18 -0.97 18.21
CA LYS B 58 34.08 -1.63 18.90
C LYS B 58 32.73 -1.08 18.49
N GLY B 59 31.76 -1.97 18.39
CA GLY B 59 30.38 -1.56 18.21
C GLY B 59 29.86 -0.83 19.43
N ASP B 60 28.70 -0.19 19.26
CA ASP B 60 28.13 0.60 20.34
C ASP B 60 27.72 -0.32 21.48
N GLY B 61 28.13 0.03 22.70
CA GLY B 61 27.68 -0.70 23.85
C GLY B 61 28.35 -2.03 24.09
N ILE B 62 29.45 -2.32 23.39
CA ILE B 62 30.20 -3.55 23.64
C ILE B 62 31.07 -3.35 24.87
N PRO B 63 30.93 -4.18 25.92
CA PRO B 63 31.65 -3.94 27.18
C PRO B 63 33.16 -3.98 27.02
N ASP B 64 33.85 -3.45 28.03
CA ASP B 64 35.30 -3.42 28.01
C ASP B 64 35.90 -4.81 28.24
N ARG B 65 35.13 -5.73 28.83
CA ARG B 65 35.60 -7.08 29.01
C ARG B 65 35.74 -7.84 27.70
N PHE B 66 35.19 -7.32 26.60
CA PHE B 66 35.48 -7.84 25.28
C PHE B 66 36.67 -7.07 24.71
N SER B 67 37.70 -7.81 24.28
CA SER B 67 38.84 -7.21 23.59
C SER B 67 39.30 -8.15 22.48
N GLY B 68 40.12 -7.62 21.58
CA GLY B 68 40.68 -8.39 20.49
C GLY B 68 42.19 -8.23 20.45
N SER B 69 42.83 -9.15 19.74
CA SER B 69 44.28 -9.09 19.59
C SER B 69 44.69 -9.90 18.36
N SER B 70 45.95 -9.74 17.96
CA SER B 70 46.44 -10.30 16.72
C SER B 70 47.88 -10.76 16.88
N SER B 71 48.21 -11.84 16.16
CA SER B 71 49.59 -12.32 16.12
C SER B 71 49.75 -13.19 14.87
N GLY B 72 50.46 -12.69 13.87
CA GLY B 72 50.67 -13.46 12.65
C GLY B 72 49.38 -13.68 11.89
N ALA B 73 49.11 -14.94 11.54
CA ALA B 73 47.89 -15.28 10.80
C ALA B 73 46.70 -15.53 11.73
N GLU B 74 46.89 -15.43 13.04
CA GLU B 74 45.83 -15.71 13.98
C GLU B 74 45.25 -14.40 14.52
N ARG B 75 43.94 -14.38 14.72
CA ARG B 75 43.18 -13.26 15.25
C ARG B 75 42.41 -13.76 16.48
N TYR B 76 42.40 -12.96 17.54
CA TYR B 76 41.86 -13.42 18.81
C TYR B 76 40.69 -12.54 19.27
N LEU B 77 39.75 -13.18 19.96
CA LEU B 77 38.75 -12.50 20.77
C LEU B 77 38.86 -13.04 22.20
N THR B 78 39.10 -12.15 23.16
CA THR B 78 39.24 -12.51 24.57
C THR B 78 38.09 -11.88 25.37
N ILE B 79 37.37 -12.72 26.11
CA ILE B 79 36.27 -12.28 26.97
C ILE B 79 36.64 -12.60 28.41
N SER B 80 36.72 -11.58 29.26
CA SER B 80 37.01 -11.77 30.67
C SER B 80 35.72 -11.67 31.51
N SER B 81 35.82 -12.16 32.75
CA SER B 81 34.70 -12.27 33.70
C SER B 81 33.42 -12.71 32.98
N LEU B 82 33.51 -13.90 32.41
CA LEU B 82 32.44 -14.46 31.59
C LEU B 82 31.12 -14.45 32.33
N GLN B 83 30.07 -14.00 31.63
CA GLN B 83 28.71 -14.01 32.13
C GLN B 83 27.90 -15.01 31.32
N SER B 84 26.74 -15.39 31.87
CA SER B 84 25.88 -16.33 31.18
C SER B 84 25.51 -15.84 29.78
N GLU B 85 25.27 -14.53 29.65
CA GLU B 85 24.88 -13.94 28.37
C GLU B 85 25.96 -14.05 27.30
N ASP B 86 27.21 -14.30 27.70
CA ASP B 86 28.26 -14.44 26.71
C ASP B 86 28.20 -15.78 25.98
N GLU B 87 27.34 -16.71 26.41
CA GLU B 87 27.12 -17.93 25.65
C GLU B 87 26.48 -17.59 24.32
N ALA B 88 27.17 -17.93 23.22
CA ALA B 88 26.79 -17.54 21.88
C ALA B 88 27.77 -18.21 20.92
N ASP B 89 27.46 -18.12 19.63
CA ASP B 89 28.34 -18.52 18.55
C ASP B 89 29.07 -17.28 18.06
N TYR B 90 30.40 -17.36 17.97
CA TYR B 90 31.24 -16.22 17.60
C TYR B 90 31.84 -16.49 16.22
N TYR B 91 31.50 -15.65 15.26
CA TYR B 91 31.97 -15.80 13.88
C TYR B 91 33.03 -14.74 13.57
N CYS B 92 34.19 -15.17 13.08
CA CYS B 92 35.04 -14.19 12.45
C CYS B 92 34.67 -14.07 10.98
N GLN B 93 34.97 -12.92 10.40
CA GLN B 93 34.52 -12.58 9.07
C GLN B 93 35.57 -11.68 8.45
N THR B 94 35.80 -11.85 7.15
CA THR B 94 36.78 -11.04 6.45
C THR B 94 36.29 -10.81 5.02
N TRP B 95 37.12 -10.19 4.21
CA TRP B 95 36.75 -9.92 2.83
C TRP B 95 37.99 -9.92 1.96
N GLY B 96 37.76 -10.19 0.68
CA GLY B 96 38.78 -10.04 -0.35
C GLY B 96 38.14 -9.29 -1.50
N ALA B 97 38.76 -9.32 -2.68
CA ALA B 97 38.23 -8.60 -3.83
C ALA B 97 36.92 -9.22 -4.27
N GLY B 98 35.81 -8.52 -4.03
CA GLY B 98 34.51 -8.97 -4.48
C GLY B 98 33.88 -10.12 -3.73
N ILE B 99 34.36 -10.46 -2.52
CA ILE B 99 33.79 -11.57 -1.76
C ILE B 99 33.87 -11.23 -0.27
N LEU B 100 32.92 -11.78 0.49
CA LEU B 100 33.04 -11.92 1.92
C LEU B 100 33.30 -13.38 2.28
N VAL B 101 34.01 -13.59 3.38
CA VAL B 101 34.33 -14.93 3.86
C VAL B 101 34.03 -14.98 5.35
N PHE B 102 33.33 -16.04 5.78
CA PHE B 102 33.04 -16.29 7.19
C PHE B 102 33.76 -17.54 7.67
N GLY B 103 34.26 -17.50 8.90
CA GLY B 103 34.62 -18.73 9.55
C GLY B 103 33.37 -19.53 9.90
N GLY B 104 33.57 -20.77 10.34
CA GLY B 104 32.45 -21.62 10.71
C GLY B 104 31.80 -21.27 12.04
N GLY B 105 32.40 -20.37 12.81
CA GLY B 105 31.84 -20.02 14.11
C GLY B 105 32.37 -20.90 15.23
N THR B 106 32.51 -20.29 16.41
CA THR B 106 32.90 -21.00 17.63
C THR B 106 31.79 -20.81 18.66
N LYS B 107 31.14 -21.90 19.05
CA LYS B 107 30.09 -21.86 20.06
C LYS B 107 30.72 -21.93 21.45
N LEU B 108 30.48 -20.91 22.27
CA LEU B 108 31.09 -20.81 23.59
C LEU B 108 30.08 -21.25 24.66
N THR B 109 30.49 -22.19 25.50
CA THR B 109 29.69 -22.63 26.64
C THR B 109 30.32 -22.15 27.95
N VAL B 110 29.52 -21.53 28.81
CA VAL B 110 29.98 -21.00 30.09
C VAL B 110 29.50 -21.93 31.20
N LEU B 111 30.41 -22.73 31.76
CA LEU B 111 30.05 -23.82 32.62
C LEU B 111 29.77 -23.36 34.05
N SER B 112 28.98 -24.17 34.75
CA SER B 112 28.80 -24.11 36.20
C SER B 112 28.00 -22.89 36.67
N GLN B 113 26.97 -22.56 35.92
CA GLN B 113 25.94 -21.67 36.38
C GLN B 113 25.10 -22.42 37.42
N PRO B 114 24.33 -21.71 38.24
CA PRO B 114 23.59 -22.39 39.33
C PRO B 114 22.61 -23.42 38.81
N LYS B 115 22.58 -24.59 39.47
CA LYS B 115 21.56 -25.57 39.15
C LYS B 115 20.19 -25.08 39.61
N ALA B 116 19.17 -25.38 38.82
CA ALA B 116 17.83 -24.93 39.14
C ALA B 116 16.83 -26.01 38.73
N ALA B 117 15.89 -26.27 39.62
CA ALA B 117 14.83 -27.24 39.36
C ALA B 117 13.74 -26.63 38.49
N PRO B 118 13.06 -27.45 37.69
CA PRO B 118 12.04 -26.92 36.78
C PRO B 118 10.73 -26.56 37.46
N SER B 119 10.11 -25.49 36.96
CA SER B 119 8.71 -25.16 37.23
C SER B 119 7.86 -25.79 36.14
N VAL B 120 6.76 -26.43 36.53
CA VAL B 120 5.93 -27.21 35.60
C VAL B 120 4.50 -26.68 35.64
N THR B 121 3.92 -26.43 34.48
CA THR B 121 2.51 -26.09 34.37
C THR B 121 1.86 -27.02 33.35
N LEU B 122 0.77 -27.65 33.72
CA LEU B 122 0.07 -28.63 32.88
C LEU B 122 -1.32 -28.09 32.59
N PHE B 123 -1.68 -27.95 31.26
CA PHE B 123 -3.03 -27.51 30.92
C PHE B 123 -3.84 -28.63 30.30
N PRO B 124 -5.12 -28.76 30.66
CA PRO B 124 -5.99 -29.74 30.00
C PRO B 124 -6.49 -29.22 28.65
N PRO B 125 -7.18 -30.05 27.88
CA PRO B 125 -7.78 -29.56 26.63
C PRO B 125 -8.80 -28.47 26.90
N SER B 126 -8.83 -27.47 26.04
CA SER B 126 -9.85 -26.45 26.18
C SER B 126 -11.18 -26.98 25.66
N SER B 127 -12.28 -26.39 26.15
CA SER B 127 -13.57 -26.81 25.65
C SER B 127 -13.69 -26.50 24.16
N GLU B 128 -13.07 -25.42 23.70
CA GLU B 128 -13.11 -25.10 22.28
C GLU B 128 -12.42 -26.18 21.45
N GLU B 129 -11.26 -26.66 21.90
CA GLU B 129 -10.58 -27.69 21.13
C GLU B 129 -11.38 -28.99 21.11
N LEU B 130 -11.96 -29.36 22.26
CA LEU B 130 -12.79 -30.55 22.32
C LEU B 130 -13.99 -30.45 21.38
N GLN B 131 -14.57 -29.26 21.26
CA GLN B 131 -15.68 -29.13 20.30
C GLN B 131 -15.18 -29.21 18.87
N ALA B 132 -13.90 -28.94 18.63
CA ALA B 132 -13.32 -29.25 17.33
C ALA B 132 -12.94 -30.72 17.20
N ASN B 133 -13.39 -31.56 18.13
CA ASN B 133 -13.12 -33.01 18.11
C ASN B 133 -11.63 -33.32 18.16
N LYS B 134 -10.88 -32.53 18.92
CA LYS B 134 -9.47 -32.81 19.18
C LYS B 134 -9.18 -32.51 20.65
N ALA B 135 -8.01 -32.94 21.13
CA ALA B 135 -7.64 -32.74 22.52
C ALA B 135 -6.13 -32.73 22.63
N THR B 136 -5.60 -31.69 23.28
CA THR B 136 -4.16 -31.55 23.49
C THR B 136 -3.91 -31.22 24.96
N LEU B 137 -3.02 -31.96 25.57
CA LEU B 137 -2.49 -31.65 26.90
C LEU B 137 -1.17 -30.93 26.74
N VAL B 138 -0.99 -29.84 27.48
CA VAL B 138 0.15 -28.94 27.30
C VAL B 138 0.94 -28.91 28.62
N CYS B 139 2.17 -29.40 28.59
CA CYS B 139 3.03 -29.42 29.76
C CYS B 139 4.19 -28.46 29.51
N LEU B 140 4.21 -27.35 30.23
CA LEU B 140 5.20 -26.30 30.03
C LEU B 140 6.24 -26.35 31.15
N ILE B 141 7.52 -26.38 30.78
CA ILE B 141 8.62 -26.62 31.72
C ILE B 141 9.63 -25.50 31.56
N SER B 142 9.95 -24.81 32.65
CA SER B 142 10.82 -23.66 32.55
C SER B 142 11.68 -23.54 33.80
N ASP B 143 12.68 -22.66 33.72
CA ASP B 143 13.52 -22.25 34.85
C ASP B 143 14.44 -23.36 35.35
N PHE B 144 14.87 -24.28 34.49
CA PHE B 144 15.72 -25.35 34.98
C PHE B 144 17.13 -25.22 34.42
N TYR B 145 18.08 -25.76 35.17
CA TYR B 145 19.47 -25.80 34.74
C TYR B 145 20.17 -26.95 35.44
N PRO B 146 20.95 -27.76 34.70
CA PRO B 146 21.26 -27.71 33.26
C PRO B 146 20.08 -28.11 32.40
N GLY B 147 20.24 -28.06 31.08
CA GLY B 147 19.13 -28.24 30.17
C GLY B 147 18.80 -29.67 29.79
N ALA B 148 19.13 -30.65 30.60
CA ALA B 148 18.76 -32.02 30.30
C ALA B 148 17.55 -32.37 31.16
N VAL B 149 16.46 -32.78 30.52
CA VAL B 149 15.24 -33.18 31.21
C VAL B 149 14.66 -34.42 30.55
N THR B 150 13.83 -35.10 31.32
CA THR B 150 13.11 -36.26 30.84
C THR B 150 11.65 -36.05 31.19
N VAL B 151 10.77 -36.24 30.22
CA VAL B 151 9.34 -36.06 30.41
C VAL B 151 8.67 -37.41 30.21
N ALA B 152 7.77 -37.77 31.13
CA ALA B 152 7.02 -39.00 31.05
C ALA B 152 5.55 -38.71 31.35
N TRP B 153 4.67 -39.22 30.50
CA TRP B 153 3.25 -39.02 30.65
C TRP B 153 2.56 -40.26 31.19
N LYS B 154 1.52 -40.05 32.00
CA LYS B 154 0.75 -41.14 32.59
C LYS B 154 -0.72 -40.92 32.27
N ALA B 155 -1.40 -41.98 31.84
CA ALA B 155 -2.86 -41.99 31.74
C ALA B 155 -3.35 -42.80 32.93
N ASP B 156 -4.05 -42.14 33.85
CA ASP B 156 -4.23 -42.65 35.19
C ASP B 156 -2.86 -42.92 35.78
N SER B 157 -2.49 -44.19 35.96
CA SER B 157 -1.15 -44.51 36.46
C SER B 157 -0.31 -45.28 35.45
N SER B 158 -0.82 -45.52 34.21
CA SER B 158 -0.08 -46.31 33.23
C SER B 158 0.74 -45.39 32.32
N PRO B 159 1.98 -45.79 32.01
CA PRO B 159 2.80 -45.00 31.09
C PRO B 159 2.13 -44.87 29.74
N VAL B 160 2.34 -43.74 29.09
CA VAL B 160 1.80 -43.47 27.75
C VAL B 160 2.90 -42.89 26.88
N LYS B 161 3.20 -43.56 25.77
CA LYS B 161 4.18 -43.11 24.80
C LYS B 161 3.55 -42.49 23.57
N ALA B 162 2.41 -43.04 23.13
CA ALA B 162 1.78 -42.64 21.88
C ALA B 162 1.24 -41.21 21.95
N GLY B 163 1.54 -40.42 20.92
CA GLY B 163 1.01 -39.08 20.82
C GLY B 163 1.77 -38.02 21.59
N VAL B 164 3.00 -38.31 22.00
CA VAL B 164 3.83 -37.39 22.78
C VAL B 164 4.83 -36.71 21.86
N GLU B 165 4.88 -35.38 21.92
CA GLU B 165 5.90 -34.59 21.23
C GLU B 165 6.50 -33.60 22.21
N THR B 166 7.83 -33.58 22.33
CA THR B 166 8.54 -32.72 23.29
C THR B 166 9.64 -31.92 22.59
N THR B 167 9.77 -30.64 22.93
CA THR B 167 10.82 -29.84 22.35
C THR B 167 12.16 -30.17 23.01
N THR B 168 13.24 -29.92 22.28
CA THR B 168 14.55 -29.93 22.89
C THR B 168 14.68 -28.69 23.77
N PRO B 169 15.29 -28.80 24.94
CA PRO B 169 15.38 -27.64 25.83
C PRO B 169 16.18 -26.53 25.19
N SER B 170 15.79 -25.29 25.47
CA SER B 170 16.46 -24.12 24.93
C SER B 170 16.53 -23.04 26.00
N LYS B 171 17.65 -22.34 26.04
CA LYS B 171 17.88 -21.36 27.09
C LYS B 171 17.12 -20.07 26.80
N GLN B 172 16.34 -19.63 27.76
CA GLN B 172 15.47 -18.46 27.61
C GLN B 172 16.18 -17.21 28.12
N SER B 173 15.48 -16.07 28.09
CA SER B 173 16.16 -14.81 28.41
C SER B 173 16.58 -14.72 29.87
N ASN B 174 15.99 -15.51 30.77
CA ASN B 174 16.47 -15.57 32.14
C ASN B 174 17.66 -16.51 32.31
N ASN B 175 18.26 -16.94 31.20
CA ASN B 175 19.42 -17.82 31.15
C ASN B 175 19.16 -19.19 31.78
N LYS B 176 17.89 -19.53 32.02
CA LYS B 176 17.52 -20.89 32.36
C LYS B 176 16.78 -21.51 31.19
N TYR B 177 16.62 -22.82 31.25
CA TYR B 177 16.11 -23.55 30.10
C TYR B 177 14.60 -23.72 30.21
N ALA B 178 13.98 -23.89 29.04
CA ALA B 178 12.56 -24.18 28.99
C ALA B 178 12.32 -25.23 27.92
N ALA B 179 11.25 -25.99 28.10
CA ALA B 179 10.85 -27.00 27.14
C ALA B 179 9.35 -27.21 27.27
N SER B 180 8.76 -27.84 26.26
CA SER B 180 7.35 -28.15 26.35
C SER B 180 7.10 -29.52 25.79
N SER B 181 6.09 -30.16 26.34
CA SER B 181 5.69 -31.48 25.88
C SER B 181 4.20 -31.44 25.62
N TYR B 182 3.80 -32.02 24.49
CA TYR B 182 2.41 -32.05 24.06
C TYR B 182 1.96 -33.50 23.94
N LEU B 183 0.83 -33.81 24.57
CA LEU B 183 0.22 -35.12 24.43
C LEU B 183 -1.08 -34.93 23.66
N SER B 184 -1.15 -35.53 22.46
CA SER B 184 -2.34 -35.42 21.63
C SER B 184 -3.23 -36.61 21.93
N LEU B 185 -4.50 -36.33 22.20
CA LEU B 185 -5.48 -37.35 22.52
C LEU B 185 -6.71 -37.12 21.66
N THR B 186 -7.50 -38.21 21.48
CA THR B 186 -8.85 -38.00 21.02
C THR B 186 -9.70 -37.53 22.20
N PRO B 187 -10.79 -36.81 21.95
CA PRO B 187 -11.68 -36.44 23.07
C PRO B 187 -12.17 -37.62 23.88
N GLU B 188 -12.38 -38.78 23.25
CA GLU B 188 -12.89 -39.94 24.00
C GLU B 188 -11.82 -40.53 24.90
N GLN B 189 -10.57 -40.62 24.44
CA GLN B 189 -9.50 -41.00 25.36
C GLN B 189 -9.40 -40.04 26.53
N TRP B 190 -9.57 -38.74 26.28
CA TRP B 190 -9.51 -37.78 27.38
C TRP B 190 -10.63 -38.04 28.38
N LYS B 191 -11.85 -38.27 27.90
CA LYS B 191 -12.97 -38.44 28.82
C LYS B 191 -13.02 -39.82 29.47
N SER B 192 -12.29 -40.79 28.95
CA SER B 192 -12.38 -42.14 29.45
C SER B 192 -11.37 -42.44 30.56
N HIS B 193 -10.45 -41.53 30.85
CA HIS B 193 -9.51 -41.70 31.95
C HIS B 193 -9.89 -40.78 33.10
N ARG B 194 -9.48 -41.18 34.31
CA ARG B 194 -9.72 -40.34 35.47
C ARG B 194 -8.78 -39.14 35.51
N SER B 195 -7.56 -39.28 34.99
CA SER B 195 -6.60 -38.18 35.01
C SER B 195 -5.45 -38.53 34.08
N TYR B 196 -4.68 -37.51 33.75
CA TYR B 196 -3.42 -37.64 33.04
C TYR B 196 -2.37 -36.84 33.81
N SER B 197 -1.14 -37.31 33.79
CA SER B 197 -0.07 -36.62 34.49
C SER B 197 1.14 -36.41 33.59
N CYS B 198 1.78 -35.26 33.76
CA CYS B 198 3.06 -34.95 33.13
C CYS B 198 4.11 -35.08 34.22
N GLN B 199 5.10 -35.95 34.01
CA GLN B 199 6.14 -36.21 35.00
C GLN B 199 7.48 -35.78 34.43
N VAL B 200 8.12 -34.82 35.10
CA VAL B 200 9.35 -34.20 34.63
C VAL B 200 10.47 -34.58 35.59
N THR B 201 11.52 -35.20 35.06
CA THR B 201 12.65 -35.64 35.85
C THR B 201 13.86 -34.80 35.47
N HIS B 202 14.53 -34.24 36.48
CA HIS B 202 15.68 -33.36 36.26
C HIS B 202 16.64 -33.54 37.42
N GLU B 203 17.84 -34.04 37.14
CA GLU B 203 18.86 -34.25 38.17
C GLU B 203 18.33 -35.19 39.26
N GLY B 204 17.71 -36.29 38.81
CA GLY B 204 17.22 -37.31 39.71
C GLY B 204 15.91 -37.01 40.43
N SER B 205 15.45 -35.76 40.45
CA SER B 205 14.21 -35.39 41.12
C SER B 205 13.09 -35.25 40.10
N THR B 206 11.89 -35.67 40.49
CA THR B 206 10.76 -35.73 39.58
C THR B 206 9.65 -34.80 40.07
N VAL B 207 9.22 -33.89 39.20
CA VAL B 207 8.06 -33.02 39.41
C VAL B 207 6.89 -33.57 38.60
N GLU B 208 5.72 -33.60 39.20
CA GLU B 208 4.56 -34.15 38.53
C GLU B 208 3.38 -33.19 38.70
N LYS B 209 2.60 -33.02 37.63
CA LYS B 209 1.37 -32.25 37.65
C LYS B 209 0.30 -33.11 37.02
N THR B 210 -0.95 -32.93 37.42
CA THR B 210 -2.03 -33.82 37.02
C THR B 210 -3.24 -32.97 36.65
N VAL B 211 -3.95 -33.36 35.59
CA VAL B 211 -5.21 -32.72 35.21
C VAL B 211 -6.25 -33.81 35.02
N ALA B 212 -7.52 -33.42 35.09
CA ALA B 212 -8.60 -34.38 35.01
C ALA B 212 -9.75 -33.80 34.18
N PRO B 213 -10.50 -34.65 33.48
CA PRO B 213 -11.70 -34.27 32.72
C PRO B 213 -12.86 -33.88 33.64
N PRO C 1 47.06 -12.70 -1.65
CA PRO C 1 47.42 -11.64 -0.71
C PRO C 1 46.85 -10.28 -1.11
N LEU C 2 47.16 -9.24 -0.35
CA LEU C 2 46.75 -7.87 -0.64
C LEU C 2 45.24 -7.70 -0.48
N GLN C 3 44.80 -7.38 0.74
CA GLN C 3 43.38 -7.19 1.00
C GLN C 3 42.93 -5.82 0.51
N PRO C 4 41.88 -5.75 -0.30
CA PRO C 4 41.41 -4.44 -0.78
C PRO C 4 40.82 -3.59 0.33
N GLN C 5 40.66 -2.30 0.04
CA GLN C 5 40.06 -1.39 1.01
C GLN C 5 38.61 -1.74 1.27
N GLN C 6 37.90 -2.23 0.25
CA GLN C 6 36.50 -2.52 0.34
C GLN C 6 36.24 -3.69 -0.61
N PRO C 7 35.42 -4.66 -0.21
CA PRO C 7 35.17 -5.81 -1.10
C PRO C 7 34.34 -5.47 -2.31
N PHE C 8 33.46 -4.48 -2.23
CA PHE C 8 32.44 -4.23 -3.27
C PHE C 8 32.54 -2.79 -3.76
N PRO C 9 33.61 -2.44 -4.50
CA PRO C 9 33.72 -1.09 -5.05
C PRO C 9 32.85 -0.91 -6.30
N GLU D 1 -19.74 3.21 -18.08
CA GLU D 1 -20.80 3.97 -17.42
C GLU D 1 -20.47 4.12 -15.93
N VAL D 2 -21.51 3.99 -15.11
CA VAL D 2 -21.33 3.85 -13.67
C VAL D 2 -20.59 2.55 -13.38
N GLN D 3 -19.62 2.61 -12.46
CA GLN D 3 -18.97 1.41 -11.98
C GLN D 3 -18.80 1.46 -10.46
N LEU D 4 -19.08 0.34 -9.82
CA LEU D 4 -18.93 0.15 -8.39
C LEU D 4 -18.02 -1.05 -8.17
N LEU D 5 -16.84 -0.81 -7.61
CA LEU D 5 -15.79 -1.81 -7.47
C LEU D 5 -15.50 -2.01 -5.99
N GLU D 6 -15.78 -3.19 -5.47
CA GLU D 6 -15.64 -3.46 -4.05
C GLU D 6 -14.33 -4.18 -3.73
N SER D 7 -13.90 -4.03 -2.47
CA SER D 7 -12.72 -4.72 -1.96
C SER D 7 -12.86 -4.86 -0.45
N GLY D 8 -11.95 -5.65 0.14
CA GLY D 8 -11.85 -5.78 1.57
C GLY D 8 -12.40 -7.06 2.16
N GLY D 9 -13.14 -7.86 1.39
CA GLY D 9 -13.67 -9.10 1.94
C GLY D 9 -12.57 -10.07 2.32
N GLY D 10 -12.88 -10.94 3.28
CA GLY D 10 -11.93 -11.97 3.68
C GLY D 10 -12.47 -12.74 4.87
N LEU D 11 -11.56 -13.48 5.49
CA LEU D 11 -11.90 -14.37 6.60
C LEU D 11 -11.63 -13.66 7.92
N VAL D 12 -12.58 -13.79 8.84
CA VAL D 12 -12.50 -13.12 10.12
C VAL D 12 -13.02 -14.08 11.18
N GLN D 13 -12.39 -14.06 12.36
CA GLN D 13 -12.89 -14.84 13.48
C GLN D 13 -14.19 -14.21 14.01
N PRO D 14 -15.07 -15.01 14.62
CA PRO D 14 -16.24 -14.42 15.30
C PRO D 14 -15.79 -13.45 16.38
N GLY D 15 -16.50 -12.31 16.47
CA GLY D 15 -16.09 -11.22 17.33
C GLY D 15 -15.11 -10.26 16.70
N GLY D 16 -14.58 -10.57 15.52
CA GLY D 16 -13.58 -9.74 14.87
C GLY D 16 -14.20 -8.62 14.05
N SER D 17 -13.34 -7.94 13.32
CA SER D 17 -13.69 -6.72 12.62
C SER D 17 -13.16 -6.77 11.19
N LEU D 18 -13.84 -6.05 10.31
CA LEU D 18 -13.44 -5.96 8.91
C LEU D 18 -14.08 -4.74 8.32
N ARG D 19 -13.40 -4.11 7.36
CA ARG D 19 -13.94 -2.95 6.67
C ARG D 19 -13.99 -3.21 5.17
N LEU D 20 -15.15 -2.99 4.57
CA LEU D 20 -15.28 -3.10 3.13
C LEU D 20 -15.27 -1.73 2.47
N SER D 21 -14.71 -1.66 1.26
CA SER D 21 -14.66 -0.46 0.46
C SER D 21 -15.37 -0.67 -0.87
N CYS D 22 -15.92 0.41 -1.40
CA CYS D 22 -16.58 0.39 -2.71
C CYS D 22 -16.17 1.66 -3.44
N ALA D 23 -15.27 1.53 -4.40
CA ALA D 23 -14.79 2.67 -5.20
C ALA D 23 -15.78 2.89 -6.34
N ALA D 24 -16.38 4.08 -6.38
CA ALA D 24 -17.40 4.43 -7.35
C ALA D 24 -16.84 5.36 -8.42
N SER D 25 -17.39 5.25 -9.62
CA SER D 25 -16.97 6.10 -10.73
C SER D 25 -18.12 6.22 -11.71
N GLY D 26 -18.08 7.26 -12.53
CA GLY D 26 -19.05 7.44 -13.58
C GLY D 26 -20.23 8.30 -13.21
N PHE D 27 -20.26 8.86 -12.00
CA PHE D 27 -21.35 9.75 -11.60
C PHE D 27 -20.87 10.63 -10.46
N THR D 28 -21.57 11.73 -10.25
CA THR D 28 -21.26 12.65 -9.16
C THR D 28 -21.66 11.96 -7.86
N PHE D 29 -20.68 11.32 -7.24
CA PHE D 29 -20.89 10.44 -6.10
C PHE D 29 -21.69 11.12 -5.00
N SER D 30 -21.27 12.33 -4.58
CA SER D 30 -21.84 12.98 -3.40
C SER D 30 -23.31 13.32 -3.54
N THR D 31 -23.86 13.27 -4.75
CA THR D 31 -25.27 13.58 -4.93
C THR D 31 -26.19 12.46 -4.46
N TYR D 32 -25.73 11.22 -4.41
CA TYR D 32 -26.62 10.07 -4.29
C TYR D 32 -26.40 9.26 -3.01
N ALA D 33 -27.51 8.80 -2.43
CA ALA D 33 -27.44 7.83 -1.35
C ALA D 33 -26.84 6.52 -1.86
N MET D 34 -26.11 5.82 -0.99
CA MET D 34 -25.44 4.57 -1.35
C MET D 34 -25.83 3.50 -0.34
N SER D 35 -25.88 2.26 -0.79
CA SER D 35 -26.42 1.18 0.02
C SER D 35 -25.46 0.00 0.06
N TRP D 36 -25.58 -0.78 1.14
CA TRP D 36 -24.96 -2.08 1.24
C TRP D 36 -26.04 -3.15 1.33
N VAL D 37 -25.80 -4.24 0.61
CA VAL D 37 -26.70 -5.39 0.52
C VAL D 37 -25.82 -6.62 0.65
N ARG D 38 -26.38 -7.68 1.23
CA ARG D 38 -25.64 -8.91 1.37
C ARG D 38 -26.45 -10.13 0.98
N GLN D 39 -25.75 -11.21 0.73
CA GLN D 39 -26.39 -12.46 0.31
C GLN D 39 -25.62 -13.60 0.96
N ALA D 40 -26.24 -14.25 1.94
CA ALA D 40 -25.64 -15.40 2.56
C ALA D 40 -25.64 -16.55 1.55
N PRO D 41 -24.75 -17.53 1.73
CA PRO D 41 -24.64 -18.61 0.75
C PRO D 41 -25.96 -19.31 0.53
N GLY D 42 -26.37 -19.43 -0.73
CA GLY D 42 -27.60 -20.12 -1.08
C GLY D 42 -28.88 -19.44 -0.65
N LYS D 43 -28.85 -18.15 -0.30
CA LYS D 43 -29.99 -17.42 0.23
C LYS D 43 -30.26 -16.19 -0.64
N GLY D 44 -31.28 -15.42 -0.26
CA GLY D 44 -31.66 -14.25 -1.03
C GLY D 44 -30.93 -12.98 -0.63
N LEU D 45 -31.25 -11.91 -1.36
CA LEU D 45 -30.67 -10.60 -1.10
C LEU D 45 -31.27 -10.00 0.17
N GLU D 46 -30.41 -9.41 1.01
CA GLU D 46 -30.82 -8.82 2.27
C GLU D 46 -30.21 -7.42 2.38
N TRP D 47 -31.05 -6.41 2.61
CA TRP D 47 -30.55 -5.06 2.80
C TRP D 47 -29.74 -4.96 4.08
N VAL D 48 -28.64 -4.21 4.03
CA VAL D 48 -27.76 -4.03 5.18
C VAL D 48 -27.80 -2.59 5.69
N SER D 49 -27.53 -1.61 4.82
CA SER D 49 -27.42 -0.22 5.28
C SER D 49 -27.57 0.76 4.12
N GLY D 50 -27.90 2.01 4.49
CA GLY D 50 -27.91 3.11 3.54
C GLY D 50 -27.28 4.33 4.17
N ILE D 51 -26.77 5.22 3.33
CA ILE D 51 -26.20 6.49 3.79
C ILE D 51 -26.53 7.58 2.79
N SER D 52 -26.93 8.74 3.30
CA SER D 52 -27.31 9.86 2.46
C SER D 52 -26.12 10.37 1.67
N GLY D 53 -26.41 11.20 0.64
CA GLY D 53 -25.33 11.72 -0.19
C GLY D 53 -24.26 12.47 0.60
N SER D 54 -24.69 13.30 1.55
CA SER D 54 -23.73 14.08 2.33
C SER D 54 -23.03 13.27 3.40
N GLY D 55 -23.54 12.08 3.71
CA GLY D 55 -23.06 11.32 4.83
C GLY D 55 -23.69 11.70 6.15
N GLY D 56 -24.62 12.65 6.16
CA GLY D 56 -25.20 13.13 7.40
C GLY D 56 -26.21 12.20 8.03
N SER D 57 -26.75 11.25 7.25
CA SER D 57 -27.77 10.33 7.72
C SER D 57 -27.42 8.91 7.31
N THR D 58 -27.48 7.98 8.26
CA THR D 58 -27.23 6.56 8.01
C THR D 58 -28.39 5.74 8.53
N TYR D 59 -28.57 4.55 7.94
CA TYR D 59 -29.72 3.70 8.15
C TYR D 59 -29.25 2.24 8.13
N TYR D 60 -29.79 1.42 9.03
CA TYR D 60 -29.31 0.06 9.19
C TYR D 60 -30.47 -0.91 9.33
N ALA D 61 -30.29 -2.10 8.78
CA ALA D 61 -31.17 -3.21 9.13
C ALA D 61 -30.94 -3.60 10.59
N ASP D 62 -32.03 -4.05 11.23
CA ASP D 62 -31.98 -4.40 12.65
C ASP D 62 -30.94 -5.48 12.94
N SER D 63 -30.67 -6.36 11.97
CA SER D 63 -29.74 -7.45 12.21
C SER D 63 -28.29 -6.98 12.36
N VAL D 64 -27.98 -5.75 11.97
CA VAL D 64 -26.59 -5.25 12.04
C VAL D 64 -26.46 -3.99 12.87
N LYS D 65 -27.55 -3.42 13.35
CA LYS D 65 -27.49 -2.16 14.07
C LYS D 65 -26.59 -2.28 15.30
N GLY D 66 -25.74 -1.28 15.51
CA GLY D 66 -24.83 -1.26 16.62
C GLY D 66 -23.54 -2.01 16.37
N ARG D 67 -23.48 -2.84 15.34
CA ARG D 67 -22.25 -3.55 14.99
C ARG D 67 -21.64 -3.08 13.68
N PHE D 68 -22.48 -2.69 12.71
CA PHE D 68 -22.00 -2.22 11.42
C PHE D 68 -22.16 -0.70 11.34
N THR D 69 -21.16 -0.05 10.76
CA THR D 69 -21.16 1.39 10.54
C THR D 69 -20.85 1.68 9.08
N THR D 70 -21.65 2.52 8.45
CA THR D 70 -21.43 2.91 7.07
C THR D 70 -20.93 4.34 7.03
N SER D 71 -19.96 4.61 6.16
CA SER D 71 -19.47 5.97 5.99
C SER D 71 -19.05 6.15 4.54
N ARG D 72 -18.71 7.39 4.19
CA ARG D 72 -18.33 7.67 2.83
C ARG D 72 -17.33 8.82 2.78
N ASP D 73 -16.50 8.79 1.75
CA ASP D 73 -15.54 9.86 1.47
C ASP D 73 -15.91 10.43 0.10
N ASN D 74 -16.44 11.66 0.09
CA ASN D 74 -16.96 12.26 -1.13
C ASN D 74 -15.90 12.96 -1.97
N SER D 75 -14.62 12.81 -1.64
CA SER D 75 -13.54 13.22 -2.55
C SER D 75 -12.86 12.03 -3.20
N LYS D 76 -12.69 10.94 -2.46
CA LYS D 76 -12.23 9.68 -3.02
C LYS D 76 -13.35 8.92 -3.73
N ASN D 77 -14.59 9.39 -3.61
CA ASN D 77 -15.76 8.72 -4.19
C ASN D 77 -15.83 7.26 -3.76
N THR D 78 -15.66 7.03 -2.46
CA THR D 78 -15.61 5.69 -1.91
C THR D 78 -16.65 5.56 -0.80
N LEU D 79 -17.36 4.42 -0.81
CA LEU D 79 -18.28 4.02 0.24
C LEU D 79 -17.62 2.94 1.10
N TYR D 80 -17.91 2.95 2.41
CA TYR D 80 -17.28 2.03 3.34
C TYR D 80 -18.34 1.31 4.16
N LEU D 81 -17.99 0.12 4.64
CA LEU D 81 -18.78 -0.60 5.62
C LEU D 81 -17.82 -1.14 6.67
N GLN D 82 -17.90 -0.58 7.88
CA GLN D 82 -17.04 -0.99 8.99
C GLN D 82 -17.80 -1.99 9.86
N MET D 83 -17.29 -3.22 9.95
CA MET D 83 -17.93 -4.27 10.71
C MET D 83 -17.13 -4.54 11.97
N ASN D 84 -17.80 -4.48 13.11
CA ASN D 84 -17.22 -4.93 14.36
C ASN D 84 -18.14 -6.00 14.95
N SER D 85 -17.60 -6.80 15.87
CA SER D 85 -18.34 -7.85 16.57
C SER D 85 -19.06 -8.77 15.58
N LEU D 86 -18.30 -9.23 14.57
CA LEU D 86 -18.87 -10.08 13.53
C LEU D 86 -19.31 -11.44 14.08
N ARG D 87 -20.37 -11.98 13.49
CA ARG D 87 -20.92 -13.27 13.87
C ARG D 87 -20.93 -14.19 12.66
N ALA D 88 -20.98 -15.51 12.92
CA ALA D 88 -20.98 -16.47 11.83
C ALA D 88 -22.04 -16.16 10.79
N GLU D 89 -23.25 -15.80 11.25
CA GLU D 89 -24.34 -15.56 10.33
C GLU D 89 -24.17 -14.29 9.52
N ASP D 90 -23.12 -13.51 9.78
CA ASP D 90 -22.78 -12.41 8.88
C ASP D 90 -22.01 -12.88 7.66
N THR D 91 -21.68 -14.17 7.57
CA THR D 91 -21.03 -14.70 6.37
C THR D 91 -21.93 -14.50 5.16
N ALA D 92 -21.40 -13.86 4.11
CA ALA D 92 -22.21 -13.47 2.95
C ALA D 92 -21.29 -12.85 1.91
N VAL D 93 -21.76 -12.82 0.67
CA VAL D 93 -21.20 -11.89 -0.30
C VAL D 93 -21.84 -10.54 -0.05
N TYR D 94 -21.02 -9.50 0.09
CA TYR D 94 -21.49 -8.14 0.33
C TYR D 94 -21.42 -7.34 -0.96
N TYR D 95 -22.53 -6.67 -1.30
CA TYR D 95 -22.65 -5.88 -2.51
C TYR D 95 -22.85 -4.41 -2.18
N CYS D 96 -22.03 -3.57 -2.81
CA CYS D 96 -22.24 -2.14 -2.94
C CYS D 96 -23.34 -1.90 -3.97
N ALA D 97 -24.17 -0.87 -3.75
CA ALA D 97 -25.27 -0.60 -4.71
C ALA D 97 -25.72 0.85 -4.64
N LYS D 98 -26.19 1.35 -5.78
CA LYS D 98 -26.78 2.69 -5.88
C LYS D 98 -28.22 2.51 -6.33
N PHE D 99 -29.15 2.69 -5.39
CA PHE D 99 -30.58 2.61 -5.68
C PHE D 99 -31.11 4.03 -5.79
N SER D 100 -31.65 4.37 -6.96
CA SER D 100 -31.98 5.76 -7.26
C SER D 100 -33.36 6.15 -6.74
N GLY D 101 -34.18 5.19 -6.33
CA GLY D 101 -35.52 5.51 -5.88
C GLY D 101 -36.35 6.05 -7.03
N LYS D 102 -37.22 7.00 -6.71
CA LYS D 102 -37.98 7.76 -7.68
C LYS D 102 -37.63 9.21 -7.43
N ASP D 103 -38.22 10.12 -8.21
CA ASP D 103 -37.83 11.53 -8.20
C ASP D 103 -36.56 11.62 -9.05
N CYS D 104 -36.60 10.97 -10.20
CA CYS D 104 -35.51 11.03 -11.17
C CYS D 104 -36.14 10.95 -12.56
N SER D 105 -35.32 10.61 -13.53
CA SER D 105 -35.72 10.62 -14.93
C SER D 105 -35.69 9.23 -15.53
N GLY D 106 -34.52 8.61 -15.63
CA GLY D 106 -34.41 7.24 -16.17
C GLY D 106 -34.23 7.60 -17.59
N THR D 107 -32.98 7.68 -18.06
CA THR D 107 -31.78 7.03 -17.54
C THR D 107 -31.19 7.30 -16.12
N SER D 108 -31.48 8.46 -15.50
CA SER D 108 -31.00 8.68 -14.14
C SER D 108 -31.68 7.79 -13.10
N CYS D 109 -32.77 7.12 -13.45
CA CYS D 109 -33.50 6.27 -12.51
C CYS D 109 -32.98 4.83 -12.48
N ARG D 110 -31.86 4.53 -13.17
CA ARG D 110 -31.28 3.20 -13.13
C ARG D 110 -30.69 2.91 -11.75
N ASP D 111 -30.64 1.64 -11.38
CA ASP D 111 -29.89 1.18 -10.22
C ASP D 111 -28.60 0.52 -10.70
N TYR D 112 -27.62 0.45 -9.80
CA TYR D 112 -26.32 -0.15 -10.12
C TYR D 112 -25.85 -1.03 -8.98
N TRP D 113 -25.09 -2.06 -9.34
CA TRP D 113 -24.60 -3.06 -8.40
C TRP D 113 -23.09 -3.16 -8.52
N GLY D 114 -22.42 -3.35 -7.38
CA GLY D 114 -21.04 -3.77 -7.38
C GLY D 114 -20.94 -5.25 -7.71
N GLN D 115 -19.71 -5.73 -7.84
CA GLN D 115 -19.47 -7.12 -8.20
C GLN D 115 -19.50 -8.04 -6.99
N GLY D 116 -19.54 -7.50 -5.79
CA GLY D 116 -19.57 -8.34 -4.61
C GLY D 116 -18.20 -8.66 -4.06
N THR D 117 -18.13 -8.81 -2.73
CA THR D 117 -16.90 -9.22 -2.05
C THR D 117 -17.28 -10.18 -0.93
N LEU D 118 -16.49 -11.23 -0.77
CA LEU D 118 -16.87 -12.33 0.10
C LEU D 118 -16.33 -12.14 1.51
N VAL D 119 -17.22 -12.22 2.50
CA VAL D 119 -16.85 -12.13 3.91
C VAL D 119 -17.21 -13.45 4.57
N THR D 120 -16.21 -14.12 5.15
CA THR D 120 -16.41 -15.38 5.84
C THR D 120 -16.11 -15.20 7.31
N VAL D 121 -17.09 -15.44 8.16
CA VAL D 121 -16.90 -15.38 9.60
C VAL D 121 -16.90 -16.81 10.11
N SER D 122 -15.73 -17.29 10.54
CA SER D 122 -15.54 -18.66 10.97
C SER D 122 -14.37 -18.73 11.95
N SER D 123 -14.46 -19.67 12.89
CA SER D 123 -13.32 -19.94 13.78
C SER D 123 -12.29 -20.85 13.12
N ALA D 124 -12.59 -21.39 11.95
CA ALA D 124 -11.65 -22.25 11.24
C ALA D 124 -10.51 -21.43 10.66
N SER D 125 -9.33 -22.04 10.62
CA SER D 125 -8.11 -21.37 10.20
C SER D 125 -7.90 -21.46 8.69
N THR D 126 -7.14 -20.50 8.18
CA THR D 126 -6.76 -20.48 6.77
C THR D 126 -5.84 -21.64 6.45
N LYS D 127 -6.01 -22.23 5.25
CA LYS D 127 -5.14 -23.29 4.78
C LYS D 127 -4.95 -23.17 3.28
N GLY D 128 -3.69 -23.19 2.83
CA GLY D 128 -3.41 -23.17 1.40
C GLY D 128 -3.66 -24.54 0.80
N PRO D 129 -3.96 -24.61 -0.49
CA PRO D 129 -4.26 -25.91 -1.10
C PRO D 129 -3.01 -26.70 -1.42
N SER D 130 -3.19 -28.01 -1.52
CA SER D 130 -2.25 -28.87 -2.22
C SER D 130 -2.77 -29.01 -3.65
N VAL D 131 -1.87 -28.92 -4.62
CA VAL D 131 -2.26 -28.96 -6.03
C VAL D 131 -1.64 -30.20 -6.64
N PHE D 132 -2.48 -31.06 -7.22
CA PHE D 132 -1.97 -32.27 -7.85
C PHE D 132 -2.33 -32.28 -9.34
N PRO D 133 -1.43 -32.76 -10.19
CA PRO D 133 -1.74 -32.83 -11.62
C PRO D 133 -2.66 -34.00 -11.89
N LEU D 134 -3.58 -33.81 -12.83
CA LEU D 134 -4.44 -34.89 -13.31
C LEU D 134 -4.00 -35.20 -14.73
N ALA D 135 -3.11 -36.18 -14.85
CA ALA D 135 -2.54 -36.63 -16.12
C ALA D 135 -3.59 -37.41 -16.92
N PRO D 136 -3.35 -37.67 -18.21
CA PRO D 136 -2.21 -37.30 -19.06
C PRO D 136 -2.52 -36.10 -19.94
N GLY D 144 -7.78 -37.76 -30.99
CA GLY D 144 -6.87 -36.64 -31.10
C GLY D 144 -7.04 -35.56 -30.04
N THR D 145 -7.95 -35.74 -29.10
CA THR D 145 -8.16 -34.84 -27.96
C THR D 145 -7.96 -35.58 -26.65
N ALA D 146 -7.34 -34.90 -25.67
CA ALA D 146 -7.08 -35.46 -24.35
C ALA D 146 -7.51 -34.47 -23.26
N ALA D 147 -8.03 -35.00 -22.15
CA ALA D 147 -8.40 -34.18 -21.01
C ALA D 147 -7.36 -34.30 -19.89
N LEU D 148 -6.85 -33.16 -19.45
CA LEU D 148 -5.91 -33.14 -18.33
C LEU D 148 -6.32 -32.02 -17.40
N GLY D 149 -5.82 -32.05 -16.17
CA GLY D 149 -6.32 -31.08 -15.24
C GLY D 149 -5.49 -30.94 -13.99
N CYS D 150 -6.06 -30.22 -13.02
CA CYS D 150 -5.41 -29.97 -11.74
C CYS D 150 -6.45 -30.12 -10.65
N LEU D 151 -6.09 -30.84 -9.60
CA LEU D 151 -6.91 -30.99 -8.41
C LEU D 151 -6.39 -30.01 -7.36
N VAL D 152 -7.24 -29.12 -6.90
CA VAL D 152 -6.87 -28.12 -5.90
C VAL D 152 -7.52 -28.57 -4.60
N LYS D 153 -6.75 -29.20 -3.72
CA LYS D 153 -7.30 -29.98 -2.62
C LYS D 153 -7.10 -29.31 -1.27
N ASP D 154 -8.17 -29.27 -0.47
CA ASP D 154 -8.13 -29.00 0.97
C ASP D 154 -7.60 -27.59 1.27
N TYR D 155 -8.41 -26.60 0.90
CA TYR D 155 -8.07 -25.22 1.22
C TYR D 155 -9.25 -24.57 1.94
N PHE D 156 -8.95 -23.46 2.62
CA PHE D 156 -9.95 -22.65 3.30
C PHE D 156 -9.34 -21.26 3.51
N PRO D 157 -10.11 -20.19 3.30
CA PRO D 157 -11.49 -20.15 2.80
C PRO D 157 -11.53 -20.04 1.28
N GLU D 158 -12.72 -19.87 0.71
CA GLU D 158 -12.87 -19.44 -0.69
C GLU D 158 -12.30 -18.00 -0.79
N PRO D 159 -11.92 -17.55 -2.00
CA PRO D 159 -11.97 -18.29 -3.27
C PRO D 159 -10.60 -18.77 -3.74
N VAL D 160 -10.61 -19.58 -4.79
CA VAL D 160 -9.43 -19.95 -5.54
C VAL D 160 -9.65 -19.54 -6.99
N THR D 161 -8.59 -19.10 -7.67
CA THR D 161 -8.63 -18.88 -9.10
C THR D 161 -7.67 -19.85 -9.79
N VAL D 162 -8.06 -20.34 -10.94
CA VAL D 162 -7.21 -21.23 -11.73
C VAL D 162 -7.14 -20.68 -13.15
N SER D 163 -5.93 -20.55 -13.67
CA SER D 163 -5.73 -20.27 -15.09
C SER D 163 -4.76 -21.31 -15.64
N TRP D 164 -4.65 -21.35 -16.96
CA TRP D 164 -3.78 -22.29 -17.65
C TRP D 164 -2.80 -21.55 -18.55
N ASN D 165 -1.53 -21.94 -18.46
CA ASN D 165 -0.46 -21.29 -19.22
C ASN D 165 -0.54 -19.77 -19.07
N SER D 166 -0.76 -19.33 -17.83
CA SER D 166 -0.78 -17.90 -17.48
C SER D 166 -1.80 -17.11 -18.29
N GLY D 167 -2.89 -17.75 -18.69
CA GLY D 167 -3.92 -17.09 -19.44
C GLY D 167 -3.80 -17.23 -20.94
N ALA D 168 -2.72 -17.82 -21.44
CA ALA D 168 -2.59 -18.05 -22.88
C ALA D 168 -3.56 -19.12 -23.37
N LEU D 169 -4.05 -19.97 -22.47
CA LEU D 169 -4.93 -21.08 -22.82
C LEU D 169 -6.27 -20.88 -22.12
N THR D 170 -7.32 -20.64 -22.90
CA THR D 170 -8.66 -20.43 -22.35
C THR D 170 -9.66 -21.36 -23.04
N SER D 171 -9.39 -21.71 -24.30
CA SER D 171 -10.28 -22.56 -25.07
C SER D 171 -10.25 -23.99 -24.53
N GLY D 172 -11.43 -24.52 -24.17
CA GLY D 172 -11.52 -25.84 -23.60
C GLY D 172 -11.25 -25.93 -22.11
N VAL D 173 -11.07 -24.80 -21.43
CA VAL D 173 -10.86 -24.82 -19.97
C VAL D 173 -12.21 -24.89 -19.29
N HIS D 174 -12.33 -25.76 -18.30
CA HIS D 174 -13.54 -25.84 -17.48
C HIS D 174 -13.10 -26.02 -16.03
N THR D 175 -13.31 -24.98 -15.22
CA THR D 175 -12.99 -25.02 -13.80
C THR D 175 -14.28 -25.23 -13.01
N PHE D 176 -14.35 -26.30 -12.27
CA PHE D 176 -15.58 -26.74 -11.61
C PHE D 176 -15.75 -26.05 -10.26
N PRO D 177 -17.01 -25.83 -9.86
CA PRO D 177 -17.27 -25.29 -8.52
C PRO D 177 -16.74 -26.21 -7.44
N ALA D 178 -16.30 -25.61 -6.33
CA ALA D 178 -15.68 -26.38 -5.27
C ALA D 178 -16.70 -27.23 -4.54
N VAL D 179 -16.25 -28.36 -4.02
CA VAL D 179 -16.97 -29.16 -3.04
C VAL D 179 -16.55 -28.73 -1.65
N LEU D 180 -17.51 -28.65 -0.72
CA LEU D 180 -17.23 -28.37 0.69
C LEU D 180 -17.27 -29.71 1.40
N GLN D 181 -16.09 -30.25 1.70
CA GLN D 181 -16.02 -31.54 2.37
C GLN D 181 -16.50 -31.41 3.81
N SER D 182 -16.80 -32.56 4.42
CA SER D 182 -17.29 -32.57 5.80
C SER D 182 -16.25 -32.03 6.78
N SER D 183 -14.97 -32.05 6.40
CA SER D 183 -13.90 -31.46 7.19
C SER D 183 -13.94 -29.93 7.22
N GLY D 184 -14.85 -29.30 6.49
CA GLY D 184 -14.86 -27.85 6.40
C GLY D 184 -13.87 -27.26 5.41
N LEU D 185 -13.09 -28.11 4.74
CA LEU D 185 -12.13 -27.70 3.72
C LEU D 185 -12.73 -27.89 2.33
N TYR D 186 -12.30 -27.04 1.39
CA TYR D 186 -12.76 -27.12 0.01
C TYR D 186 -11.75 -27.85 -0.86
N SER D 187 -12.26 -28.46 -1.92
CA SER D 187 -11.44 -28.93 -3.02
C SER D 187 -12.19 -28.60 -4.31
N LEU D 188 -11.42 -28.31 -5.36
CA LEU D 188 -12.01 -28.12 -6.68
C LEU D 188 -11.06 -28.70 -7.71
N SER D 189 -11.54 -28.82 -8.94
CA SER D 189 -10.71 -29.29 -10.04
C SER D 189 -10.93 -28.41 -11.27
N SER D 190 -9.90 -28.34 -12.11
CA SER D 190 -9.97 -27.67 -13.39
C SER D 190 -9.47 -28.65 -14.44
N VAL D 191 -10.18 -28.75 -15.56
CA VAL D 191 -9.81 -29.66 -16.63
C VAL D 191 -9.78 -28.86 -17.93
N VAL D 192 -8.85 -29.21 -18.81
CA VAL D 192 -8.79 -28.60 -20.13
C VAL D 192 -8.58 -29.72 -21.15
N THR D 193 -9.25 -29.60 -22.29
CA THR D 193 -9.11 -30.56 -23.37
C THR D 193 -8.17 -29.98 -24.42
N VAL D 194 -7.16 -30.76 -24.79
CA VAL D 194 -6.10 -30.28 -25.67
C VAL D 194 -5.91 -31.30 -26.77
N PRO D 195 -5.34 -30.90 -27.91
CA PRO D 195 -5.02 -31.89 -28.94
C PRO D 195 -4.01 -32.90 -28.42
N SER D 196 -4.27 -34.19 -28.72
CA SER D 196 -3.37 -35.25 -28.29
C SER D 196 -2.02 -35.14 -29.00
N SER D 197 -2.01 -34.64 -30.23
CA SER D 197 -0.75 -34.48 -30.95
C SER D 197 0.18 -33.47 -30.27
N SER D 198 -0.36 -32.57 -29.45
CA SER D 198 0.47 -31.55 -28.82
C SER D 198 1.11 -32.00 -27.50
N LEU D 199 0.71 -33.16 -26.95
CA LEU D 199 1.11 -33.52 -25.60
C LEU D 199 2.63 -33.61 -25.46
N GLY D 200 3.31 -34.15 -26.47
CA GLY D 200 4.76 -34.27 -26.42
C GLY D 200 5.51 -32.98 -26.67
N THR D 201 4.86 -31.96 -27.23
CA THR D 201 5.55 -30.75 -27.66
C THR D 201 5.12 -29.49 -26.91
N GLN D 202 3.88 -29.41 -26.44
CA GLN D 202 3.39 -28.23 -25.73
C GLN D 202 3.29 -28.56 -24.24
N THR D 203 3.81 -27.68 -23.41
CA THR D 203 3.69 -27.89 -21.97
C THR D 203 2.43 -27.18 -21.47
N TYR D 204 1.73 -27.82 -20.54
CA TYR D 204 0.52 -27.29 -19.95
C TYR D 204 0.75 -27.11 -18.46
N ILE D 205 0.47 -25.90 -17.97
CA ILE D 205 0.69 -25.54 -16.58
C ILE D 205 -0.61 -24.93 -16.08
N CYS D 206 -1.10 -25.42 -14.93
CA CYS D 206 -2.21 -24.75 -14.27
C CYS D 206 -1.64 -23.81 -13.22
N ASN D 207 -2.14 -22.59 -13.21
CA ASN D 207 -1.69 -21.56 -12.29
C ASN D 207 -2.79 -21.40 -11.24
N VAL D 208 -2.49 -21.82 -10.01
CA VAL D 208 -3.47 -21.82 -8.94
C VAL D 208 -3.12 -20.69 -7.99
N ASN D 209 -4.11 -19.87 -7.66
CA ASN D 209 -3.88 -18.76 -6.75
C ASN D 209 -4.93 -18.81 -5.65
N HIS D 210 -4.48 -18.87 -4.42
CA HIS D 210 -5.36 -18.80 -3.25
C HIS D 210 -4.85 -17.59 -2.45
N LYS D 211 -5.39 -16.41 -2.80
CA LYS D 211 -4.96 -15.18 -2.14
C LYS D 211 -5.19 -15.18 -0.64
N PRO D 212 -6.27 -15.75 -0.09
CA PRO D 212 -6.41 -15.73 1.39
C PRO D 212 -5.22 -16.35 2.12
N SER D 213 -4.46 -17.23 1.48
CA SER D 213 -3.30 -17.84 2.13
C SER D 213 -1.97 -17.46 1.48
N ASN D 214 -1.96 -16.47 0.59
CA ASN D 214 -0.77 -16.09 -0.16
C ASN D 214 -0.17 -17.26 -0.93
N THR D 215 -1.01 -18.22 -1.36
CA THR D 215 -0.54 -19.41 -2.05
C THR D 215 -0.62 -19.23 -3.56
N LYS D 216 0.50 -19.49 -4.24
CA LYS D 216 0.56 -19.49 -5.69
C LYS D 216 1.34 -20.72 -6.11
N VAL D 217 0.71 -21.57 -6.91
CA VAL D 217 1.31 -22.83 -7.32
C VAL D 217 1.18 -22.92 -8.84
N ASP D 218 2.27 -23.23 -9.51
CA ASP D 218 2.27 -23.49 -10.95
C ASP D 218 2.65 -24.95 -11.13
N LYS D 219 1.68 -25.77 -11.53
CA LYS D 219 1.86 -27.20 -11.70
C LYS D 219 1.84 -27.57 -13.17
N LYS D 220 2.94 -28.13 -13.64
CA LYS D 220 2.99 -28.68 -14.98
C LYS D 220 2.30 -30.04 -14.96
N VAL D 221 1.42 -30.28 -15.93
CA VAL D 221 0.67 -31.52 -16.01
C VAL D 221 1.20 -32.26 -17.22
N GLU D 222 1.98 -33.32 -16.99
CA GLU D 222 2.65 -34.07 -18.04
C GLU D 222 1.97 -35.41 -18.24
N PRO D 223 2.12 -36.03 -19.41
CA PRO D 223 1.54 -37.35 -19.63
C PRO D 223 2.30 -38.43 -18.86
N LYS D 224 1.61 -39.55 -18.67
CA LYS D 224 2.16 -40.70 -17.94
C LYS D 224 2.91 -41.62 -18.90
N GLN E 1 -46.39 -3.13 7.88
CA GLN E 1 -45.11 -3.71 7.50
C GLN E 1 -45.00 -3.77 5.97
N LEU E 2 -43.89 -3.27 5.42
CA LEU E 2 -43.65 -3.28 3.99
C LEU E 2 -43.02 -4.61 3.61
N VAL E 3 -43.74 -5.42 2.84
CA VAL E 3 -43.33 -6.78 2.48
C VAL E 3 -43.55 -7.00 0.99
N LEU E 4 -42.60 -7.67 0.33
CA LEU E 4 -42.73 -8.09 -1.06
C LEU E 4 -42.84 -9.61 -1.13
N THR E 5 -43.88 -10.12 -1.78
CA THR E 5 -44.14 -11.55 -1.87
C THR E 5 -43.96 -12.02 -3.30
N GLN E 6 -43.04 -12.96 -3.50
CA GLN E 6 -42.78 -13.57 -4.80
C GLN E 6 -42.92 -15.07 -4.69
N SER E 7 -43.55 -15.69 -5.69
CA SER E 7 -43.56 -17.14 -5.72
C SER E 7 -42.13 -17.66 -5.85
N PRO E 8 -41.79 -18.73 -5.14
CA PRO E 8 -40.39 -19.21 -5.17
C PRO E 8 -39.96 -19.72 -6.54
N SER E 9 -40.90 -20.19 -7.37
CA SER E 9 -40.55 -20.85 -8.62
C SER E 9 -41.53 -20.43 -9.70
N ALA E 10 -41.05 -20.42 -10.94
CA ALA E 10 -41.89 -20.20 -12.11
C ALA E 10 -41.22 -20.92 -13.27
N SER E 11 -42.03 -21.28 -14.27
CA SER E 11 -41.48 -21.97 -15.42
C SER E 11 -42.34 -21.72 -16.65
N ALA E 12 -41.69 -21.77 -17.80
CA ALA E 12 -42.34 -21.63 -19.10
C ALA E 12 -41.39 -22.22 -20.13
N SER E 13 -41.92 -22.47 -21.31
CA SER E 13 -41.12 -23.14 -22.31
C SER E 13 -40.18 -22.18 -23.03
N LEU E 14 -39.07 -22.72 -23.48
CA LEU E 14 -38.19 -22.00 -24.40
C LEU E 14 -39.00 -21.43 -25.56
N GLY E 15 -38.79 -20.14 -25.85
CA GLY E 15 -39.51 -19.43 -26.88
C GLY E 15 -40.87 -18.90 -26.48
N ALA E 16 -41.38 -19.26 -25.32
CA ALA E 16 -42.68 -18.76 -24.89
C ALA E 16 -42.48 -17.50 -24.03
N SER E 17 -43.57 -17.02 -23.44
CA SER E 17 -43.55 -15.88 -22.55
C SER E 17 -43.85 -16.32 -21.13
N VAL E 18 -43.37 -15.56 -20.16
CA VAL E 18 -43.68 -15.80 -18.76
C VAL E 18 -43.87 -14.45 -18.10
N ARG E 19 -44.79 -14.38 -17.15
CA ARG E 19 -44.96 -13.18 -16.36
C ARG E 19 -44.72 -13.55 -14.91
N LEU E 20 -43.77 -12.88 -14.27
CA LEU E 20 -43.49 -13.07 -12.85
C LEU E 20 -44.23 -12.01 -12.04
N THR E 21 -44.67 -12.39 -10.85
CA THR E 21 -45.50 -11.50 -10.05
C THR E 21 -44.79 -11.15 -8.76
N CYS E 22 -44.81 -9.87 -8.43
CA CYS E 22 -44.37 -9.38 -7.13
C CYS E 22 -45.56 -8.69 -6.49
N THR E 23 -45.93 -9.08 -5.28
CA THR E 23 -47.11 -8.52 -4.62
C THR E 23 -46.69 -7.66 -3.43
N LEU E 24 -47.11 -6.40 -3.45
CA LEU E 24 -46.86 -5.50 -2.32
C LEU E 24 -47.85 -5.77 -1.20
N SER E 25 -47.37 -5.69 0.05
CA SER E 25 -48.27 -5.90 1.18
C SER E 25 -49.33 -4.80 1.23
N SER E 26 -50.44 -5.10 1.90
CA SER E 26 -51.58 -4.18 1.93
C SER E 26 -51.18 -2.81 2.47
N GLY E 27 -51.73 -1.76 1.86
CA GLY E 27 -51.41 -0.39 2.20
C GLY E 27 -50.26 0.24 1.45
N HIS E 28 -49.69 -0.45 0.45
CA HIS E 28 -48.54 0.07 -0.27
C HIS E 28 -48.75 -0.01 -1.78
N SER E 29 -50.01 0.03 -2.23
CA SER E 29 -50.30 -0.24 -3.63
C SER E 29 -49.77 0.81 -4.58
N SER E 30 -49.36 1.98 -4.08
CA SER E 30 -48.84 3.03 -4.93
C SER E 30 -47.33 2.97 -5.11
N TYR E 31 -46.65 1.97 -4.53
CA TYR E 31 -45.19 1.97 -4.44
C TYR E 31 -44.51 1.60 -5.75
N VAL E 32 -43.32 2.17 -5.94
CA VAL E 32 -42.42 1.79 -7.03
C VAL E 32 -41.60 0.58 -6.59
N ILE E 33 -41.41 -0.38 -7.51
CA ILE E 33 -40.50 -1.49 -7.28
C ILE E 33 -39.48 -1.50 -8.39
N ALA E 34 -38.41 -2.27 -8.17
CA ALA E 34 -37.39 -2.54 -9.16
C ALA E 34 -37.23 -4.04 -9.27
N TRP E 35 -36.94 -4.50 -10.48
CA TRP E 35 -36.62 -5.90 -10.76
C TRP E 35 -35.13 -6.07 -10.94
N HIS E 36 -34.56 -7.08 -10.27
CA HIS E 36 -33.16 -7.45 -10.44
C HIS E 36 -33.04 -8.92 -10.79
N GLN E 37 -32.15 -9.24 -11.71
CA GLN E 37 -31.91 -10.61 -12.16
C GLN E 37 -30.58 -11.09 -11.57
N GLN E 38 -30.54 -12.34 -11.12
CA GLN E 38 -29.29 -12.92 -10.65
C GLN E 38 -29.11 -14.30 -11.28
N GLN E 39 -28.19 -14.39 -12.22
CA GLN E 39 -27.75 -15.63 -12.81
C GLN E 39 -26.94 -16.45 -11.81
N SER E 40 -26.90 -17.76 -12.03
CA SER E 40 -26.25 -18.68 -11.11
C SER E 40 -24.79 -18.28 -10.92
N GLU E 41 -24.39 -18.14 -9.66
CA GLU E 41 -23.00 -17.84 -9.27
C GLU E 41 -22.51 -16.50 -9.80
N LYS E 42 -23.42 -15.57 -10.10
CA LYS E 42 -23.07 -14.22 -10.53
C LYS E 42 -23.77 -13.21 -9.63
N GLY E 43 -23.34 -11.95 -9.73
CA GLY E 43 -23.91 -10.87 -8.97
C GLY E 43 -25.19 -10.35 -9.61
N PRO E 44 -26.02 -9.64 -8.84
CA PRO E 44 -27.30 -9.16 -9.39
C PRO E 44 -27.12 -8.13 -10.50
N ARG E 45 -28.12 -8.05 -11.38
CA ARG E 45 -28.17 -7.09 -12.48
C ARG E 45 -29.52 -6.39 -12.46
N TYR E 46 -29.49 -5.05 -12.38
CA TYR E 46 -30.72 -4.27 -12.42
C TYR E 46 -31.40 -4.41 -13.79
N LEU E 47 -32.73 -4.59 -13.76
CA LEU E 47 -33.48 -4.73 -15.02
C LEU E 47 -34.27 -3.47 -15.36
N MET E 48 -35.14 -3.02 -14.46
CA MET E 48 -36.05 -1.92 -14.72
C MET E 48 -36.77 -1.60 -13.43
N LYS E 49 -37.50 -0.49 -13.46
CA LYS E 49 -38.43 -0.14 -12.40
C LYS E 49 -39.85 -0.24 -12.94
N VAL E 50 -40.78 -0.49 -12.02
CA VAL E 50 -42.20 -0.59 -12.33
C VAL E 50 -42.95 0.22 -11.29
N ASN E 51 -43.65 1.25 -11.75
CA ASN E 51 -44.49 2.06 -10.89
C ASN E 51 -45.94 1.73 -11.19
N SER E 52 -46.86 2.49 -10.58
CA SER E 52 -48.27 2.21 -10.77
C SER E 52 -48.70 2.37 -12.24
N ASP E 53 -48.20 3.40 -12.92
CA ASP E 53 -48.54 3.61 -14.33
C ASP E 53 -47.75 2.66 -15.23
N GLY E 54 -47.27 1.55 -14.67
CA GLY E 54 -46.36 0.68 -15.40
C GLY E 54 -44.99 1.32 -15.53
N SER E 55 -44.72 1.88 -16.71
CA SER E 55 -43.48 2.60 -16.98
C SER E 55 -42.27 1.71 -16.79
N HIS E 56 -41.10 2.19 -17.16
CA HIS E 56 -39.86 1.45 -16.94
C HIS E 56 -38.76 2.45 -16.63
N SER E 57 -37.54 1.95 -16.61
CA SER E 57 -36.31 2.72 -16.59
C SER E 57 -35.18 1.74 -16.84
N LYS E 58 -35.24 1.07 -17.99
CA LYS E 58 -34.45 -0.12 -18.22
C LYS E 58 -32.96 0.14 -18.05
N GLY E 59 -32.27 -0.83 -17.46
CA GLY E 59 -30.83 -0.76 -17.40
C GLY E 59 -30.22 -0.85 -18.79
N ASP E 60 -28.94 -0.54 -18.86
CA ASP E 60 -28.27 -0.53 -20.16
C ASP E 60 -28.24 -1.94 -20.73
N GLY E 61 -28.64 -2.08 -21.98
CA GLY E 61 -28.53 -3.35 -22.68
C GLY E 61 -29.56 -4.39 -22.29
N ILE E 62 -30.62 -4.01 -21.58
CA ILE E 62 -31.68 -4.96 -21.25
C ILE E 62 -32.59 -5.06 -22.47
N PRO E 63 -32.78 -6.26 -23.02
CA PRO E 63 -33.51 -6.40 -24.29
C PRO E 63 -34.96 -5.95 -24.17
N ASP E 64 -35.56 -5.71 -25.33
CA ASP E 64 -36.95 -5.28 -25.36
C ASP E 64 -37.92 -6.41 -25.01
N ARG E 65 -37.48 -7.67 -25.09
CA ARG E 65 -38.36 -8.76 -24.69
C ARG E 65 -38.63 -8.78 -23.19
N PHE E 66 -37.87 -8.02 -22.40
CA PHE E 66 -38.18 -7.78 -21.00
C PHE E 66 -39.05 -6.53 -20.89
N SER E 67 -40.20 -6.64 -20.22
CA SER E 67 -40.99 -5.46 -19.94
C SER E 67 -41.66 -5.63 -18.59
N GLY E 68 -42.22 -4.53 -18.09
CA GLY E 68 -42.91 -4.54 -16.82
C GLY E 68 -44.31 -3.94 -16.95
N SER E 69 -45.13 -4.22 -15.96
CA SER E 69 -46.48 -3.68 -15.91
C SER E 69 -46.95 -3.75 -14.46
N SER E 70 -48.08 -3.09 -14.19
CA SER E 70 -48.59 -2.94 -12.85
C SER E 70 -50.10 -3.06 -12.86
N SER E 71 -50.64 -3.57 -11.77
CA SER E 71 -52.10 -3.65 -11.62
C SER E 71 -52.40 -3.77 -10.14
N GLY E 72 -52.96 -2.72 -9.55
CA GLY E 72 -53.29 -2.79 -8.13
C GLY E 72 -52.04 -2.91 -7.30
N ALA E 73 -52.01 -3.90 -6.41
CA ALA E 73 -50.84 -4.15 -5.54
C ALA E 73 -49.80 -5.06 -6.18
N GLU E 74 -50.03 -5.52 -7.40
CA GLU E 74 -49.13 -6.47 -8.04
C GLU E 74 -48.24 -5.72 -9.03
N ARG E 75 -46.99 -6.17 -9.12
CA ARG E 75 -46.00 -5.65 -10.06
C ARG E 75 -45.49 -6.81 -10.90
N TYR E 76 -45.35 -6.60 -12.20
CA TYR E 76 -45.09 -7.69 -13.14
C TYR E 76 -43.79 -7.48 -13.89
N LEU E 77 -43.11 -8.59 -14.15
CA LEU E 77 -42.03 -8.68 -15.11
C LEU E 77 -42.42 -9.73 -16.14
N THR E 78 -42.46 -9.33 -17.40
CA THR E 78 -42.82 -10.23 -18.49
C THR E 78 -41.61 -10.42 -19.39
N ILE E 79 -41.26 -11.68 -19.63
CA ILE E 79 -40.17 -12.01 -20.54
C ILE E 79 -40.77 -12.81 -21.68
N SER E 80 -40.65 -12.29 -22.90
CA SER E 80 -41.11 -13.02 -24.07
C SER E 80 -39.92 -13.62 -24.81
N SER E 81 -40.23 -14.53 -25.75
CA SER E 81 -39.23 -15.31 -26.49
C SER E 81 -38.12 -15.81 -25.56
N LEU E 82 -38.52 -16.58 -24.56
CA LEU E 82 -37.59 -17.03 -23.53
C LEU E 82 -36.39 -17.73 -24.15
N GLN E 83 -35.20 -17.40 -23.64
CA GLN E 83 -33.96 -18.04 -24.03
C GLN E 83 -33.39 -18.81 -22.86
N SER E 84 -32.43 -19.68 -23.16
CA SER E 84 -31.80 -20.46 -22.10
C SER E 84 -31.17 -19.56 -21.05
N GLU E 85 -30.55 -18.45 -21.46
CA GLU E 85 -29.90 -17.57 -20.51
C GLU E 85 -30.89 -16.91 -19.56
N ASP E 86 -32.18 -16.92 -19.88
CA ASP E 86 -33.14 -16.33 -18.95
C ASP E 86 -33.39 -17.17 -17.72
N GLU E 87 -32.87 -18.40 -17.65
CA GLU E 87 -32.96 -19.16 -16.38
C GLU E 87 -32.11 -18.45 -15.35
N ALA E 88 -32.76 -17.98 -14.29
CA ALA E 88 -32.13 -17.14 -13.28
C ALA E 88 -33.13 -16.93 -12.17
N ASP E 89 -32.64 -16.32 -11.09
CA ASP E 89 -33.45 -15.86 -9.97
C ASP E 89 -33.79 -14.39 -10.18
N TYR E 90 -35.06 -14.04 -10.04
CA TYR E 90 -35.53 -12.67 -10.26
C TYR E 90 -36.03 -12.11 -8.93
N TYR E 91 -35.39 -11.02 -8.47
CA TYR E 91 -35.72 -10.38 -7.19
C TYR E 91 -36.44 -9.06 -7.43
N CYS E 92 -37.61 -8.87 -6.83
CA CYS E 92 -38.17 -7.53 -6.77
C CYS E 92 -37.68 -6.83 -5.51
N GLN E 93 -37.67 -5.51 -5.57
CA GLN E 93 -37.10 -4.72 -4.47
C GLN E 93 -37.85 -3.41 -4.42
N THR E 94 -38.08 -2.90 -3.22
CA THR E 94 -38.75 -1.62 -3.05
C THR E 94 -38.08 -0.89 -1.88
N TRP E 95 -38.66 0.24 -1.48
CA TRP E 95 -38.09 0.99 -0.38
C TRP E 95 -39.22 1.70 0.34
N GLY E 96 -38.94 2.03 1.60
CA GLY E 96 -39.81 2.87 2.40
C GLY E 96 -38.95 3.91 3.08
N ALA E 97 -39.48 4.54 4.12
CA ALA E 97 -38.73 5.55 4.84
C ALA E 97 -37.55 4.88 5.55
N GLY E 98 -36.34 5.12 5.06
CA GLY E 98 -35.16 4.60 5.73
C GLY E 98 -34.92 3.11 5.67
N ILE E 99 -35.55 2.39 4.74
CA ILE E 99 -35.36 0.95 4.62
C ILE E 99 -35.44 0.59 3.14
N LEU E 100 -34.72 -0.47 2.75
CA LEU E 100 -34.97 -1.21 1.52
C LEU E 100 -35.61 -2.53 1.88
N VAL E 101 -36.44 -3.07 0.96
CA VAL E 101 -37.11 -4.35 1.15
C VAL E 101 -36.97 -5.17 -0.12
N PHE E 102 -36.58 -6.44 0.04
CA PHE E 102 -36.48 -7.39 -1.06
C PHE E 102 -37.52 -8.49 -0.89
N GLY E 103 -38.09 -8.95 -2.02
CA GLY E 103 -38.80 -10.21 -2.04
C GLY E 103 -37.84 -11.39 -1.98
N GLY E 104 -38.41 -12.59 -1.81
CA GLY E 104 -37.59 -13.79 -1.72
C GLY E 104 -36.98 -14.25 -3.03
N GLY E 105 -37.37 -13.66 -4.13
CA GLY E 105 -36.84 -14.07 -5.42
C GLY E 105 -37.65 -15.20 -6.02
N THR E 106 -37.76 -15.17 -7.35
CA THR E 106 -38.42 -16.23 -8.11
C THR E 106 -37.40 -16.86 -9.02
N LYS E 107 -37.17 -18.17 -8.85
CA LYS E 107 -36.28 -18.92 -9.71
C LYS E 107 -37.06 -19.36 -10.96
N LEU E 108 -36.62 -18.90 -12.11
CA LEU E 108 -37.31 -19.18 -13.37
C LEU E 108 -36.60 -20.34 -14.07
N THR E 109 -37.37 -21.36 -14.43
CA THR E 109 -36.88 -22.48 -15.21
C THR E 109 -37.42 -22.37 -16.63
N VAL E 110 -36.54 -22.48 -17.62
CA VAL E 110 -36.92 -22.39 -19.02
C VAL E 110 -37.01 -23.83 -19.51
N LEU E 111 -38.23 -24.34 -19.63
CA LEU E 111 -38.46 -25.75 -19.81
C LEU E 111 -38.27 -26.17 -21.26
N SER E 112 -37.95 -27.45 -21.41
CA SER E 112 -37.99 -28.19 -22.66
C SER E 112 -36.89 -27.73 -23.62
N GLN E 113 -35.74 -27.38 -23.08
CA GLN E 113 -34.54 -27.25 -23.89
C GLN E 113 -34.05 -28.66 -24.23
N PRO E 114 -33.23 -28.81 -25.26
CA PRO E 114 -32.81 -30.17 -25.64
C PRO E 114 -32.17 -30.89 -24.47
N LYS E 115 -32.57 -32.15 -24.30
CA LYS E 115 -31.99 -33.00 -23.27
C LYS E 115 -30.56 -33.38 -23.63
N ALA E 116 -29.71 -33.50 -22.61
CA ALA E 116 -28.31 -33.80 -22.88
C ALA E 116 -27.77 -34.76 -21.83
N ALA E 117 -27.09 -35.81 -22.30
CA ALA E 117 -26.49 -36.78 -21.41
C ALA E 117 -25.18 -36.22 -20.85
N PRO E 118 -24.80 -36.63 -19.64
CA PRO E 118 -23.60 -36.09 -19.03
C PRO E 118 -22.35 -36.68 -19.65
N SER E 119 -21.32 -35.83 -19.80
CA SER E 119 -19.97 -36.29 -20.11
C SER E 119 -19.23 -36.53 -18.80
N VAL E 120 -18.60 -37.69 -18.67
CA VAL E 120 -17.99 -38.12 -17.42
C VAL E 120 -16.51 -38.40 -17.65
N THR E 121 -15.67 -37.80 -16.82
CA THR E 121 -14.23 -38.04 -16.83
C THR E 121 -13.83 -38.42 -15.41
N LEU E 122 -13.13 -39.55 -15.28
CA LEU E 122 -12.73 -40.06 -13.97
C LEU E 122 -11.21 -40.09 -13.90
N PHE E 123 -10.67 -39.39 -12.94
CA PHE E 123 -9.23 -39.40 -12.76
C PHE E 123 -8.88 -40.23 -11.53
N PRO E 124 -7.85 -41.06 -11.61
CA PRO E 124 -7.39 -41.78 -10.43
C PRO E 124 -6.56 -40.86 -9.56
N PRO E 125 -6.13 -41.30 -8.37
CA PRO E 125 -5.19 -40.49 -7.60
C PRO E 125 -3.89 -40.32 -8.38
N SER E 126 -3.32 -39.13 -8.30
CA SER E 126 -2.03 -38.85 -8.91
C SER E 126 -0.92 -39.49 -8.12
N SER E 127 0.23 -39.71 -8.78
CA SER E 127 1.38 -40.27 -8.06
C SER E 127 1.82 -39.35 -6.93
N GLU E 128 1.73 -38.03 -7.14
CA GLU E 128 2.16 -37.12 -6.07
C GLU E 128 1.22 -37.18 -4.87
N GLU E 129 -0.09 -37.29 -5.09
CA GLU E 129 -1.00 -37.41 -3.95
C GLU E 129 -0.77 -38.71 -3.18
N LEU E 130 -0.55 -39.82 -3.90
CA LEU E 130 -0.25 -41.08 -3.24
C LEU E 130 1.04 -40.99 -2.43
N GLN E 131 2.05 -40.28 -2.94
CA GLN E 131 3.29 -40.07 -2.20
C GLN E 131 3.10 -39.16 -0.99
N ALA E 132 2.08 -38.30 -1.01
CA ALA E 132 1.67 -37.57 0.17
C ALA E 132 0.76 -38.41 1.07
N ASN E 133 0.66 -39.71 0.78
CA ASN E 133 -0.13 -40.68 1.57
C ASN E 133 -1.61 -40.30 1.61
N LYS E 134 -2.14 -39.84 0.49
CA LYS E 134 -3.58 -39.60 0.34
C LYS E 134 -4.01 -40.10 -1.04
N ALA E 135 -5.34 -40.19 -1.23
CA ALA E 135 -5.86 -40.67 -2.51
C ALA E 135 -7.24 -40.09 -2.75
N THR E 136 -7.41 -39.45 -3.90
CA THR E 136 -8.69 -38.88 -4.25
C THR E 136 -9.03 -39.30 -5.67
N LEU E 137 -10.22 -39.85 -5.84
CA LEU E 137 -10.77 -40.06 -7.18
C LEU E 137 -11.68 -38.90 -7.51
N VAL E 138 -11.52 -38.37 -8.72
CA VAL E 138 -12.18 -37.15 -9.15
C VAL E 138 -13.07 -37.51 -10.30
N CYS E 139 -14.38 -37.39 -10.10
CA CYS E 139 -15.35 -37.69 -11.14
C CYS E 139 -15.99 -36.37 -11.57
N LEU E 140 -15.66 -35.93 -12.78
CA LEU E 140 -16.09 -34.65 -13.33
C LEU E 140 -17.19 -34.88 -14.35
N ILE E 141 -18.29 -34.16 -14.18
CA ILE E 141 -19.54 -34.38 -14.90
C ILE E 141 -19.98 -33.04 -15.48
N SER E 142 -20.17 -33.00 -16.79
CA SER E 142 -20.49 -31.72 -17.41
C SER E 142 -21.45 -31.95 -18.58
N ASP E 143 -22.00 -30.84 -19.08
CA ASP E 143 -22.75 -30.81 -20.34
C ASP E 143 -24.07 -31.58 -20.29
N PHE E 144 -24.77 -31.59 -19.16
CA PHE E 144 -26.05 -32.29 -19.09
C PHE E 144 -27.20 -31.31 -18.87
N TYR E 145 -28.39 -31.71 -19.34
CA TYR E 145 -29.63 -30.94 -19.14
C TYR E 145 -30.83 -31.88 -19.17
N PRO E 146 -31.77 -31.72 -18.21
CA PRO E 146 -31.79 -30.74 -17.11
C PRO E 146 -30.74 -31.03 -16.01
N GLY E 147 -30.70 -30.15 -15.01
CA GLY E 147 -29.63 -30.18 -14.03
C GLY E 147 -29.81 -31.16 -12.88
N ALA E 148 -30.52 -32.25 -13.09
CA ALA E 148 -30.71 -33.28 -12.08
C ALA E 148 -29.86 -34.49 -12.42
N VAL E 149 -28.97 -34.88 -11.52
CA VAL E 149 -28.14 -36.07 -11.67
C VAL E 149 -28.01 -36.77 -10.32
N THR E 150 -27.71 -38.07 -10.35
CA THR E 150 -27.41 -38.85 -9.16
C THR E 150 -26.15 -39.70 -9.41
N VAL E 151 -25.23 -39.70 -8.44
CA VAL E 151 -23.94 -40.37 -8.54
C VAL E 151 -23.86 -41.48 -7.50
N ALA E 152 -23.33 -42.62 -7.90
CA ALA E 152 -23.07 -43.74 -6.99
C ALA E 152 -21.73 -44.37 -7.34
N TRP E 153 -20.88 -44.58 -6.36
CA TRP E 153 -19.54 -45.11 -6.58
C TRP E 153 -19.49 -46.61 -6.34
N LYS E 154 -18.59 -47.29 -7.04
CA LYS E 154 -18.39 -48.74 -6.91
C LYS E 154 -16.92 -49.00 -6.60
N ALA E 155 -16.68 -49.86 -5.60
CA ALA E 155 -15.37 -50.43 -5.33
C ALA E 155 -15.37 -51.87 -5.84
N ASP E 156 -14.53 -52.13 -6.84
CA ASP E 156 -14.66 -53.33 -7.67
C ASP E 156 -16.06 -53.39 -8.25
N SER E 157 -16.89 -54.32 -7.78
CA SER E 157 -18.25 -54.40 -8.30
C SER E 157 -19.33 -54.09 -7.27
N SER E 158 -18.94 -53.78 -5.94
CA SER E 158 -19.78 -53.48 -4.78
C SER E 158 -19.90 -51.98 -4.56
N PRO E 159 -21.10 -51.49 -4.22
CA PRO E 159 -21.26 -50.06 -3.91
C PRO E 159 -20.38 -49.63 -2.76
N VAL E 160 -19.92 -48.38 -2.81
CA VAL E 160 -19.16 -47.75 -1.74
C VAL E 160 -19.72 -46.35 -1.51
N LYS E 161 -20.04 -46.04 -0.25
CA LYS E 161 -20.58 -44.73 0.08
C LYS E 161 -19.80 -43.98 1.16
N ALA E 162 -18.91 -44.64 1.89
CA ALA E 162 -17.99 -43.92 2.77
C ALA E 162 -17.04 -43.09 1.91
N GLY E 163 -16.88 -41.81 2.29
CA GLY E 163 -15.89 -40.98 1.64
C GLY E 163 -16.31 -40.32 0.34
N VAL E 164 -17.61 -40.19 0.07
CA VAL E 164 -18.12 -39.57 -1.14
C VAL E 164 -18.59 -38.16 -0.83
N GLU E 165 -18.12 -37.18 -1.61
CA GLU E 165 -18.60 -35.81 -1.52
C GLU E 165 -18.94 -35.35 -2.94
N THR E 166 -20.16 -34.84 -3.13
CA THR E 166 -20.66 -34.47 -4.45
C THR E 166 -21.24 -33.06 -4.41
N THR E 167 -20.89 -32.25 -5.39
CA THR E 167 -21.43 -30.91 -5.48
C THR E 167 -22.85 -30.95 -6.03
N THR E 168 -23.63 -29.93 -5.68
CA THR E 168 -24.88 -29.70 -6.36
C THR E 168 -24.62 -29.15 -7.76
N PRO E 169 -25.45 -29.50 -8.75
CA PRO E 169 -25.22 -29.01 -10.11
C PRO E 169 -25.29 -27.49 -10.20
N SER E 170 -24.56 -26.94 -11.17
CA SER E 170 -24.52 -25.50 -11.39
C SER E 170 -24.51 -25.20 -12.88
N LYS E 171 -25.14 -24.09 -13.23
CA LYS E 171 -25.32 -23.69 -14.63
C LYS E 171 -23.99 -23.20 -15.20
N GLN E 172 -23.40 -23.94 -16.13
CA GLN E 172 -22.24 -23.42 -16.84
C GLN E 172 -22.64 -22.23 -17.71
N SER E 173 -21.63 -21.65 -18.39
CA SER E 173 -21.86 -20.51 -19.26
C SER E 173 -22.53 -20.88 -20.58
N ASN E 174 -22.46 -22.13 -21.00
CA ASN E 174 -23.18 -22.61 -22.17
C ASN E 174 -24.62 -22.99 -21.86
N ASN E 175 -25.15 -22.61 -20.69
CA ASN E 175 -26.52 -22.88 -20.27
C ASN E 175 -26.82 -24.37 -20.13
N LYS E 176 -25.78 -25.21 -20.06
CA LYS E 176 -25.88 -26.59 -19.58
C LYS E 176 -25.29 -26.69 -18.16
N TYR E 177 -25.51 -27.83 -17.50
CA TYR E 177 -25.14 -27.99 -16.09
C TYR E 177 -23.91 -28.87 -15.93
N ALA E 178 -23.18 -28.66 -14.82
CA ALA E 178 -22.03 -29.48 -14.45
C ALA E 178 -21.99 -29.71 -12.94
N ALA E 179 -21.38 -30.82 -12.54
CA ALA E 179 -21.15 -31.16 -11.14
C ALA E 179 -19.94 -32.07 -11.05
N SER E 180 -19.43 -32.24 -9.83
CA SER E 180 -18.29 -33.14 -9.62
C SER E 180 -18.47 -33.90 -8.31
N SER E 181 -17.90 -35.11 -8.28
CA SER E 181 -17.95 -35.99 -7.12
C SER E 181 -16.56 -36.51 -6.82
N TYR E 182 -16.22 -36.53 -5.54
CA TYR E 182 -14.91 -36.93 -5.03
C TYR E 182 -15.06 -38.13 -4.11
N LEU E 183 -14.24 -39.16 -4.33
CA LEU E 183 -14.17 -40.31 -3.45
C LEU E 183 -12.82 -40.32 -2.76
N SER E 184 -12.84 -40.22 -1.43
CA SER E 184 -11.61 -40.24 -0.63
C SER E 184 -11.30 -41.66 -0.17
N LEU E 185 -10.07 -42.08 -0.43
CA LEU E 185 -9.58 -43.40 -0.04
C LEU E 185 -8.21 -43.22 0.58
N THR E 186 -7.81 -44.21 1.39
CA THR E 186 -6.42 -44.32 1.76
C THR E 186 -5.66 -44.93 0.58
N PRO E 187 -4.35 -44.69 0.48
CA PRO E 187 -3.58 -45.37 -0.56
C PRO E 187 -3.74 -46.88 -0.51
N GLU E 188 -3.89 -47.44 0.68
CA GLU E 188 -4.08 -48.89 0.81
C GLU E 188 -5.38 -49.33 0.17
N GLN E 189 -6.50 -48.64 0.46
CA GLN E 189 -7.76 -49.01 -0.17
C GLN E 189 -7.68 -48.88 -1.69
N TRP E 190 -7.00 -47.84 -2.18
CA TRP E 190 -6.84 -47.67 -3.62
C TRP E 190 -6.05 -48.81 -4.24
N LYS E 191 -4.92 -49.19 -3.61
CA LYS E 191 -4.07 -50.23 -4.17
C LYS E 191 -4.57 -51.63 -3.85
N SER E 192 -5.49 -51.80 -2.91
CA SER E 192 -5.93 -53.13 -2.52
C SER E 192 -7.14 -53.61 -3.29
N HIS E 193 -7.80 -52.73 -4.04
CA HIS E 193 -8.92 -53.12 -4.87
C HIS E 193 -8.48 -53.12 -6.32
N ARG E 194 -9.20 -53.86 -7.15
CA ARG E 194 -8.80 -53.97 -8.54
C ARG E 194 -9.40 -52.91 -9.44
N SER E 195 -10.49 -52.25 -9.03
CA SER E 195 -11.00 -51.12 -9.78
C SER E 195 -11.90 -50.27 -8.89
N TYR E 196 -12.18 -49.06 -9.36
CA TYR E 196 -13.21 -48.20 -8.81
C TYR E 196 -14.00 -47.59 -9.95
N SER E 197 -15.30 -47.37 -9.73
CA SER E 197 -16.16 -46.80 -10.75
C SER E 197 -17.00 -45.66 -10.19
N CYS E 198 -17.33 -44.70 -11.05
CA CYS E 198 -18.09 -43.52 -10.67
C CYS E 198 -19.60 -43.61 -10.93
N GLN E 199 -20.03 -44.09 -12.10
CA GLN E 199 -21.44 -44.39 -12.35
C GLN E 199 -22.41 -43.22 -12.14
N VAL E 200 -22.80 -42.57 -13.23
CA VAL E 200 -23.57 -41.34 -13.21
C VAL E 200 -24.88 -41.56 -13.97
N THR E 201 -26.01 -41.26 -13.34
CA THR E 201 -27.33 -41.47 -13.92
C THR E 201 -28.05 -40.16 -14.18
N HIS E 202 -28.61 -40.03 -15.38
CA HIS E 202 -29.30 -38.82 -15.81
C HIS E 202 -30.45 -39.24 -16.70
N GLU E 203 -31.68 -38.97 -16.25
CA GLU E 203 -32.89 -39.29 -17.00
C GLU E 203 -32.99 -40.80 -17.26
N GLY E 204 -32.79 -41.60 -16.21
CA GLY E 204 -32.93 -43.03 -16.30
C GLY E 204 -31.80 -43.77 -16.97
N SER E 205 -30.91 -43.09 -17.68
CA SER E 205 -29.79 -43.73 -18.36
C SER E 205 -28.53 -43.54 -17.53
N THR E 206 -27.67 -44.56 -17.53
CA THR E 206 -26.50 -44.61 -16.66
C THR E 206 -25.22 -44.59 -17.47
N VAL E 207 -24.37 -43.61 -17.21
CA VAL E 207 -23.01 -43.56 -17.75
C VAL E 207 -22.06 -43.96 -16.64
N GLU E 208 -21.09 -44.80 -16.95
CA GLU E 208 -20.18 -45.28 -15.93
C GLU E 208 -18.75 -45.23 -16.46
N LYS E 209 -17.82 -44.81 -15.61
CA LYS E 209 -16.40 -44.81 -15.91
C LYS E 209 -15.65 -45.54 -14.81
N THR E 210 -14.55 -46.16 -15.19
CA THR E 210 -13.81 -47.05 -14.31
C THR E 210 -12.32 -46.78 -14.45
N VAL E 211 -11.61 -46.77 -13.32
CA VAL E 211 -10.17 -46.62 -13.29
C VAL E 211 -9.61 -47.70 -12.38
N ALA E 212 -8.33 -48.02 -12.60
CA ALA E 212 -7.66 -49.10 -11.89
C ALA E 212 -6.23 -48.69 -11.60
N PRO E 213 -5.63 -49.21 -10.52
CA PRO E 213 -4.22 -48.99 -10.14
C PRO E 213 -3.19 -49.65 -11.06
N PRO F 1 -49.44 3.40 3.74
CA PRO F 1 -48.77 4.71 3.72
C PRO F 1 -48.31 5.12 2.32
N LEU F 2 -47.53 6.19 2.27
CA LEU F 2 -47.00 6.75 1.04
C LEU F 2 -45.48 6.57 0.97
N GLN F 3 -45.01 6.09 -0.17
CA GLN F 3 -43.59 5.86 -0.38
C GLN F 3 -42.84 7.17 -0.58
N PRO F 4 -41.78 7.44 0.18
CA PRO F 4 -41.01 8.67 -0.04
C PRO F 4 -40.28 8.62 -1.37
N GLN F 5 -39.86 9.81 -1.82
CA GLN F 5 -39.14 9.87 -3.09
C GLN F 5 -37.82 9.11 -3.02
N GLN F 6 -37.18 9.09 -1.84
CA GLN F 6 -35.91 8.42 -1.70
C GLN F 6 -35.83 7.84 -0.31
N PRO F 7 -35.32 6.62 -0.15
CA PRO F 7 -35.32 6.01 1.19
C PRO F 7 -34.35 6.65 2.15
N PHE F 8 -33.24 7.23 1.66
CA PHE F 8 -32.13 7.64 2.52
C PHE F 8 -31.80 9.11 2.33
N PRO F 9 -32.68 10.04 2.76
CA PRO F 9 -32.35 11.46 2.65
C PRO F 9 -31.41 11.91 3.77
N GLU G 1 -5.55 -10.50 -24.63
CA GLU G 1 -4.36 -11.19 -25.12
C GLU G 1 -3.21 -10.97 -24.11
N VAL G 2 -2.01 -10.75 -24.64
CA VAL G 2 -0.89 -10.24 -23.86
C VAL G 2 -1.21 -8.83 -23.39
N GLN G 3 -0.86 -8.54 -22.13
CA GLN G 3 -0.95 -7.17 -21.62
C GLN G 3 0.32 -6.84 -20.84
N LEU G 4 0.83 -5.62 -21.06
CA LEU G 4 1.98 -5.08 -20.33
C LEU G 4 1.55 -3.73 -19.75
N LEU G 5 1.47 -3.65 -18.43
CA LEU G 5 0.91 -2.48 -17.78
C LEU G 5 1.99 -1.86 -16.89
N GLU G 6 2.42 -0.65 -17.23
CA GLU G 6 3.50 -0.01 -16.51
C GLU G 6 2.98 0.94 -15.44
N SER G 7 3.86 1.20 -14.46
CA SER G 7 3.59 2.15 -13.40
C SER G 7 4.93 2.61 -12.82
N GLY G 8 4.87 3.66 -12.00
CA GLY G 8 6.03 4.13 -11.26
C GLY G 8 6.65 5.42 -11.77
N GLY G 9 6.22 5.93 -12.91
CA GLY G 9 6.78 7.17 -13.42
C GLY G 9 6.50 8.34 -12.50
N GLY G 10 7.31 9.37 -12.62
CA GLY G 10 7.10 10.56 -11.82
C GLY G 10 8.25 11.53 -11.98
N LEU G 11 8.28 12.50 -11.08
CA LEU G 11 9.26 13.57 -11.11
C LEU G 11 10.37 13.26 -10.12
N VAL G 12 11.61 13.47 -10.55
CA VAL G 12 12.78 13.10 -9.77
C VAL G 12 13.80 14.23 -9.87
N GLN G 13 14.50 14.49 -8.77
CA GLN G 13 15.59 15.45 -8.79
C GLN G 13 16.79 14.85 -9.54
N PRO G 14 17.61 15.69 -10.15
CA PRO G 14 18.87 15.18 -10.72
C PRO G 14 19.71 14.52 -9.63
N GLY G 15 20.29 13.37 -9.97
CA GLY G 15 20.98 12.54 -9.00
C GLY G 15 20.09 11.58 -8.25
N GLY G 16 18.78 11.67 -8.39
CA GLY G 16 17.87 10.85 -7.64
C GLY G 16 17.64 9.49 -8.26
N SER G 17 16.71 8.75 -7.67
CA SER G 17 16.43 7.36 -8.00
C SER G 17 14.93 7.15 -8.18
N LEU G 18 14.58 6.15 -8.99
CA LEU G 18 13.20 5.81 -9.27
C LEU G 18 13.17 4.38 -9.79
N ARG G 19 12.12 3.64 -9.47
CA ARG G 19 11.95 2.28 -9.98
C ARG G 19 10.64 2.20 -10.76
N LEU G 20 10.70 1.71 -12.00
CA LEU G 20 9.52 1.47 -12.80
C LEU G 20 9.12 -0.02 -12.75
N SER G 21 7.83 -0.28 -12.85
CA SER G 21 7.31 -1.64 -12.87
C SER G 21 6.50 -1.88 -14.13
N CYS G 22 6.51 -3.12 -14.60
CA CYS G 22 5.74 -3.53 -15.76
C CYS G 22 5.10 -4.86 -15.43
N ALA G 23 3.79 -4.84 -15.18
CA ALA G 23 3.03 -6.03 -14.84
C ALA G 23 2.57 -6.74 -16.11
N ALA G 24 2.98 -8.01 -16.27
CA ALA G 24 2.68 -8.77 -17.47
C ALA G 24 1.59 -9.80 -17.19
N SER G 25 0.78 -10.07 -18.21
CA SER G 25 -0.26 -11.07 -18.14
C SER G 25 -0.55 -11.59 -19.53
N GLY G 26 -1.14 -12.78 -19.60
CA GLY G 26 -1.56 -13.36 -20.85
C GLY G 26 -0.55 -14.26 -21.52
N PHE G 27 0.61 -14.47 -20.91
CA PHE G 27 1.63 -15.36 -21.46
C PHE G 27 2.53 -15.85 -20.33
N THR G 28 3.26 -16.92 -20.59
CA THR G 28 4.17 -17.48 -19.61
C THR G 28 5.36 -16.54 -19.51
N PHE G 29 5.31 -15.64 -18.53
CA PHE G 29 6.28 -14.57 -18.39
C PHE G 29 7.72 -15.08 -18.40
N SER G 30 8.01 -16.08 -17.56
CA SER G 30 9.38 -16.52 -17.33
C SER G 30 10.04 -17.13 -18.55
N THR G 31 9.28 -17.48 -19.58
CA THR G 31 9.86 -18.02 -20.81
C THR G 31 10.53 -16.96 -21.66
N TYR G 32 10.13 -15.69 -21.54
CA TYR G 32 10.52 -14.70 -22.53
C TYR G 32 11.36 -13.59 -21.91
N ALA G 33 12.38 -13.18 -22.65
CA ALA G 33 13.14 -11.99 -22.31
C ALA G 33 12.28 -10.74 -22.47
N MET G 34 12.56 -9.74 -21.63
CA MET G 34 11.79 -8.51 -21.58
C MET G 34 12.74 -7.31 -21.70
N SER G 35 12.22 -6.23 -22.29
CA SER G 35 13.05 -5.08 -22.61
C SER G 35 12.44 -3.79 -22.10
N TRP G 36 13.29 -2.80 -21.89
CA TRP G 36 12.88 -1.44 -21.66
C TRP G 36 13.38 -0.59 -22.81
N VAL G 37 12.52 0.32 -23.26
CA VAL G 37 12.79 1.25 -24.36
C VAL G 37 12.35 2.62 -23.85
N ARG G 38 13.01 3.67 -24.31
CA ARG G 38 12.56 5.00 -23.90
C ARG G 38 12.52 5.95 -25.08
N GLN G 39 11.81 7.06 -24.88
CA GLN G 39 11.64 8.08 -25.91
C GLN G 39 11.64 9.44 -25.25
N ALA G 40 12.71 10.21 -25.48
CA ALA G 40 12.78 11.57 -24.99
C ALA G 40 11.81 12.45 -25.79
N PRO G 41 11.39 13.59 -25.24
CA PRO G 41 10.38 14.40 -25.92
C PRO G 41 10.83 14.79 -27.33
N GLY G 42 10.00 14.49 -28.32
CA GLY G 42 10.31 14.83 -29.69
C GLY G 42 11.43 14.06 -30.35
N LYS G 43 11.88 12.95 -29.77
CA LYS G 43 12.96 12.11 -30.32
C LYS G 43 12.44 10.72 -30.64
N GLY G 44 13.34 9.85 -31.13
CA GLY G 44 12.96 8.51 -31.51
C GLY G 44 13.06 7.50 -30.39
N LEU G 45 12.67 6.28 -30.70
CA LEU G 45 12.74 5.21 -29.72
C LEU G 45 14.20 4.82 -29.50
N GLU G 46 14.56 4.60 -28.24
CA GLU G 46 15.91 4.26 -27.85
C GLU G 46 15.87 3.05 -26.91
N TRP G 47 16.62 2.00 -27.25
CA TRP G 47 16.68 0.83 -26.41
C TRP G 47 17.38 1.18 -25.10
N VAL G 48 16.87 0.64 -24.01
CA VAL G 48 17.41 0.87 -22.66
C VAL G 48 18.06 -0.38 -22.09
N SER G 49 17.31 -1.49 -22.02
CA SER G 49 17.80 -2.68 -21.33
C SER G 49 17.04 -3.92 -21.77
N GLY G 50 17.66 -5.07 -21.55
CA GLY G 50 17.01 -6.34 -21.74
C GLY G 50 17.38 -7.28 -20.60
N ILE G 51 16.51 -8.26 -20.35
CA ILE G 51 16.77 -9.26 -19.32
C ILE G 51 16.22 -10.61 -19.80
N SER G 52 17.01 -11.66 -19.58
CA SER G 52 16.61 -12.99 -20.01
C SER G 52 15.41 -13.50 -19.22
N GLY G 53 14.76 -14.54 -19.75
CA GLY G 53 13.57 -15.08 -19.11
C GLY G 53 13.78 -15.48 -17.66
N SER G 54 14.92 -16.11 -17.35
CA SER G 54 15.21 -16.52 -15.98
C SER G 54 15.68 -15.37 -15.10
N GLY G 55 16.06 -14.24 -15.69
CA GLY G 55 16.65 -13.14 -14.93
C GLY G 55 18.14 -13.22 -14.70
N GLY G 56 18.80 -14.28 -15.18
CA GLY G 56 20.22 -14.45 -14.94
C GLY G 56 21.12 -13.60 -15.81
N SER G 57 20.61 -13.09 -16.93
CA SER G 57 21.42 -12.32 -17.87
C SER G 57 20.77 -10.98 -18.12
N THR G 58 21.52 -9.90 -17.95
CA THR G 58 20.98 -8.56 -18.17
C THR G 58 21.86 -7.81 -19.17
N TYR G 59 21.25 -6.84 -19.85
CA TYR G 59 21.87 -6.16 -20.99
C TYR G 59 21.44 -4.69 -20.99
N TYR G 60 22.38 -3.79 -21.26
CA TYR G 60 22.09 -2.35 -21.16
C TYR G 60 22.69 -1.58 -22.32
N ALA G 61 21.97 -0.54 -22.76
CA ALA G 61 22.56 0.44 -23.65
C ALA G 61 23.66 1.22 -22.92
N ASP G 62 24.67 1.64 -23.68
CA ASP G 62 25.80 2.36 -23.09
C ASP G 62 25.36 3.62 -22.36
N SER G 63 24.27 4.24 -22.82
CA SER G 63 23.84 5.49 -22.22
C SER G 63 23.34 5.33 -20.79
N VAL G 64 23.02 4.11 -20.37
CA VAL G 64 22.46 3.88 -19.03
C VAL G 64 23.29 2.91 -18.20
N LYS G 65 24.33 2.30 -18.79
CA LYS G 65 25.11 1.27 -18.12
C LYS G 65 25.71 1.83 -16.84
N GLY G 66 25.59 1.05 -15.75
CA GLY G 66 26.10 1.46 -14.46
C GLY G 66 25.17 2.33 -13.64
N ARG G 67 24.14 2.91 -14.26
CA ARG G 67 23.16 3.69 -13.51
C ARG G 67 21.78 3.05 -13.45
N PHE G 68 21.38 2.32 -14.49
CA PHE G 68 20.10 1.63 -14.51
C PHE G 68 20.33 0.14 -14.35
N THR G 69 19.45 -0.48 -13.56
CA THR G 69 19.47 -1.92 -13.32
C THR G 69 18.08 -2.49 -13.60
N THR G 70 18.02 -3.60 -14.34
CA THR G 70 16.76 -4.27 -14.64
C THR G 70 16.70 -5.61 -13.90
N SER G 71 15.53 -5.93 -13.38
CA SER G 71 15.32 -7.21 -12.71
C SER G 71 13.90 -7.68 -13.01
N ARG G 72 13.58 -8.89 -12.54
CA ARG G 72 12.25 -9.41 -12.76
C ARG G 72 11.86 -10.34 -11.62
N ASP G 73 10.57 -10.42 -11.35
CA ASP G 73 10.01 -11.35 -10.39
C ASP G 73 9.08 -12.27 -11.18
N ASN G 74 9.47 -13.54 -11.31
CA ASN G 74 8.76 -14.52 -12.14
C ASN G 74 7.61 -15.22 -11.41
N SER G 75 7.22 -14.76 -10.22
CA SER G 75 5.96 -15.18 -9.60
C SER G 75 4.91 -14.08 -9.66
N LYS G 76 5.33 -12.84 -9.50
CA LYS G 76 4.48 -11.70 -9.74
C LYS G 76 4.33 -11.39 -11.22
N ASN G 77 5.11 -12.03 -12.09
CA ASN G 77 5.13 -11.75 -13.52
C ASN G 77 5.35 -10.26 -13.77
N THR G 78 6.36 -9.69 -13.10
CA THR G 78 6.63 -8.27 -13.15
C THR G 78 8.08 -8.00 -13.54
N LEU G 79 8.27 -7.05 -14.45
CA LEU G 79 9.57 -6.55 -14.85
C LEU G 79 9.84 -5.20 -14.19
N TYR G 80 11.09 -4.94 -13.83
CA TYR G 80 11.47 -3.70 -13.14
C TYR G 80 12.62 -3.02 -13.88
N LEU G 81 12.70 -1.71 -13.70
CA LEU G 81 13.86 -0.92 -14.10
C LEU G 81 14.21 -0.02 -12.91
N GLN G 82 15.34 -0.28 -12.29
CA GLN G 82 15.79 0.52 -11.15
C GLN G 82 16.77 1.57 -11.65
N MET G 83 16.42 2.83 -11.50
CA MET G 83 17.23 3.95 -11.96
C MET G 83 17.90 4.60 -10.77
N ASN G 84 19.22 4.75 -10.84
CA ASN G 84 19.97 5.58 -9.91
C ASN G 84 20.77 6.60 -10.70
N SER G 85 21.20 7.65 -9.99
CA SER G 85 22.00 8.72 -10.57
C SER G 85 21.33 9.30 -11.81
N LEU G 86 20.04 9.62 -11.68
CA LEU G 86 19.30 10.12 -12.83
C LEU G 86 19.80 11.51 -13.24
N ARG G 87 19.73 11.76 -14.55
CA ARG G 87 20.16 13.01 -15.16
C ARG G 87 19.00 13.64 -15.91
N ALA G 88 19.11 14.95 -16.14
CA ALA G 88 18.08 15.67 -16.88
C ALA G 88 17.76 14.96 -18.21
N GLU G 89 18.79 14.48 -18.92
CA GLU G 89 18.58 13.87 -20.22
C GLU G 89 17.99 12.45 -20.14
N ASP G 90 17.77 11.91 -18.94
CA ASP G 90 17.01 10.68 -18.83
C ASP G 90 15.50 10.93 -18.90
N THR G 91 15.09 12.19 -18.98
CA THR G 91 13.67 12.50 -19.11
C THR G 91 13.12 11.85 -20.37
N ALA G 92 12.05 11.07 -20.22
CA ALA G 92 11.53 10.30 -21.34
C ALA G 92 10.29 9.57 -20.90
N VAL G 93 9.49 9.16 -21.88
CA VAL G 93 8.53 8.09 -21.65
C VAL G 93 9.26 6.76 -21.78
N TYR G 94 9.12 5.91 -20.76
CA TYR G 94 9.74 4.60 -20.72
C TYR G 94 8.70 3.54 -21.03
N TYR G 95 9.02 2.64 -21.95
CA TYR G 95 8.15 1.55 -22.39
C TYR G 95 8.80 0.22 -22.07
N CYS G 96 8.06 -0.67 -21.42
CA CYS G 96 8.40 -2.08 -21.41
C CYS G 96 7.89 -2.76 -22.69
N ALA G 97 8.59 -3.80 -23.13
CA ALA G 97 8.21 -4.44 -24.38
C ALA G 97 8.71 -5.88 -24.35
N LYS G 98 8.02 -6.73 -25.12
CA LYS G 98 8.41 -8.11 -25.31
C LYS G 98 8.74 -8.28 -26.79
N PHE G 99 10.02 -8.38 -27.09
CA PHE G 99 10.48 -8.60 -28.46
C PHE G 99 10.83 -10.07 -28.61
N SER G 100 10.13 -10.75 -29.51
CA SER G 100 10.19 -12.20 -29.57
C SER G 100 11.33 -12.73 -30.44
N GLY G 101 11.96 -11.89 -31.26
CA GLY G 101 13.02 -12.39 -32.12
C GLY G 101 12.50 -13.35 -33.18
N LYS G 102 13.31 -14.38 -33.46
CA LYS G 102 12.96 -15.44 -34.39
C LYS G 102 13.07 -16.78 -33.68
N ASP G 103 12.84 -17.87 -34.43
CA ASP G 103 12.69 -19.25 -33.96
C ASP G 103 11.24 -19.53 -33.58
N CYS G 104 10.45 -18.47 -33.38
CA CYS G 104 9.03 -18.64 -33.12
C CYS G 104 8.34 -18.70 -34.47
N SER G 105 7.03 -18.97 -34.51
CA SER G 105 6.43 -19.17 -35.83
C SER G 105 5.31 -18.22 -36.19
N GLY G 106 4.12 -18.44 -35.65
CA GLY G 106 2.93 -17.68 -36.00
C GLY G 106 2.73 -16.54 -35.01
N THR G 107 1.64 -16.62 -34.25
CA THR G 107 1.31 -15.56 -33.31
C THR G 107 2.31 -15.45 -32.16
N SER G 108 3.12 -16.49 -31.92
CA SER G 108 4.17 -16.41 -30.91
C SER G 108 5.31 -15.46 -31.30
N CYS G 109 5.45 -15.10 -32.58
CA CYS G 109 6.50 -14.18 -33.03
C CYS G 109 6.08 -12.71 -33.00
N ARG G 110 4.90 -12.41 -32.48
CA ARG G 110 4.49 -11.02 -32.37
C ARG G 110 5.30 -10.33 -31.29
N ASP G 111 5.47 -9.02 -31.44
CA ASP G 111 6.03 -8.20 -30.37
C ASP G 111 4.90 -7.47 -29.65
N TYR G 112 5.16 -7.06 -28.41
CA TYR G 112 4.16 -6.37 -27.60
C TYR G 112 4.80 -5.20 -26.86
N TRP G 113 3.99 -4.16 -26.64
CA TRP G 113 4.41 -2.90 -26.04
C TRP G 113 3.52 -2.57 -24.85
N GLY G 114 4.12 -1.99 -23.81
CA GLY G 114 3.36 -1.35 -22.75
C GLY G 114 2.84 0.00 -23.20
N GLN G 115 2.07 0.65 -22.31
CA GLN G 115 1.50 1.95 -22.64
C GLN G 115 2.45 3.10 -22.33
N GLY G 116 3.55 2.84 -21.65
CA GLY G 116 4.51 3.89 -21.35
C GLY G 116 4.23 4.58 -20.03
N THR G 117 5.30 5.06 -19.40
CA THR G 117 5.18 5.84 -18.19
C THR G 117 6.22 6.97 -18.27
N LEU G 118 5.81 8.16 -17.82
CA LEU G 118 6.61 9.36 -17.98
C LEU G 118 7.53 9.58 -16.78
N VAL G 119 8.81 9.74 -17.04
CA VAL G 119 9.81 10.03 -16.01
C VAL G 119 10.39 11.41 -16.33
N THR G 120 10.27 12.33 -15.38
CA THR G 120 10.79 13.69 -15.54
C THR G 120 11.90 13.92 -14.54
N VAL G 121 13.10 14.23 -15.03
CA VAL G 121 14.24 14.54 -14.19
C VAL G 121 14.50 16.04 -14.29
N SER G 122 14.21 16.78 -13.22
CA SER G 122 14.32 18.24 -13.22
C SER G 122 14.61 18.74 -11.81
N SER G 123 15.34 19.86 -11.74
CA SER G 123 15.57 20.52 -10.47
C SER G 123 14.38 21.39 -10.06
N ALA G 124 13.40 21.57 -10.94
CA ALA G 124 12.22 22.34 -10.59
C ALA G 124 11.28 21.54 -9.69
N SER G 125 10.61 22.25 -8.78
CA SER G 125 9.75 21.63 -7.79
C SER G 125 8.34 21.47 -8.35
N THR G 126 7.61 20.50 -7.81
CA THR G 126 6.24 20.27 -8.23
C THR G 126 5.34 21.41 -7.75
N LYS G 127 4.33 21.73 -8.56
CA LYS G 127 3.32 22.71 -8.21
C LYS G 127 1.95 22.26 -8.71
N GLY G 128 0.97 22.25 -7.82
CA GLY G 128 -0.39 21.91 -8.21
C GLY G 128 -1.06 23.09 -8.90
N PRO G 129 -2.06 22.80 -9.73
CA PRO G 129 -2.73 23.86 -10.49
C PRO G 129 -3.75 24.61 -9.65
N SER G 130 -4.03 25.84 -10.08
CA SER G 130 -5.24 26.53 -9.71
C SER G 130 -6.27 26.25 -10.79
N VAL G 131 -7.52 26.03 -10.38
CA VAL G 131 -8.59 25.67 -11.32
C VAL G 131 -9.63 26.76 -11.30
N PHE G 132 -9.91 27.33 -12.48
CA PHE G 132 -10.88 28.39 -12.61
C PHE G 132 -12.01 27.96 -13.53
N PRO G 133 -13.25 28.29 -13.19
CA PRO G 133 -14.36 27.97 -14.08
C PRO G 133 -14.40 28.95 -15.25
N LEU G 134 -14.77 28.43 -16.41
CA LEU G 134 -14.98 29.24 -17.60
C LEU G 134 -16.48 29.20 -17.89
N ALA G 135 -17.18 30.22 -17.39
CA ALA G 135 -18.63 30.35 -17.57
C ALA G 135 -18.93 30.68 -19.04
N PRO G 136 -20.19 30.59 -19.48
CA PRO G 136 -21.44 30.26 -18.81
C PRO G 136 -21.85 28.82 -19.06
N GLY G 144 -28.99 27.49 -29.16
CA GLY G 144 -29.37 26.51 -28.16
C GLY G 144 -28.21 25.73 -27.55
N THR G 145 -26.98 26.04 -27.95
CA THR G 145 -25.79 25.36 -27.42
C THR G 145 -24.88 26.38 -26.72
N ALA G 146 -24.26 25.97 -25.61
CA ALA G 146 -23.37 26.84 -24.84
C ALA G 146 -22.06 26.12 -24.53
N ALA G 147 -20.96 26.84 -24.60
CA ALA G 147 -19.65 26.29 -24.25
C ALA G 147 -19.24 26.77 -22.85
N LEU G 148 -18.85 25.83 -22.01
CA LEU G 148 -18.34 26.14 -20.68
C LEU G 148 -17.10 25.30 -20.45
N GLY G 149 -16.30 25.68 -19.46
CA GLY G 149 -15.05 24.96 -19.31
C GLY G 149 -14.35 25.22 -17.99
N CYS G 150 -13.11 24.75 -17.93
CA CYS G 150 -12.24 24.88 -16.77
C CYS G 150 -10.84 25.22 -17.22
N LEU G 151 -10.26 26.23 -16.58
CA LEU G 151 -8.87 26.59 -16.81
C LEU G 151 -8.02 25.96 -15.70
N VAL G 152 -7.04 25.17 -16.09
CA VAL G 152 -6.14 24.49 -15.18
C VAL G 152 -4.80 25.19 -15.30
N LYS G 153 -4.50 26.06 -14.35
CA LYS G 153 -3.45 27.06 -14.50
C LYS G 153 -2.25 26.76 -13.63
N ASP G 154 -1.05 26.83 -14.23
CA ASP G 154 0.23 26.89 -13.53
C ASP G 154 0.57 25.64 -12.72
N TYR G 155 0.83 24.52 -13.40
CA TYR G 155 1.22 23.30 -12.71
C TYR G 155 2.51 22.76 -13.30
N PHE G 156 3.16 21.90 -12.52
CA PHE G 156 4.35 21.17 -12.96
C PHE G 156 4.51 19.93 -12.09
N PRO G 157 4.88 18.81 -12.70
CA PRO G 157 5.03 18.60 -14.14
C PRO G 157 3.74 18.13 -14.77
N GLU G 158 3.80 17.71 -16.02
CA GLU G 158 2.73 16.90 -16.61
C GLU G 158 2.65 15.55 -15.88
N PRO G 159 1.49 14.86 -15.94
CA PRO G 159 0.25 15.27 -16.62
C PRO G 159 -0.85 15.70 -15.66
N VAL G 160 -1.91 16.26 -16.22
CA VAL G 160 -3.15 16.52 -15.50
C VAL G 160 -4.25 15.78 -16.23
N THR G 161 -5.22 15.26 -15.48
CA THR G 161 -6.43 14.69 -16.06
C THR G 161 -7.63 15.52 -15.68
N VAL G 162 -8.59 15.62 -16.62
CA VAL G 162 -9.84 16.32 -16.39
C VAL G 162 -10.99 15.40 -16.81
N SER G 163 -12.02 15.33 -15.97
CA SER G 163 -13.29 14.71 -16.31
C SER G 163 -14.39 15.71 -16.00
N TRP G 164 -15.59 15.39 -16.45
CA TRP G 164 -16.77 16.22 -16.20
C TRP G 164 -17.83 15.37 -15.54
N ASN G 165 -18.39 15.88 -14.43
CA ASN G 165 -19.37 15.17 -13.63
C ASN G 165 -18.92 13.74 -13.33
N SER G 166 -17.63 13.59 -13.04
CA SER G 166 -17.00 12.33 -12.63
C SER G 166 -17.19 11.21 -13.66
N GLY G 167 -17.17 11.58 -14.94
CA GLY G 167 -17.28 10.62 -16.03
C GLY G 167 -18.68 10.46 -16.56
N ALA G 168 -19.66 11.09 -15.92
CA ALA G 168 -21.03 11.06 -16.42
C ALA G 168 -21.19 11.87 -17.69
N LEU G 169 -20.32 12.86 -17.94
CA LEU G 169 -20.43 13.74 -19.10
C LEU G 169 -19.20 13.56 -19.98
N THR G 170 -19.39 12.97 -21.16
CA THR G 170 -18.26 12.77 -22.06
C THR G 170 -18.55 13.32 -23.45
N SER G 171 -19.82 13.35 -23.81
CA SER G 171 -20.20 13.82 -25.14
C SER G 171 -19.93 15.31 -25.26
N GLY G 172 -19.13 15.69 -26.27
CA GLY G 172 -18.80 17.07 -26.47
C GLY G 172 -17.70 17.62 -25.60
N VAL G 173 -17.02 16.76 -24.81
CA VAL G 173 -15.90 17.20 -23.98
C VAL G 173 -14.64 17.26 -24.82
N HIS G 174 -13.88 18.36 -24.70
CA HIS G 174 -12.60 18.47 -25.37
C HIS G 174 -11.61 19.10 -24.40
N THR G 175 -10.66 18.29 -23.96
CA THR G 175 -9.58 18.71 -23.08
C THR G 175 -8.37 18.93 -23.97
N PHE G 176 -7.86 20.19 -23.99
CA PHE G 176 -6.82 20.63 -24.93
C PHE G 176 -5.42 20.31 -24.40
N PRO G 177 -4.48 20.07 -25.30
CA PRO G 177 -3.08 19.93 -24.87
C PRO G 177 -2.60 21.19 -24.17
N ALA G 178 -1.70 20.99 -23.21
CA ALA G 178 -1.24 22.08 -22.37
C ALA G 178 -0.29 22.98 -23.14
N VAL G 179 -0.30 24.26 -22.79
CA VAL G 179 0.73 25.19 -23.19
C VAL G 179 1.82 25.20 -22.13
N LEU G 180 3.07 25.29 -22.56
CA LEU G 180 4.21 25.43 -21.66
C LEU G 180 4.63 26.89 -21.63
N GLN G 181 4.33 27.57 -20.53
CA GLN G 181 4.66 28.98 -20.40
C GLN G 181 6.16 29.18 -20.21
N SER G 182 6.60 30.43 -20.43
CA SER G 182 8.00 30.77 -20.27
C SER G 182 8.49 30.63 -18.84
N SER G 183 7.58 30.67 -17.86
CA SER G 183 7.89 30.43 -16.46
C SER G 183 8.23 28.97 -16.16
N GLY G 184 8.14 28.08 -17.15
CA GLY G 184 8.34 26.67 -16.91
C GLY G 184 7.13 25.93 -16.36
N LEU G 185 6.00 26.61 -16.18
CA LEU G 185 4.77 26.02 -15.71
C LEU G 185 3.84 25.74 -16.89
N TYR G 186 2.98 24.72 -16.74
CA TYR G 186 1.96 24.36 -17.73
C TYR G 186 0.60 24.93 -17.36
N SER G 187 -0.21 25.18 -18.39
CA SER G 187 -1.64 25.41 -18.23
C SER G 187 -2.37 24.67 -19.34
N LEU G 188 -3.58 24.19 -19.04
CA LEU G 188 -4.42 23.63 -20.09
C LEU G 188 -5.86 24.04 -19.80
N SER G 189 -6.74 23.79 -20.77
CA SER G 189 -8.16 24.03 -20.56
C SER G 189 -8.96 22.84 -21.09
N SER G 190 -10.14 22.64 -20.50
CA SER G 190 -11.11 21.67 -20.95
C SER G 190 -12.42 22.39 -21.18
N VAL G 191 -13.08 22.08 -22.29
CA VAL G 191 -14.33 22.73 -22.65
C VAL G 191 -15.35 21.64 -23.01
N VAL G 192 -16.60 21.90 -22.67
CA VAL G 192 -17.70 21.02 -23.07
C VAL G 192 -18.82 21.89 -23.58
N THR G 193 -19.45 21.43 -24.65
CA THR G 193 -20.59 22.09 -25.26
C THR G 193 -21.85 21.40 -24.77
N VAL G 194 -22.78 22.19 -24.23
CA VAL G 194 -24.00 21.66 -23.61
C VAL G 194 -25.19 22.47 -24.11
N PRO G 195 -26.39 21.91 -24.02
CA PRO G 195 -27.59 22.67 -24.42
C PRO G 195 -27.83 23.87 -23.51
N SER G 196 -28.19 25.00 -24.12
CA SER G 196 -28.45 26.22 -23.34
C SER G 196 -29.66 26.06 -22.43
N SER G 197 -30.65 25.27 -22.85
CA SER G 197 -31.84 25.05 -22.04
C SER G 197 -31.55 24.33 -20.72
N SER G 198 -30.42 23.64 -20.60
CA SER G 198 -30.07 22.92 -19.38
C SER G 198 -29.33 23.77 -18.35
N LEU G 199 -28.88 24.98 -18.69
CA LEU G 199 -27.96 25.71 -17.81
C LEU G 199 -28.58 26.00 -16.44
N GLY G 200 -29.86 26.36 -16.40
CA GLY G 200 -30.46 26.67 -15.11
C GLY G 200 -30.76 25.45 -14.26
N THR G 201 -30.77 24.25 -14.85
CA THR G 201 -31.19 23.04 -14.14
C THR G 201 -30.11 21.99 -13.98
N GLN G 202 -29.14 21.90 -14.90
CA GLN G 202 -28.10 20.89 -14.82
C GLN G 202 -26.81 21.50 -14.29
N THR G 203 -26.20 20.85 -13.30
CA THR G 203 -24.94 21.34 -12.77
C THR G 203 -23.78 20.65 -13.46
N TYR G 204 -22.75 21.42 -13.76
CA TYR G 204 -21.54 20.94 -14.44
C TYR G 204 -20.33 21.19 -13.54
N ILE G 205 -19.58 20.12 -13.28
CA ILE G 205 -18.41 20.14 -12.42
C ILE G 205 -17.27 19.52 -13.19
N CYS G 206 -16.14 20.21 -13.29
CA CYS G 206 -14.95 19.59 -13.85
C CYS G 206 -14.08 19.05 -12.71
N ASN G 207 -13.62 17.81 -12.87
CA ASN G 207 -12.82 17.13 -11.86
C ASN G 207 -11.40 17.06 -12.38
N VAL G 208 -10.50 17.80 -11.73
CA VAL G 208 -9.11 17.94 -12.16
C VAL G 208 -8.24 17.14 -11.19
N ASN G 209 -7.31 16.37 -11.73
CA ASN G 209 -6.41 15.56 -10.91
C ASN G 209 -4.98 15.83 -11.37
N HIS G 210 -4.12 16.22 -10.44
CA HIS G 210 -2.70 16.38 -10.72
C HIS G 210 -1.97 15.47 -9.72
N LYS G 211 -1.78 14.21 -10.12
CA LYS G 211 -1.18 13.23 -9.22
C LYS G 211 0.21 13.62 -8.74
N PRO G 212 1.10 14.22 -9.55
CA PRO G 212 2.43 14.58 -9.02
C PRO G 212 2.39 15.46 -7.80
N SER G 213 1.33 16.24 -7.59
CA SER G 213 1.24 17.13 -6.43
C SER G 213 0.12 16.75 -5.47
N ASN G 214 -0.48 15.57 -5.63
CA ASN G 214 -1.62 15.13 -4.82
C ASN G 214 -2.79 16.10 -4.87
N THR G 215 -2.98 16.77 -6.01
CA THR G 215 -4.04 17.76 -6.17
C THR G 215 -5.28 17.14 -6.80
N LYS G 216 -6.43 17.31 -6.14
CA LYS G 216 -7.74 16.89 -6.62
C LYS G 216 -8.71 18.05 -6.41
N VAL G 217 -9.26 18.59 -7.50
CA VAL G 217 -10.10 19.77 -7.43
C VAL G 217 -11.39 19.48 -8.19
N ASP G 218 -12.53 19.77 -7.57
CA ASP G 218 -13.85 19.68 -8.19
C ASP G 218 -14.41 21.09 -8.27
N LYS G 219 -14.47 21.64 -9.48
CA LYS G 219 -14.87 23.02 -9.68
C LYS G 219 -16.24 23.03 -10.38
N LYS G 220 -17.23 23.60 -9.70
CA LYS G 220 -18.55 23.78 -10.30
C LYS G 220 -18.52 24.99 -11.23
N VAL G 221 -19.05 24.83 -12.45
CA VAL G 221 -19.03 25.86 -13.47
C VAL G 221 -20.47 26.33 -13.66
N GLU G 222 -20.75 27.54 -13.19
CA GLU G 222 -22.07 28.16 -13.23
C GLU G 222 -22.12 29.26 -14.26
N PRO G 223 -23.31 29.64 -14.74
CA PRO G 223 -23.46 30.73 -15.72
C PRO G 223 -23.16 32.13 -15.16
N GLN H 1 28.76 -3.34 -36.71
CA GLN H 1 28.17 -2.03 -36.97
C GLN H 1 26.70 -2.16 -37.34
N LEU H 2 25.88 -2.66 -36.42
CA LEU H 2 24.48 -2.93 -36.75
C LEU H 2 23.70 -1.62 -36.72
N VAL H 3 23.28 -1.15 -37.89
CA VAL H 3 22.61 0.14 -38.01
C VAL H 3 21.41 -0.01 -38.94
N LEU H 4 20.31 0.64 -38.61
CA LEU H 4 19.15 0.75 -39.48
C LEU H 4 19.01 2.20 -39.94
N THR H 5 18.91 2.39 -41.26
CA THR H 5 18.83 3.73 -41.86
C THR H 5 17.44 3.94 -42.44
N GLN H 6 16.74 4.96 -41.95
CA GLN H 6 15.43 5.35 -42.45
C GLN H 6 15.42 6.84 -42.81
N SER H 7 14.78 7.16 -43.95
CA SER H 7 14.55 8.56 -44.26
C SER H 7 13.63 9.18 -43.21
N PRO H 8 13.87 10.43 -42.82
CA PRO H 8 13.07 11.02 -41.74
C PRO H 8 11.60 11.20 -42.08
N SER H 9 11.24 11.38 -43.35
CA SER H 9 9.88 11.74 -43.70
C SER H 9 9.46 11.08 -45.01
N ALA H 10 8.15 10.88 -45.13
CA ALA H 10 7.53 10.39 -46.37
C ALA H 10 6.11 10.92 -46.44
N SER H 11 5.58 10.97 -47.66
CA SER H 11 4.21 11.46 -47.84
C SER H 11 3.60 10.84 -49.08
N ALA H 12 2.27 10.70 -49.04
CA ALA H 12 1.47 10.23 -50.17
C ALA H 12 0.02 10.64 -49.92
N SER H 13 -0.79 10.53 -50.95
CA SER H 13 -2.16 11.02 -50.84
C SER H 13 -3.09 9.98 -50.22
N LEU H 14 -4.15 10.49 -49.60
CA LEU H 14 -5.26 9.68 -49.12
C LEU H 14 -5.77 8.77 -50.22
N GLY H 15 -5.96 7.48 -49.88
CA GLY H 15 -6.38 6.48 -50.84
C GLY H 15 -5.29 5.90 -51.70
N ALA H 16 -4.07 6.44 -51.65
CA ALA H 16 -2.96 5.96 -52.46
C ALA H 16 -2.11 4.98 -51.65
N SER H 17 -0.99 4.58 -52.24
CA SER H 17 -0.03 3.70 -51.60
C SER H 17 1.29 4.41 -51.35
N VAL H 18 2.02 3.93 -50.34
CA VAL H 18 3.36 4.41 -50.05
C VAL H 18 4.21 3.23 -49.62
N ARG H 19 5.48 3.25 -49.98
CA ARG H 19 6.41 2.24 -49.50
C ARG H 19 7.51 2.92 -48.71
N LEU H 20 7.68 2.51 -47.45
CA LEU H 20 8.75 3.01 -46.60
C LEU H 20 9.92 2.04 -46.63
N THR H 21 11.11 2.59 -46.50
CA THR H 21 12.33 1.81 -46.67
C THR H 21 13.16 1.84 -45.39
N CYS H 22 13.62 0.67 -44.97
CA CYS H 22 14.58 0.51 -43.90
C CYS H 22 15.78 -0.22 -44.49
N THR H 23 16.97 0.35 -44.32
CA THR H 23 18.18 -0.21 -44.92
C THR H 23 19.12 -0.72 -43.84
N LEU H 24 19.47 -2.01 -43.93
CA LEU H 24 20.43 -2.61 -43.02
C LEU H 24 21.87 -2.29 -43.42
N SER H 25 22.72 -2.06 -42.42
CA SER H 25 24.12 -1.76 -42.62
C SER H 25 24.85 -2.96 -43.23
N SER H 26 26.02 -2.68 -43.82
CA SER H 26 26.76 -3.72 -44.54
C SER H 26 27.10 -4.88 -43.61
N GLY H 27 27.00 -6.10 -44.15
CA GLY H 27 27.26 -7.32 -43.42
C GLY H 27 26.09 -7.89 -42.64
N HIS H 28 24.92 -7.26 -42.71
CA HIS H 28 23.76 -7.72 -41.97
C HIS H 28 22.54 -7.84 -42.90
N SER H 29 22.78 -8.00 -44.21
CA SER H 29 21.70 -7.95 -45.18
C SER H 29 20.74 -9.12 -45.02
N SER H 30 21.08 -10.13 -44.23
CA SER H 30 20.22 -11.26 -43.97
C SER H 30 19.37 -11.10 -42.70
N TYR H 31 19.49 -9.98 -42.00
CA TYR H 31 18.88 -9.86 -40.68
C TYR H 31 17.38 -9.64 -40.77
N VAL H 32 16.68 -10.14 -39.76
CA VAL H 32 15.25 -9.90 -39.58
C VAL H 32 15.06 -8.55 -38.90
N ILE H 33 14.07 -7.79 -39.36
CA ILE H 33 13.68 -6.55 -38.70
C ILE H 33 12.20 -6.64 -38.34
N ALA H 34 11.77 -5.70 -37.50
CA ALA H 34 10.36 -5.52 -37.20
C ALA H 34 9.99 -4.09 -37.48
N TRP H 35 8.74 -3.90 -37.90
CA TRP H 35 8.16 -2.58 -38.08
C TRP H 35 7.25 -2.26 -36.91
N HIS H 36 7.42 -1.07 -36.32
CA HIS H 36 6.53 -0.57 -35.27
C HIS H 36 5.98 0.78 -35.70
N GLN H 37 4.70 1.00 -35.43
CA GLN H 37 4.00 2.24 -35.75
C GLN H 37 3.73 3.03 -34.49
N GLN H 38 3.97 4.34 -34.55
CA GLN H 38 3.67 5.21 -33.42
C GLN H 38 2.93 6.46 -33.89
N GLN H 39 1.62 6.51 -33.64
CA GLN H 39 0.86 7.72 -33.86
C GLN H 39 1.26 8.77 -32.84
N SER H 40 1.09 10.04 -33.21
CA SER H 40 1.59 11.13 -32.36
C SER H 40 0.96 11.05 -30.98
N GLU H 41 1.81 11.19 -29.95
CA GLU H 41 1.40 11.19 -28.54
C GLU H 41 0.72 9.89 -28.14
N LYS H 42 1.06 8.80 -28.83
CA LYS H 42 0.59 7.46 -28.50
C LYS H 42 1.80 6.55 -28.32
N GLY H 43 1.56 5.37 -27.76
CA GLY H 43 2.60 4.37 -27.63
C GLY H 43 2.75 3.53 -28.89
N PRO H 44 3.90 2.87 -29.05
CA PRO H 44 4.14 2.10 -30.27
C PRO H 44 3.20 0.93 -30.43
N ARG H 45 3.00 0.53 -31.68
CA ARG H 45 2.21 -0.65 -32.02
C ARG H 45 3.03 -1.51 -32.95
N TYR H 46 3.24 -2.77 -32.56
CA TYR H 46 3.95 -3.69 -33.44
C TYR H 46 3.11 -4.00 -34.68
N LEU H 47 3.77 -4.01 -35.83
CA LEU H 47 3.09 -4.30 -37.08
C LEU H 47 3.43 -5.70 -37.59
N MET H 48 4.71 -5.99 -37.81
CA MET H 48 5.10 -7.25 -38.46
C MET H 48 6.62 -7.35 -38.45
N LYS H 49 7.10 -8.52 -38.85
CA LYS H 49 8.51 -8.74 -39.07
C LYS H 49 8.75 -9.00 -40.55
N VAL H 50 9.96 -8.68 -41.02
CA VAL H 50 10.32 -8.85 -42.44
C VAL H 50 11.70 -9.51 -42.48
N ASN H 51 11.77 -10.69 -43.10
CA ASN H 51 13.01 -11.43 -43.27
C ASN H 51 13.49 -11.26 -44.71
N SER H 52 14.60 -11.93 -45.04
CA SER H 52 15.12 -11.86 -46.40
C SER H 52 14.15 -12.48 -47.39
N ASP H 53 13.51 -13.59 -47.00
CA ASP H 53 12.50 -14.25 -47.83
C ASP H 53 11.17 -13.52 -47.75
N GLY H 54 11.18 -12.24 -47.38
CA GLY H 54 9.97 -11.51 -47.09
C GLY H 54 9.33 -11.88 -45.76
N SER H 55 8.30 -12.71 -45.81
CA SER H 55 7.60 -13.21 -44.63
C SER H 55 6.96 -12.10 -43.84
N HIS H 56 6.13 -12.48 -42.86
CA HIS H 56 5.52 -11.56 -41.93
C HIS H 56 5.40 -12.29 -40.59
N SER H 57 4.68 -11.65 -39.67
CA SER H 57 4.18 -12.26 -38.45
C SER H 57 3.27 -11.21 -37.82
N LYS H 58 2.24 -10.81 -38.56
CA LYS H 58 1.50 -9.59 -38.27
C LYS H 58 0.90 -9.60 -36.87
N GLY H 59 0.93 -8.45 -36.20
CA GLY H 59 0.28 -8.32 -34.93
C GLY H 59 -1.21 -8.46 -35.06
N ASP H 60 -1.88 -8.57 -33.91
CA ASP H 60 -3.32 -8.79 -33.93
C ASP H 60 -4.04 -7.56 -34.50
N GLY H 61 -4.92 -7.81 -35.47
CA GLY H 61 -5.73 -6.73 -36.00
C GLY H 61 -5.03 -5.79 -36.96
N ILE H 62 -3.85 -6.16 -37.46
CA ILE H 62 -3.14 -5.33 -38.44
C ILE H 62 -3.79 -5.55 -39.80
N PRO H 63 -4.29 -4.49 -40.45
CA PRO H 63 -5.08 -4.65 -41.67
C PRO H 63 -4.28 -5.27 -42.81
N ASP H 64 -5.00 -5.80 -43.79
CA ASP H 64 -4.32 -6.43 -44.93
C ASP H 64 -3.67 -5.41 -45.86
N ARG H 65 -4.11 -4.16 -45.82
CA ARG H 65 -3.49 -3.12 -46.63
C ARG H 65 -2.06 -2.81 -46.20
N PHE H 66 -1.63 -3.28 -45.03
CA PHE H 66 -0.24 -3.25 -44.60
C PHE H 66 0.46 -4.54 -45.04
N SER H 67 1.59 -4.40 -45.73
CA SER H 67 2.39 -5.56 -46.08
C SER H 67 3.86 -5.19 -46.01
N GLY H 68 4.71 -6.21 -45.99
CA GLY H 68 6.14 -6.02 -45.97
C GLY H 68 6.81 -6.82 -47.08
N SER H 69 8.04 -6.43 -47.40
CA SER H 69 8.81 -7.11 -48.43
C SER H 69 10.29 -6.78 -48.24
N SER H 70 11.13 -7.50 -48.98
CA SER H 70 12.57 -7.44 -48.80
C SER H 70 13.27 -7.51 -50.14
N SER H 71 14.43 -6.83 -50.23
CA SER H 71 15.29 -6.89 -51.40
C SER H 71 16.70 -6.54 -50.95
N GLY H 72 17.57 -7.54 -50.89
CA GLY H 72 18.94 -7.29 -50.47
C GLY H 72 18.97 -6.84 -49.02
N ALA H 73 19.67 -5.75 -48.78
CA ALA H 73 19.80 -5.16 -47.45
C ALA H 73 18.63 -4.26 -47.09
N GLU H 74 17.64 -4.13 -47.96
CA GLU H 74 16.54 -3.21 -47.74
C GLU H 74 15.29 -3.97 -47.32
N ARG H 75 14.55 -3.39 -46.37
CA ARG H 75 13.31 -3.95 -45.87
C ARG H 75 12.20 -2.93 -46.09
N TYR H 76 11.03 -3.39 -46.52
CA TYR H 76 9.98 -2.48 -46.96
C TYR H 76 8.72 -2.65 -46.14
N LEU H 77 8.03 -1.52 -45.94
CA LEU H 77 6.66 -1.51 -45.45
C LEU H 77 5.81 -0.79 -46.49
N THR H 78 4.80 -1.47 -47.02
CA THR H 78 3.91 -0.91 -48.03
C THR H 78 2.50 -0.80 -47.45
N ILE H 79 1.91 0.39 -47.55
CA ILE H 79 0.56 0.64 -47.07
C ILE H 79 -0.29 1.07 -48.25
N SER H 80 -1.34 0.32 -48.53
CA SER H 80 -2.27 0.67 -49.60
C SER H 80 -3.52 1.31 -49.01
N SER H 81 -4.27 1.96 -49.90
CA SER H 81 -5.50 2.68 -49.56
C SER H 81 -5.34 3.50 -48.28
N LEU H 82 -4.37 4.42 -48.31
CA LEU H 82 -4.00 5.16 -47.12
C LEU H 82 -5.21 5.86 -46.52
N GLN H 83 -5.32 5.76 -45.19
CA GLN H 83 -6.31 6.46 -44.39
C GLN H 83 -5.61 7.48 -43.49
N SER H 84 -6.40 8.40 -42.95
CA SER H 84 -5.85 9.42 -42.05
C SER H 84 -5.15 8.79 -40.85
N GLU H 85 -5.70 7.69 -40.32
CA GLU H 85 -5.11 7.03 -39.17
C GLU H 85 -3.72 6.48 -39.44
N ASP H 86 -3.33 6.35 -40.70
CA ASP H 86 -2.00 5.88 -41.06
C ASP H 86 -0.93 6.92 -40.86
N GLU H 87 -1.31 8.17 -40.59
CA GLU H 87 -0.33 9.20 -40.25
C GLU H 87 0.31 8.86 -38.91
N ALA H 88 1.61 8.63 -38.92
CA ALA H 88 2.33 8.15 -37.75
C ALA H 88 3.81 8.12 -38.08
N ASP H 89 4.60 7.85 -37.03
CA ASP H 89 6.02 7.58 -37.16
C ASP H 89 6.22 6.07 -37.23
N TYR H 90 6.95 5.61 -38.22
CA TYR H 90 7.18 4.19 -38.44
C TYR H 90 8.65 3.87 -38.18
N TYR H 91 8.88 3.04 -37.15
CA TYR H 91 10.22 2.65 -36.72
C TYR H 91 10.48 1.22 -37.17
N CYS H 92 11.58 0.99 -37.88
CA CYS H 92 12.06 -0.37 -38.00
C CYS H 92 13.02 -0.63 -36.84
N GLN H 93 13.15 -1.90 -36.51
CA GLN H 93 13.88 -2.32 -35.31
C GLN H 93 14.49 -3.67 -35.59
N THR H 94 15.70 -3.90 -35.09
CA THR H 94 16.34 -5.18 -35.29
C THR H 94 17.12 -5.52 -34.03
N TRP H 95 17.87 -6.62 -34.08
CA TRP H 95 18.67 -7.03 -32.93
C TRP H 95 19.90 -7.76 -33.40
N GLY H 96 20.91 -7.76 -32.55
CA GLY H 96 22.09 -8.58 -32.70
C GLY H 96 22.34 -9.24 -31.36
N ALA H 97 23.54 -9.78 -31.14
CA ALA H 97 23.83 -10.43 -29.88
C ALA H 97 23.82 -9.40 -28.76
N GLY H 98 22.85 -9.51 -27.86
CA GLY H 98 22.80 -8.66 -26.69
C GLY H 98 22.42 -7.21 -26.90
N ILE H 99 21.84 -6.83 -28.05
CA ILE H 99 21.45 -5.45 -28.29
C ILE H 99 20.18 -5.42 -29.13
N LEU H 100 19.38 -4.38 -28.92
CA LEU H 100 18.36 -3.94 -29.87
C LEU H 100 18.82 -2.67 -30.55
N VAL H 101 18.40 -2.50 -31.79
CA VAL H 101 18.74 -1.33 -32.58
C VAL H 101 17.45 -0.82 -33.23
N PHE H 102 17.21 0.48 -33.16
CA PHE H 102 16.09 1.12 -33.82
C PHE H 102 16.60 2.00 -34.94
N GLY H 103 15.84 2.06 -36.02
CA GLY H 103 16.04 3.11 -36.99
C GLY H 103 15.57 4.44 -36.42
N GLY H 104 15.87 5.51 -37.14
CA GLY H 104 15.47 6.85 -36.72
C GLY H 104 13.98 7.14 -36.90
N GLY H 105 13.25 6.29 -37.61
CA GLY H 105 11.83 6.50 -37.82
C GLY H 105 11.53 7.34 -39.05
N THR H 106 10.42 7.01 -39.70
CA THR H 106 9.91 7.77 -40.84
C THR H 106 8.51 8.29 -40.50
N LYS H 107 8.36 9.61 -40.42
CA LYS H 107 7.05 10.21 -40.20
C LYS H 107 6.30 10.33 -41.53
N LEU H 108 5.15 9.69 -41.60
CA LEU H 108 4.33 9.67 -42.80
C LEU H 108 3.20 10.67 -42.67
N THR H 109 3.09 11.57 -43.65
CA THR H 109 1.95 12.48 -43.73
C THR H 109 1.06 12.06 -44.88
N VAL H 110 -0.24 11.97 -44.62
CA VAL H 110 -1.21 11.57 -45.63
C VAL H 110 -1.87 12.85 -46.15
N LEU H 111 -1.48 13.27 -47.34
CA LEU H 111 -1.88 14.58 -47.83
C LEU H 111 -3.29 14.54 -48.39
N SER H 112 -3.90 15.73 -48.44
CA SER H 112 -5.11 16.00 -49.20
C SER H 112 -6.35 15.37 -48.57
N GLN H 113 -6.38 15.34 -47.23
CA GLN H 113 -7.60 15.04 -46.50
C GLN H 113 -8.53 16.25 -46.59
N PRO H 114 -9.82 16.08 -46.27
CA PRO H 114 -10.77 17.20 -46.44
C PRO H 114 -10.35 18.41 -45.62
N LYS H 115 -10.37 19.58 -46.25
CA LYS H 115 -10.08 20.81 -45.52
C LYS H 115 -11.26 21.20 -44.64
N ALA H 116 -10.96 21.78 -43.48
CA ALA H 116 -11.97 22.13 -42.49
C ALA H 116 -11.61 23.44 -41.82
N ALA H 117 -12.60 24.32 -41.66
CA ALA H 117 -12.38 25.61 -41.00
C ALA H 117 -12.35 25.44 -39.49
N PRO H 118 -11.60 26.28 -38.78
CA PRO H 118 -11.51 26.15 -37.32
C PRO H 118 -12.75 26.64 -36.61
N SER H 119 -13.13 25.91 -35.56
CA SER H 119 -14.13 26.38 -34.61
C SER H 119 -13.41 27.04 -33.43
N VAL H 120 -13.85 28.25 -33.07
CA VAL H 120 -13.14 29.09 -32.10
C VAL H 120 -14.05 29.40 -30.92
N THR H 121 -13.52 29.23 -29.71
CA THR H 121 -14.20 29.63 -28.49
C THR H 121 -13.25 30.50 -27.67
N LEU H 122 -13.71 31.68 -27.25
CA LEU H 122 -12.89 32.61 -26.47
C LEU H 122 -13.56 32.85 -25.13
N PHE H 123 -12.81 32.61 -24.04
CA PHE H 123 -13.31 32.86 -22.69
C PHE H 123 -12.61 34.05 -22.05
N PRO H 124 -13.38 34.90 -21.36
CA PRO H 124 -12.79 36.02 -20.59
C PRO H 124 -12.20 35.54 -19.27
N PRO H 125 -11.53 36.41 -18.51
CA PRO H 125 -11.06 36.01 -17.17
C PRO H 125 -12.22 35.65 -16.25
N SER H 126 -12.02 34.60 -15.45
CA SER H 126 -13.03 34.24 -14.48
C SER H 126 -12.98 35.21 -13.29
N SER H 127 -14.13 35.34 -12.61
CA SER H 127 -14.20 36.21 -11.44
C SER H 127 -13.22 35.76 -10.36
N GLU H 128 -13.05 34.44 -10.22
CA GLU H 128 -12.15 33.90 -9.21
C GLU H 128 -10.70 34.26 -9.54
N GLU H 129 -10.33 34.22 -10.82
CA GLU H 129 -8.98 34.59 -11.21
C GLU H 129 -8.71 36.06 -10.95
N LEU H 130 -9.69 36.92 -11.26
CA LEU H 130 -9.55 38.35 -11.01
C LEU H 130 -9.40 38.64 -9.51
N GLN H 131 -10.11 37.89 -8.67
CA GLN H 131 -9.94 38.05 -7.23
C GLN H 131 -8.57 37.59 -6.77
N ALA H 132 -7.90 36.72 -7.53
CA ALA H 132 -6.50 36.40 -7.31
C ALA H 132 -5.57 37.39 -8.00
N ASN H 133 -6.12 38.48 -8.54
CA ASN H 133 -5.37 39.56 -9.18
C ASN H 133 -4.54 39.09 -10.39
N LYS H 134 -5.13 38.20 -11.18
CA LYS H 134 -4.58 37.82 -12.48
C LYS H 134 -5.70 37.74 -13.50
N ALA H 135 -5.32 37.66 -14.76
CA ALA H 135 -6.29 37.63 -15.85
C ALA H 135 -5.69 36.86 -17.01
N THR H 136 -6.44 35.86 -17.47
CA THR H 136 -6.04 35.05 -18.61
C THR H 136 -7.25 34.98 -19.54
N LEU H 137 -7.01 35.29 -20.81
CA LEU H 137 -7.99 35.08 -21.86
C LEU H 137 -7.65 33.76 -22.53
N VAL H 138 -8.64 32.92 -22.73
CA VAL H 138 -8.44 31.55 -23.20
C VAL H 138 -9.15 31.45 -24.55
N CYS H 139 -8.37 31.23 -25.62
CA CYS H 139 -8.87 31.09 -26.98
C CYS H 139 -8.63 29.66 -27.45
N LEU H 140 -9.71 28.89 -27.59
CA LEU H 140 -9.63 27.49 -27.94
C LEU H 140 -10.02 27.28 -29.40
N ILE H 141 -9.17 26.57 -30.15
CA ILE H 141 -9.29 26.45 -31.59
C ILE H 141 -9.28 24.98 -31.95
N SER H 142 -10.33 24.51 -32.63
CA SER H 142 -10.40 23.07 -32.88
C SER H 142 -11.04 22.79 -34.24
N ASP H 143 -10.94 21.52 -34.64
CA ASP H 143 -11.61 20.96 -35.82
C ASP H 143 -11.08 21.53 -37.14
N PHE H 144 -9.82 21.91 -37.23
CA PHE H 144 -9.35 22.49 -38.48
C PHE H 144 -8.36 21.55 -39.18
N TYR H 145 -8.34 21.67 -40.51
CA TYR H 145 -7.44 20.92 -41.39
C TYR H 145 -7.19 21.69 -42.69
N PRO H 146 -5.91 21.77 -43.12
CA PRO H 146 -4.72 21.21 -42.47
C PRO H 146 -4.37 21.93 -41.17
N GLY H 147 -3.33 21.44 -40.49
CA GLY H 147 -2.99 21.87 -39.14
C GLY H 147 -2.14 23.11 -39.01
N ALA H 148 -2.22 24.03 -39.96
CA ALA H 148 -1.50 25.28 -39.87
C ALA H 148 -2.47 26.41 -39.56
N VAL H 149 -2.22 27.12 -38.46
CA VAL H 149 -3.02 28.28 -38.07
C VAL H 149 -2.09 29.37 -37.56
N THR H 150 -2.61 30.59 -37.59
CA THR H 150 -1.94 31.75 -37.02
C THR H 150 -2.97 32.48 -36.17
N VAL H 151 -2.56 32.85 -34.96
CA VAL H 151 -3.43 33.54 -34.02
C VAL H 151 -2.83 34.91 -33.78
N ALA H 152 -3.67 35.93 -33.82
CA ALA H 152 -3.24 37.28 -33.53
C ALA H 152 -4.30 37.93 -32.66
N TRP H 153 -3.87 38.51 -31.54
CA TRP H 153 -4.79 39.07 -30.57
C TRP H 153 -4.92 40.58 -30.75
N LYS H 154 -6.10 41.09 -30.41
CA LYS H 154 -6.40 42.52 -30.52
C LYS H 154 -6.88 43.06 -29.18
N ALA H 155 -6.34 44.21 -28.78
CA ALA H 155 -6.87 44.97 -27.65
C ALA H 155 -7.66 46.13 -28.24
N ASP H 156 -8.98 46.09 -28.05
CA ASP H 156 -9.88 46.89 -28.87
C ASP H 156 -9.58 46.54 -30.32
N SER H 157 -8.96 47.46 -31.06
CA SER H 157 -8.57 47.19 -32.43
C SER H 157 -7.06 47.17 -32.62
N SER H 158 -6.29 47.43 -31.57
CA SER H 158 -4.85 47.50 -31.79
C SER H 158 -4.21 46.15 -31.47
N PRO H 159 -3.27 45.73 -32.32
CA PRO H 159 -2.56 44.47 -32.08
C PRO H 159 -1.85 44.47 -30.74
N VAL H 160 -1.78 43.29 -30.12
CA VAL H 160 -1.07 43.09 -28.86
C VAL H 160 -0.20 41.86 -29.00
N LYS H 161 1.12 42.03 -28.83
CA LYS H 161 2.05 40.91 -28.90
C LYS H 161 2.43 40.39 -27.53
N ALA H 162 2.43 41.25 -26.52
CA ALA H 162 2.96 40.89 -25.21
C ALA H 162 2.04 39.91 -24.48
N GLY H 163 2.63 38.85 -23.93
CA GLY H 163 1.88 37.95 -23.08
C GLY H 163 1.10 36.87 -23.79
N VAL H 164 1.42 36.57 -25.04
CA VAL H 164 0.71 35.56 -25.81
C VAL H 164 1.53 34.27 -25.80
N GLU H 165 0.88 33.17 -25.41
CA GLU H 165 1.45 31.83 -25.51
C GLU H 165 0.45 30.96 -26.26
N THR H 166 0.92 30.33 -27.32
CA THR H 166 0.07 29.55 -28.22
C THR H 166 0.70 28.18 -28.41
N THR H 167 -0.12 27.13 -28.34
CA THR H 167 0.38 25.79 -28.57
C THR H 167 0.56 25.51 -30.06
N THR H 168 1.49 24.62 -30.36
CA THR H 168 1.56 24.08 -31.71
C THR H 168 0.36 23.17 -31.96
N PRO H 169 -0.21 23.20 -33.16
CA PRO H 169 -1.39 22.38 -33.42
C PRO H 169 -1.07 20.90 -33.29
N SER H 170 -2.07 20.13 -32.87
CA SER H 170 -1.92 18.70 -32.70
C SER H 170 -3.17 17.99 -33.19
N LYS H 171 -2.96 16.83 -33.80
CA LYS H 171 -4.03 16.08 -34.43
C LYS H 171 -4.85 15.40 -33.35
N GLN H 172 -6.16 15.66 -33.31
CA GLN H 172 -7.01 15.09 -32.30
C GLN H 172 -7.54 13.72 -32.75
N SER H 173 -8.45 13.14 -31.96
CA SER H 173 -8.93 11.80 -32.27
C SER H 173 -9.89 11.79 -33.44
N ASN H 174 -10.50 12.94 -33.77
CA ASN H 174 -11.32 13.07 -34.96
C ASN H 174 -10.49 13.34 -36.21
N ASN H 175 -9.16 13.20 -36.12
CA ASN H 175 -8.22 13.44 -37.21
C ASN H 175 -8.23 14.88 -37.70
N LYS H 176 -8.87 15.79 -36.98
CA LYS H 176 -8.68 17.21 -37.21
C LYS H 176 -7.82 17.80 -36.09
N TYR H 177 -7.34 19.00 -36.31
CA TYR H 177 -6.34 19.61 -35.43
C TYR H 177 -7.01 20.52 -34.40
N ALA H 178 -6.29 20.73 -33.31
CA ALA H 178 -6.72 21.66 -32.27
C ALA H 178 -5.53 22.44 -31.75
N ALA H 179 -5.79 23.64 -31.26
CA ALA H 179 -4.75 24.45 -30.65
C ALA H 179 -5.38 25.41 -29.67
N SER H 180 -4.55 25.99 -28.80
CA SER H 180 -5.05 26.98 -27.88
C SER H 180 -4.05 28.11 -27.72
N SER H 181 -4.57 29.30 -27.47
CA SER H 181 -3.76 30.49 -27.27
C SER H 181 -4.23 31.17 -26.00
N TYR H 182 -3.27 31.58 -25.19
CA TYR H 182 -3.52 32.23 -23.90
C TYR H 182 -2.94 33.64 -23.93
N LEU H 183 -3.76 34.61 -23.54
CA LEU H 183 -3.31 35.99 -23.41
C LEU H 183 -3.29 36.33 -21.93
N SER H 184 -2.10 36.61 -21.39
CA SER H 184 -1.94 36.97 -19.99
C SER H 184 -2.02 38.49 -19.86
N LEU H 185 -2.88 38.96 -18.97
CA LEU H 185 -3.11 40.38 -18.74
C LEU H 185 -3.15 40.65 -17.24
N THR H 186 -2.91 41.91 -16.88
CA THR H 186 -3.30 42.34 -15.55
C THR H 186 -4.80 42.59 -15.54
N PRO H 187 -5.45 42.48 -14.37
CA PRO H 187 -6.85 42.88 -14.29
C PRO H 187 -7.08 44.28 -14.78
N GLU H 188 -6.11 45.17 -14.56
CA GLU H 188 -6.23 46.56 -15.00
C GLU H 188 -6.36 46.64 -16.52
N GLN H 189 -5.50 45.93 -17.26
CA GLN H 189 -5.60 45.98 -18.73
C GLN H 189 -6.93 45.40 -19.20
N TRP H 190 -7.39 44.32 -18.55
CA TRP H 190 -8.66 43.74 -18.92
C TRP H 190 -9.79 44.74 -18.68
N LYS H 191 -9.77 45.42 -17.54
CA LYS H 191 -10.84 46.34 -17.21
C LYS H 191 -10.73 47.66 -17.97
N SER H 192 -9.56 47.98 -18.52
CA SER H 192 -9.39 49.28 -19.16
C SER H 192 -9.69 49.27 -20.66
N HIS H 193 -9.90 48.12 -21.29
CA HIS H 193 -10.25 48.11 -22.70
C HIS H 193 -11.73 47.79 -22.87
N ARG H 194 -12.29 48.28 -23.97
CA ARG H 194 -13.68 47.92 -24.30
C ARG H 194 -13.81 46.42 -24.55
N SER H 195 -12.81 45.81 -25.18
CA SER H 195 -12.90 44.41 -25.54
C SER H 195 -11.51 43.87 -25.87
N TYR H 196 -11.45 42.55 -25.97
CA TYR H 196 -10.31 41.82 -26.50
C TYR H 196 -10.84 40.80 -27.50
N SER H 197 -10.04 40.54 -28.53
CA SER H 197 -10.40 39.59 -29.59
C SER H 197 -9.26 38.62 -29.86
N CYS H 198 -9.63 37.42 -30.28
CA CYS H 198 -8.66 36.36 -30.54
C CYS H 198 -8.25 36.27 -32.01
N GLN H 199 -9.19 36.12 -32.94
CA GLN H 199 -8.87 36.23 -34.37
C GLN H 199 -7.92 35.15 -34.91
N VAL H 200 -8.48 34.09 -35.49
CA VAL H 200 -7.72 32.94 -35.97
C VAL H 200 -7.81 32.87 -37.49
N THR H 201 -6.65 32.74 -38.14
CA THR H 201 -6.58 32.67 -39.60
C THR H 201 -6.17 31.27 -40.04
N HIS H 202 -6.94 30.71 -40.98
CA HIS H 202 -6.67 29.35 -41.47
C HIS H 202 -7.05 29.30 -42.94
N GLU H 203 -6.06 29.05 -43.80
CA GLU H 203 -6.25 28.96 -45.24
C GLU H 203 -6.85 30.26 -45.79
N GLY H 204 -6.25 31.38 -45.39
CA GLY H 204 -6.66 32.68 -45.89
C GLY H 204 -7.93 33.24 -45.30
N SER H 205 -8.72 32.43 -44.60
CA SER H 205 -9.98 32.88 -44.00
C SER H 205 -9.76 33.13 -42.51
N THR H 206 -10.37 34.19 -42.00
CA THR H 206 -10.14 34.65 -40.64
C THR H 206 -11.45 34.60 -39.85
N VAL H 207 -11.46 33.82 -38.78
CA VAL H 207 -12.56 33.79 -37.82
C VAL H 207 -12.07 34.52 -36.58
N GLU H 208 -12.94 35.35 -36.01
CA GLU H 208 -12.59 36.17 -34.86
C GLU H 208 -13.70 36.07 -33.79
N LYS H 209 -13.28 36.05 -32.53
CA LYS H 209 -14.19 36.08 -31.39
C LYS H 209 -13.76 37.18 -30.46
N THR H 210 -14.75 37.74 -29.74
CA THR H 210 -14.53 38.93 -28.93
C THR H 210 -15.26 38.79 -27.59
N VAL H 211 -14.59 39.21 -26.51
CA VAL H 211 -15.19 39.24 -25.17
C VAL H 211 -14.95 40.61 -24.56
N ALA H 212 -15.78 40.96 -23.59
CA ALA H 212 -15.78 42.26 -22.94
C ALA H 212 -16.10 42.11 -21.45
N PRO H 213 -15.58 43.02 -20.61
CA PRO H 213 -15.98 42.96 -19.20
C PRO H 213 -17.42 43.39 -18.99
N PRO I 1 28.28 -11.72 -35.63
CA PRO I 1 28.08 -11.43 -37.06
C PRO I 1 26.95 -12.28 -37.65
N LEU I 2 26.49 -13.22 -36.84
CA LEU I 2 25.32 -14.03 -37.13
C LEU I 2 24.18 -13.53 -36.26
N GLN I 3 23.03 -13.25 -36.86
CA GLN I 3 21.95 -12.75 -36.02
C GLN I 3 21.43 -13.90 -35.17
N PRO I 4 21.47 -13.77 -33.85
CA PRO I 4 20.97 -14.86 -32.99
C PRO I 4 19.46 -14.99 -33.08
N GLN I 5 18.96 -16.11 -32.55
CA GLN I 5 17.52 -16.34 -32.51
C GLN I 5 16.84 -15.32 -31.61
N GLN I 6 17.54 -14.88 -30.56
CA GLN I 6 17.06 -14.00 -29.51
C GLN I 6 18.21 -13.13 -29.01
N PRO I 7 18.02 -11.84 -28.80
CA PRO I 7 19.14 -11.00 -28.34
C PRO I 7 19.52 -11.25 -26.90
N PHE I 8 18.60 -11.68 -26.05
CA PHE I 8 18.80 -11.74 -24.59
C PHE I 8 18.53 -13.15 -24.09
N PRO I 9 19.37 -14.13 -24.45
CA PRO I 9 19.16 -15.49 -23.96
C PRO I 9 19.63 -15.71 -22.51
N GLU J 1 3.80 0.21 26.59
CA GLU J 1 3.46 1.63 26.64
C GLU J 1 2.45 2.01 25.56
N VAL J 2 1.43 2.77 25.96
CA VAL J 2 0.38 3.20 25.03
C VAL J 2 0.95 4.14 23.99
N GLN J 3 0.60 3.92 22.73
CA GLN J 3 0.99 4.82 21.65
C GLN J 3 -0.21 5.09 20.76
N LEU J 4 -0.40 6.34 20.38
CA LEU J 4 -1.44 6.73 19.44
C LEU J 4 -0.78 7.47 18.28
N LEU J 5 -0.84 6.89 17.09
CA LEU J 5 -0.09 7.40 15.96
C LEU J 5 -1.05 7.82 14.86
N GLU J 6 -1.08 9.11 14.55
CA GLU J 6 -2.03 9.62 13.57
C GLU J 6 -1.42 9.78 12.19
N SER J 7 -2.29 9.73 11.19
CA SER J 7 -1.90 9.95 9.81
C SER J 7 -3.14 10.44 9.05
N GLY J 8 -2.90 10.91 7.84
CA GLY J 8 -3.99 11.33 6.97
C GLY J 8 -4.11 12.82 6.83
N GLY J 9 -3.39 13.61 7.63
CA GLY J 9 -3.48 15.06 7.50
C GLY J 9 -2.98 15.54 6.14
N GLY J 10 -3.45 16.71 5.74
CA GLY J 10 -3.03 17.29 4.49
C GLY J 10 -3.86 18.48 4.10
N LEU J 11 -3.73 18.88 2.84
CA LEU J 11 -4.43 20.03 2.29
C LEU J 11 -5.65 19.57 1.50
N VAL J 12 -6.78 20.24 1.71
CA VAL J 12 -8.02 19.90 1.04
C VAL J 12 -8.76 21.18 0.66
N GLN J 13 -9.41 21.15 -0.50
CA GLN J 13 -10.22 22.28 -0.95
C GLN J 13 -11.46 22.41 -0.07
N PRO J 14 -11.98 23.62 0.08
CA PRO J 14 -13.27 23.78 0.77
C PRO J 14 -14.36 22.99 0.06
N GLY J 15 -15.19 22.33 0.86
CA GLY J 15 -16.19 21.40 0.35
C GLY J 15 -15.69 19.99 0.16
N GLY J 16 -14.39 19.78 0.28
CA GLY J 16 -13.78 18.48 0.07
C GLY J 16 -13.87 17.57 1.29
N SER J 17 -13.16 16.45 1.19
CA SER J 17 -13.23 15.39 2.18
C SER J 17 -11.84 14.90 2.54
N LEU J 18 -11.73 14.36 3.76
CA LEU J 18 -10.48 13.79 4.24
C LEU J 18 -10.79 12.82 5.39
N ARG J 19 -10.02 11.76 5.49
CA ARG J 19 -10.15 10.80 6.56
C ARG J 19 -8.85 10.76 7.34
N LEU J 20 -8.94 10.93 8.65
CA LEU J 20 -7.79 10.78 9.53
C LEU J 20 -7.82 9.39 10.16
N SER J 21 -6.63 8.84 10.40
CA SER J 21 -6.46 7.55 11.06
C SER J 21 -5.61 7.72 12.30
N CYS J 22 -5.89 6.88 13.29
CA CYS J 22 -5.15 6.87 14.56
C CYS J 22 -4.87 5.42 14.90
N ALA J 23 -3.64 4.98 14.70
CA ALA J 23 -3.24 3.60 15.00
C ALA J 23 -2.85 3.49 16.47
N ALA J 24 -3.58 2.66 17.21
CA ALA J 24 -3.37 2.52 18.64
C ALA J 24 -2.59 1.25 18.94
N SER J 25 -1.77 1.30 20.01
CA SER J 25 -1.03 0.13 20.43
C SER J 25 -0.72 0.24 21.93
N GLY J 26 -0.46 -0.90 22.54
CA GLY J 26 -0.08 -0.98 23.94
C GLY J 26 -1.23 -1.18 24.89
N PHE J 27 -2.44 -1.35 24.40
CA PHE J 27 -3.61 -1.59 25.24
C PHE J 27 -4.69 -2.29 24.41
N THR J 28 -5.63 -2.92 25.11
CA THR J 28 -6.75 -3.58 24.43
C THR J 28 -7.71 -2.50 23.92
N PHE J 29 -7.57 -2.18 22.64
CA PHE J 29 -8.26 -1.06 22.02
C PHE J 29 -9.76 -1.09 22.27
N SER J 30 -10.40 -2.24 22.01
CA SER J 30 -11.86 -2.34 22.03
C SER J 30 -12.44 -2.10 23.42
N THR J 31 -11.63 -2.13 24.47
CA THR J 31 -12.15 -1.86 25.80
C THR J 31 -12.48 -0.38 26.00
N TYR J 32 -11.88 0.52 25.25
CA TYR J 32 -11.88 1.92 25.61
C TYR J 32 -12.54 2.82 24.57
N ALA J 33 -13.31 3.78 25.07
CA ALA J 33 -13.81 4.86 24.23
C ALA J 33 -12.64 5.72 23.76
N MET J 34 -12.80 6.26 22.56
CA MET J 34 -11.75 7.04 21.91
C MET J 34 -12.35 8.36 21.45
N SER J 35 -11.49 9.39 21.42
CA SER J 35 -11.93 10.75 21.15
C SER J 35 -11.08 11.39 20.07
N TRP J 36 -11.67 12.38 19.40
CA TRP J 36 -10.94 13.30 18.54
C TRP J 36 -11.01 14.71 19.14
N VAL J 37 -9.90 15.42 19.07
CA VAL J 37 -9.76 16.78 19.59
C VAL J 37 -9.05 17.60 18.52
N ARG J 38 -9.39 18.89 18.42
CA ARG J 38 -8.68 19.73 17.46
C ARG J 38 -8.29 21.05 18.09
N GLN J 39 -7.36 21.73 17.44
CA GLN J 39 -6.88 23.02 17.92
C GLN J 39 -6.58 23.90 16.72
N ALA J 40 -7.42 24.93 16.52
CA ALA J 40 -7.17 25.86 15.43
C ALA J 40 -5.94 26.70 15.77
N PRO J 41 -5.28 27.26 14.76
CA PRO J 41 -4.06 28.04 15.00
C PRO J 41 -4.28 29.17 15.99
N GLY J 42 -3.45 29.20 17.03
CA GLY J 42 -3.51 30.21 18.07
C GLY J 42 -4.68 30.11 19.00
N LYS J 43 -5.44 29.01 18.97
CA LYS J 43 -6.64 28.87 19.79
C LYS J 43 -6.46 27.68 20.73
N GLY J 44 -7.49 27.42 21.54
CA GLY J 44 -7.43 26.36 22.53
C GLY J 44 -7.89 25.00 22.02
N LEU J 45 -7.80 24.01 22.90
CA LEU J 45 -8.24 22.66 22.56
C LEU J 45 -9.77 22.61 22.46
N GLU J 46 -10.27 21.92 21.43
CA GLU J 46 -11.70 21.85 21.13
C GLU J 46 -12.08 20.39 20.91
N TRP J 47 -13.08 19.92 21.66
CA TRP J 47 -13.55 18.54 21.51
C TRP J 47 -14.26 18.39 20.17
N VAL J 48 -14.04 17.26 19.50
CA VAL J 48 -14.62 16.99 18.19
C VAL J 48 -15.63 15.83 18.27
N SER J 49 -15.19 14.66 18.74
CA SER J 49 -16.06 13.49 18.71
C SER J 49 -15.58 12.43 19.70
N GLY J 50 -16.50 11.54 20.08
CA GLY J 50 -16.14 10.38 20.86
C GLY J 50 -16.88 9.16 20.30
N ILE J 51 -16.32 7.99 20.57
CA ILE J 51 -16.92 6.74 20.11
C ILE J 51 -16.72 5.67 21.18
N SER J 52 -17.78 4.92 21.48
CA SER J 52 -17.72 3.89 22.50
C SER J 52 -16.76 2.77 22.10
N GLY J 53 -16.39 1.94 23.08
CA GLY J 53 -15.45 0.87 22.83
C GLY J 53 -15.87 -0.06 21.69
N SER J 54 -17.17 -0.40 21.65
CA SER J 54 -17.71 -1.30 20.64
C SER J 54 -17.93 -0.64 19.29
N GLY J 55 -17.91 0.67 19.23
CA GLY J 55 -18.29 1.39 18.04
C GLY J 55 -19.77 1.63 17.91
N GLY J 56 -20.57 1.19 18.87
CA GLY J 56 -22.02 1.31 18.72
C GLY J 56 -22.59 2.67 18.99
N SER J 57 -21.85 3.54 19.70
CA SER J 57 -22.33 4.86 20.08
C SER J 57 -21.27 5.89 19.72
N THR J 58 -21.72 6.96 19.04
CA THR J 58 -20.89 8.07 18.62
C THR J 58 -21.51 9.38 19.10
N TYR J 59 -20.66 10.39 19.26
CA TYR J 59 -20.99 11.66 19.89
C TYR J 59 -20.18 12.73 19.19
N TYR J 60 -20.79 13.88 18.94
CA TYR J 60 -20.13 14.94 18.19
C TYR J 60 -20.38 16.28 18.84
N ALA J 61 -19.38 17.16 18.75
CA ALA J 61 -19.60 18.57 19.00
C ALA J 61 -20.52 19.16 17.93
N ASP J 62 -21.30 20.17 18.32
CA ASP J 62 -22.26 20.78 17.40
C ASP J 62 -21.58 21.35 16.15
N SER J 63 -20.34 21.82 16.28
CA SER J 63 -19.68 22.48 15.16
C SER J 63 -19.34 21.53 14.01
N VAL J 64 -19.35 20.22 14.24
CA VAL J 64 -19.00 19.24 13.21
C VAL J 64 -20.11 18.27 12.93
N LYS J 65 -21.21 18.34 13.68
CA LYS J 65 -22.26 17.34 13.60
C LYS J 65 -22.82 17.29 12.19
N GLY J 66 -23.00 16.08 11.66
CA GLY J 66 -23.51 15.90 10.31
C GLY J 66 -22.48 16.00 9.21
N ARG J 67 -21.30 16.54 9.50
CA ARG J 67 -20.22 16.61 8.51
C ARG J 67 -19.07 15.67 8.82
N PHE J 68 -18.82 15.41 10.10
CA PHE J 68 -17.76 14.52 10.54
C PHE J 68 -18.41 13.26 11.10
N THR J 69 -17.82 12.10 10.79
CA THR J 69 -18.25 10.82 11.36
C THR J 69 -17.03 10.07 11.87
N THR J 70 -17.16 9.48 13.05
CA THR J 70 -16.10 8.69 13.67
C THR J 70 -16.44 7.22 13.56
N SER J 71 -15.43 6.41 13.28
CA SER J 71 -15.63 4.98 13.24
C SER J 71 -14.34 4.37 13.77
N ARG J 72 -14.35 3.05 13.95
CA ARG J 72 -13.19 2.36 14.48
C ARG J 72 -13.17 0.93 13.97
N ASP J 73 -11.96 0.39 13.86
CA ASP J 73 -11.79 -1.02 13.50
C ASP J 73 -11.09 -1.69 14.68
N ASN J 74 -11.80 -2.57 15.38
CA ASN J 74 -11.30 -3.19 16.60
C ASN J 74 -10.48 -4.45 16.37
N SER J 75 -10.11 -4.76 15.13
CA SER J 75 -9.09 -5.77 14.86
C SER J 75 -7.80 -5.15 14.40
N LYS J 76 -7.89 -4.09 13.60
CA LYS J 76 -6.73 -3.29 13.25
C LYS J 76 -6.35 -2.33 14.37
N ASN J 77 -7.18 -2.20 15.40
CA ASN J 77 -6.96 -1.26 16.50
C ASN J 77 -6.74 0.17 15.99
N THR J 78 -7.64 0.59 15.10
CA THR J 78 -7.51 1.90 14.47
C THR J 78 -8.77 2.71 14.65
N LEU J 79 -8.60 3.99 14.99
CA LEU J 79 -9.67 4.97 15.07
C LEU J 79 -9.63 5.85 13.84
N TYR J 80 -10.80 6.25 13.34
CA TYR J 80 -10.90 7.06 12.14
C TYR J 80 -11.77 8.28 12.38
N LEU J 81 -11.50 9.33 11.63
CA LEU J 81 -12.37 10.51 11.58
C LEU J 81 -12.57 10.84 10.11
N GLN J 82 -13.80 10.66 9.62
CA GLN J 82 -14.15 10.93 8.23
C GLN J 82 -14.77 12.32 8.15
N MET J 83 -14.12 13.22 7.43
CA MET J 83 -14.59 14.59 7.28
C MET J 83 -15.13 14.78 5.86
N ASN J 84 -16.36 15.24 5.74
CA ASN J 84 -16.91 15.68 4.48
C ASN J 84 -17.37 17.13 4.63
N SER J 85 -17.56 17.79 3.48
CA SER J 85 -18.04 19.18 3.43
C SER J 85 -17.19 20.08 4.34
N LEU J 86 -15.88 19.96 4.19
CA LEU J 86 -14.93 20.70 5.03
C LEU J 86 -15.01 22.20 4.73
N ARG J 87 -14.74 23.01 5.76
CA ARG J 87 -14.78 24.46 5.68
C ARG J 87 -13.42 25.03 6.08
N ALA J 88 -13.18 26.28 5.66
CA ALA J 88 -11.95 26.96 6.02
C ALA J 88 -11.71 26.90 7.52
N GLU J 89 -12.75 27.13 8.32
CA GLU J 89 -12.56 27.18 9.77
C GLU J 89 -12.32 25.80 10.39
N ASP J 90 -12.37 24.72 9.61
CA ASP J 90 -11.95 23.41 10.10
C ASP J 90 -10.45 23.23 10.11
N THR J 91 -9.70 24.20 9.58
CA THR J 91 -8.25 24.12 9.61
C THR J 91 -7.77 24.04 11.05
N ALA J 92 -6.96 23.03 11.36
CA ALA J 92 -6.56 22.79 12.74
C ALA J 92 -5.58 21.63 12.78
N VAL J 93 -4.85 21.52 13.89
CA VAL J 93 -4.20 20.25 14.21
C VAL J 93 -5.24 19.38 14.89
N TYR J 94 -5.42 18.16 14.39
CA TYR J 94 -6.36 17.19 14.94
C TYR J 94 -5.59 16.16 15.77
N TYR J 95 -6.08 15.89 16.98
CA TYR J 95 -5.45 14.97 17.92
C TYR J 95 -6.38 13.80 18.19
N CYS J 96 -5.85 12.59 18.05
CA CYS J 96 -6.42 11.39 18.63
C CYS J 96 -6.13 11.39 20.12
N ALA J 97 -7.07 10.88 20.93
CA ALA J 97 -6.84 10.86 22.37
C ALA J 97 -7.67 9.77 23.01
N LYS J 98 -7.16 9.26 24.13
CA LYS J 98 -7.91 8.31 24.94
C LYS J 98 -8.09 8.91 26.33
N PHE J 99 -9.32 9.34 26.62
CA PHE J 99 -9.69 9.88 27.92
C PHE J 99 -10.41 8.78 28.67
N SER J 100 -9.86 8.39 29.83
CA SER J 100 -10.30 7.17 30.50
C SER J 100 -11.48 7.37 31.44
N GLY J 101 -11.82 8.61 31.77
CA GLY J 101 -12.90 8.83 32.73
C GLY J 101 -12.50 8.36 34.11
N LYS J 102 -13.46 7.80 34.85
CA LYS J 102 -13.21 7.26 36.18
C LYS J 102 -13.67 5.81 36.22
N ASP J 103 -13.48 5.17 37.39
CA ASP J 103 -13.65 3.75 37.71
C ASP J 103 -12.39 2.95 37.41
N CYS J 104 -11.55 3.46 36.51
CA CYS J 104 -10.30 2.79 36.16
C CYS J 104 -9.35 2.60 37.36
N SER J 105 -9.38 3.54 38.32
CA SER J 105 -8.58 3.51 39.56
C SER J 105 -7.10 3.88 39.44
N GLY J 106 -6.27 2.96 38.95
CA GLY J 106 -4.83 3.15 38.94
C GLY J 106 -4.27 3.86 37.72
N THR J 107 -3.20 3.25 37.18
CA THR J 107 -2.58 3.75 35.96
C THR J 107 -3.50 3.62 34.74
N SER J 108 -4.50 2.75 34.81
CA SER J 108 -5.51 2.67 33.75
C SER J 108 -6.32 3.95 33.66
N CYS J 109 -6.23 4.84 34.67
CA CYS J 109 -6.94 6.10 34.66
C CYS J 109 -6.14 7.21 33.98
N ARG J 110 -4.98 6.89 33.41
CA ARG J 110 -4.20 7.89 32.68
C ARG J 110 -4.90 8.24 31.36
N ASP J 111 -4.68 9.45 30.89
CA ASP J 111 -5.10 9.81 29.54
C ASP J 111 -3.88 9.81 28.63
N TYR J 112 -4.13 9.64 27.33
CA TYR J 112 -3.08 9.59 26.32
C TYR J 112 -3.50 10.40 25.11
N TRP J 113 -2.49 10.98 24.43
CA TRP J 113 -2.67 11.88 23.31
C TRP J 113 -1.88 11.35 22.12
N GLY J 114 -2.44 11.50 20.93
CA GLY J 114 -1.65 11.32 19.73
C GLY J 114 -0.74 12.52 19.50
N GLN J 115 0.08 12.42 18.47
CA GLN J 115 1.02 13.50 18.20
C GLN J 115 0.39 14.64 17.41
N GLY J 116 -0.81 14.46 16.88
CA GLY J 116 -1.44 15.51 16.11
C GLY J 116 -1.09 15.40 14.64
N THR J 117 -2.04 15.81 13.80
CA THR J 117 -1.84 15.86 12.35
C THR J 117 -2.56 17.09 11.82
N LEU J 118 -1.92 17.77 10.86
CA LEU J 118 -2.39 19.06 10.40
C LEU J 118 -3.34 18.90 9.23
N VAL J 119 -4.52 19.49 9.35
CA VAL J 119 -5.51 19.53 8.27
C VAL J 119 -5.69 20.98 7.87
N THR J 120 -5.43 21.28 6.60
CA THR J 120 -5.53 22.63 6.06
C THR J 120 -6.63 22.64 5.02
N VAL J 121 -7.65 23.46 5.24
CA VAL J 121 -8.74 23.63 4.27
C VAL J 121 -8.54 24.99 3.64
N SER J 122 -8.14 24.99 2.38
CA SER J 122 -7.77 26.19 1.66
C SER J 122 -8.00 25.99 0.16
N SER J 123 -8.29 27.09 -0.53
CA SER J 123 -8.36 27.06 -1.99
C SER J 123 -7.00 27.17 -2.66
N ALA J 124 -5.93 27.42 -1.90
CA ALA J 124 -4.58 27.48 -2.46
C ALA J 124 -4.05 26.09 -2.77
N SER J 125 -3.24 26.00 -3.82
CA SER J 125 -2.71 24.71 -4.28
C SER J 125 -1.37 24.42 -3.61
N THR J 126 -1.03 23.13 -3.55
CA THR J 126 0.26 22.71 -2.99
C THR J 126 1.40 23.19 -3.87
N LYS J 127 2.52 23.50 -3.24
CA LYS J 127 3.74 23.83 -3.95
C LYS J 127 4.93 23.25 -3.20
N GLY J 128 5.77 22.50 -3.91
CA GLY J 128 6.98 21.98 -3.33
C GLY J 128 8.07 23.04 -3.23
N PRO J 129 8.97 22.89 -2.27
CA PRO J 129 10.02 23.91 -2.09
C PRO J 129 11.18 23.70 -3.05
N SER J 130 11.86 24.79 -3.35
CA SER J 130 13.21 24.73 -3.90
C SER J 130 14.20 24.79 -2.74
N VAL J 131 15.25 23.97 -2.82
CA VAL J 131 16.21 23.84 -1.75
C VAL J 131 17.56 24.34 -2.25
N PHE J 132 18.14 25.31 -1.53
CA PHE J 132 19.44 25.84 -1.89
C PHE J 132 20.44 25.63 -0.76
N PRO J 133 21.69 25.31 -1.08
CA PRO J 133 22.71 25.15 -0.04
C PRO J 133 23.18 26.49 0.48
N LEU J 134 23.43 26.56 1.79
CA LEU J 134 23.98 27.74 2.45
C LEU J 134 25.41 27.33 2.83
N ALA J 135 26.35 27.67 1.95
CA ALA J 135 27.71 27.18 2.08
C ALA J 135 28.37 27.77 3.32
N PRO J 136 29.40 27.13 3.81
CA PRO J 136 30.13 27.70 4.95
C PRO J 136 31.27 28.56 4.44
N SER J 137 31.60 29.59 5.20
CA SER J 137 32.66 30.51 4.82
C SER J 137 33.32 31.01 6.11
N SER J 138 34.20 31.99 5.96
CA SER J 138 34.86 32.62 7.11
C SER J 138 33.91 33.55 7.84
N GLY J 144 37.38 28.03 14.35
CA GLY J 144 37.60 26.67 13.90
C GLY J 144 36.33 25.87 13.70
N THR J 145 35.19 26.52 13.93
CA THR J 145 33.86 25.93 13.73
C THR J 145 33.15 26.72 12.64
N ALA J 146 32.42 26.01 11.79
CA ALA J 146 31.75 26.66 10.66
C ALA J 146 30.28 26.31 10.65
N ALA J 147 29.47 27.29 10.31
CA ALA J 147 28.04 27.12 10.17
C ALA J 147 27.73 26.97 8.68
N LEU J 148 26.99 25.93 8.35
CA LEU J 148 26.50 25.71 6.99
C LEU J 148 25.05 25.31 7.08
N GLY J 149 24.33 25.39 5.98
CA GLY J 149 22.92 25.11 6.09
C GLY J 149 22.22 24.89 4.77
N CYS J 150 20.89 24.88 4.86
CA CYS J 150 20.01 24.70 3.72
C CYS J 150 18.86 25.67 3.83
N LEU J 151 18.56 26.35 2.72
CA LEU J 151 17.40 27.22 2.58
C LEU J 151 16.31 26.44 1.84
N VAL J 152 15.14 26.31 2.47
CA VAL J 152 13.99 25.59 1.94
C VAL J 152 12.97 26.65 1.55
N LYS J 153 12.87 26.96 0.26
CA LYS J 153 12.22 28.19 -0.18
C LYS J 153 10.88 27.92 -0.88
N ASP J 154 9.86 28.67 -0.48
CA ASP J 154 8.60 28.82 -1.22
C ASP J 154 7.81 27.51 -1.33
N TYR J 155 7.28 27.07 -0.20
CA TYR J 155 6.44 25.87 -0.21
C TYR J 155 5.09 26.15 0.44
N PHE J 156 4.14 25.26 0.15
CA PHE J 156 2.82 25.30 0.78
C PHE J 156 2.12 23.96 0.65
N PRO J 157 1.48 23.48 1.73
CA PRO J 157 1.47 24.07 3.07
C PRO J 157 2.58 23.52 3.97
N GLU J 158 2.53 23.87 5.26
CA GLU J 158 3.34 23.19 6.27
C GLU J 158 2.86 21.72 6.35
N PRO J 159 3.73 20.81 6.85
CA PRO J 159 5.10 21.03 7.31
C PRO J 159 6.17 20.52 6.35
N VAL J 160 7.43 20.84 6.63
CA VAL J 160 8.56 20.20 5.99
C VAL J 160 9.46 19.66 7.11
N THR J 161 10.13 18.55 6.82
CA THR J 161 11.13 18.01 7.73
C THR J 161 12.50 18.15 7.10
N VAL J 162 13.49 18.43 7.93
CA VAL J 162 14.87 18.52 7.48
C VAL J 162 15.70 17.62 8.39
N SER J 163 16.54 16.78 7.79
CA SER J 163 17.56 16.06 8.52
C SER J 163 18.90 16.27 7.81
N TRP J 164 19.97 15.84 8.47
CA TRP J 164 21.32 15.98 7.95
C TRP J 164 22.01 14.63 7.89
N ASN J 165 22.59 14.32 6.74
CA ASN J 165 23.22 13.03 6.48
C ASN J 165 22.31 11.88 6.89
N SER J 166 21.02 12.03 6.55
CA SER J 166 20.00 11.00 6.75
C SER J 166 19.89 10.59 8.21
N GLY J 167 20.15 11.52 9.13
CA GLY J 167 20.08 11.27 10.55
C GLY J 167 21.41 10.94 11.22
N ALA J 168 22.50 10.81 10.47
CA ALA J 168 23.81 10.59 11.08
C ALA J 168 24.32 11.86 11.77
N LEU J 169 23.80 13.02 11.40
CA LEU J 169 24.25 14.28 11.97
C LEU J 169 23.05 14.92 12.66
N THR J 170 23.10 14.98 14.00
CA THR J 170 22.00 15.56 14.76
C THR J 170 22.52 16.62 15.72
N SER J 171 23.76 16.45 16.17
CA SER J 171 24.35 17.37 17.14
C SER J 171 24.63 18.72 16.48
N GLY J 172 24.11 19.79 17.08
CA GLY J 172 24.32 21.11 16.54
C GLY J 172 23.41 21.50 15.40
N VAL J 173 22.43 20.68 15.06
CA VAL J 173 21.48 21.04 14.01
C VAL J 173 20.43 21.95 14.61
N HIS J 174 20.09 23.04 13.89
CA HIS J 174 18.99 23.92 14.30
C HIS J 174 18.18 24.25 13.07
N THR J 175 16.96 23.75 13.02
CA THR J 175 16.00 24.04 11.97
C THR J 175 15.05 25.10 12.48
N PHE J 176 15.01 26.21 11.80
CA PHE J 176 14.27 27.36 12.28
C PHE J 176 12.81 27.29 11.87
N PRO J 177 11.93 27.85 12.70
CA PRO J 177 10.54 27.98 12.30
C PRO J 177 10.42 28.81 11.03
N ALA J 178 9.44 28.43 10.20
CA ALA J 178 9.28 29.00 8.89
C ALA J 178 8.72 30.42 8.95
N VAL J 179 9.06 31.22 7.95
CA VAL J 179 8.40 32.50 7.72
C VAL J 179 7.25 32.27 6.76
N LEU J 180 6.15 32.97 6.98
CA LEU J 180 5.01 33.00 6.05
C LEU J 180 5.11 34.29 5.26
N GLN J 181 5.53 34.19 4.01
CA GLN J 181 5.68 35.39 3.19
C GLN J 181 4.31 35.93 2.79
N SER J 182 4.30 37.20 2.33
CA SER J 182 3.05 37.83 1.92
C SER J 182 2.42 37.13 0.72
N SER J 183 3.21 36.41 -0.06
CA SER J 183 2.73 35.59 -1.18
C SER J 183 1.93 34.38 -0.73
N GLY J 184 1.84 34.12 0.58
CA GLY J 184 1.18 32.94 1.11
C GLY J 184 2.01 31.68 1.13
N LEU J 185 3.27 31.75 0.70
CA LEU J 185 4.21 30.63 0.71
C LEU J 185 5.15 30.73 1.90
N TYR J 186 5.61 29.56 2.38
CA TYR J 186 6.56 29.48 3.48
C TYR J 186 8.00 29.30 2.99
N SER J 187 8.94 29.74 3.81
CA SER J 187 10.35 29.37 3.65
C SER J 187 10.93 29.13 5.03
N LEU J 188 11.89 28.21 5.12
CA LEU J 188 12.62 28.01 6.36
C LEU J 188 14.06 27.70 6.05
N SER J 189 14.89 27.70 7.09
CA SER J 189 16.29 27.33 6.94
C SER J 189 16.69 26.39 8.05
N SER J 190 17.65 25.54 7.76
CA SER J 190 18.23 24.66 8.78
C SER J 190 19.74 24.87 8.76
N VAL J 191 20.35 24.97 9.93
CA VAL J 191 21.78 25.25 10.02
C VAL J 191 22.43 24.24 10.97
N VAL J 192 23.66 23.85 10.65
CA VAL J 192 24.43 22.98 11.52
C VAL J 192 25.85 23.51 11.61
N THR J 193 26.45 23.40 12.79
CA THR J 193 27.82 23.81 13.03
C THR J 193 28.74 22.59 13.05
N VAL J 194 29.81 22.66 12.26
CA VAL J 194 30.71 21.53 12.09
C VAL J 194 32.14 22.05 12.20
N PRO J 195 33.10 21.17 12.52
CA PRO J 195 34.50 21.60 12.50
C PRO J 195 34.96 21.97 11.09
N SER J 196 35.70 23.08 11.00
CA SER J 196 36.21 23.52 9.70
C SER J 196 37.14 22.48 9.09
N SER J 197 37.84 21.73 9.95
CA SER J 197 38.75 20.70 9.50
C SER J 197 38.03 19.58 8.74
N SER J 198 36.73 19.40 8.96
CA SER J 198 36.01 18.32 8.32
C SER J 198 35.48 18.67 6.92
N LEU J 199 35.53 19.94 6.53
CA LEU J 199 34.85 20.37 5.31
C LEU J 199 35.42 19.68 4.08
N GLY J 200 36.75 19.54 4.01
CA GLY J 200 37.37 18.91 2.86
C GLY J 200 37.24 17.40 2.82
N THR J 201 36.88 16.77 3.94
CA THR J 201 36.86 15.33 4.01
C THR J 201 35.47 14.75 4.25
N GLN J 202 34.60 15.49 4.95
CA GLN J 202 33.25 15.06 5.29
C GLN J 202 32.24 15.76 4.40
N THR J 203 31.31 14.99 3.82
CA THR J 203 30.25 15.59 3.03
C THR J 203 29.02 15.81 3.90
N TYR J 204 28.37 16.96 3.69
CA TYR J 204 27.16 17.31 4.42
C TYR J 204 25.99 17.48 3.46
N ILE J 205 24.93 16.75 3.74
CA ILE J 205 23.74 16.70 2.90
C ILE J 205 22.55 16.95 3.80
N CYS J 206 21.72 17.93 3.45
CA CYS J 206 20.46 18.12 4.15
C CYS J 206 19.38 17.39 3.36
N ASN J 207 18.55 16.66 4.09
CA ASN J 207 17.48 15.85 3.51
C ASN J 207 16.17 16.56 3.81
N VAL J 208 15.54 17.08 2.77
CA VAL J 208 14.33 17.88 2.88
C VAL J 208 13.17 17.05 2.36
N ASN J 209 12.09 17.00 3.14
CA ASN J 209 10.90 16.25 2.76
C ASN J 209 9.68 17.13 2.97
N HIS J 210 8.89 17.30 1.92
CA HIS J 210 7.63 18.03 1.95
C HIS J 210 6.57 17.06 1.44
N LYS J 211 5.99 16.28 2.36
CA LYS J 211 5.04 15.24 1.97
C LYS J 211 3.84 15.75 1.18
N PRO J 212 3.24 16.91 1.48
CA PRO J 212 2.05 17.34 0.70
C PRO J 212 2.31 17.46 -0.79
N SER J 213 3.56 17.64 -1.22
CA SER J 213 3.89 17.77 -2.63
C SER J 213 4.75 16.62 -3.14
N ASN J 214 4.93 15.55 -2.35
CA ASN J 214 5.79 14.44 -2.73
C ASN J 214 7.21 14.91 -3.06
N THR J 215 7.69 15.95 -2.39
CA THR J 215 9.01 16.49 -2.68
C THR J 215 10.01 15.89 -1.70
N LYS J 216 11.07 15.31 -2.24
CA LYS J 216 12.19 14.84 -1.44
C LYS J 216 13.47 15.27 -2.14
N VAL J 217 14.27 16.07 -1.43
CA VAL J 217 15.46 16.67 -1.99
C VAL J 217 16.62 16.38 -1.05
N ASP J 218 17.73 15.92 -1.62
CA ASP J 218 18.99 15.73 -0.90
C ASP J 218 19.98 16.71 -1.52
N LYS J 219 20.32 17.76 -0.78
CA LYS J 219 21.17 18.84 -1.29
C LYS J 219 22.52 18.77 -0.59
N LYS J 220 23.58 18.57 -1.37
CA LYS J 220 24.93 18.57 -0.82
C LYS J 220 25.38 20.00 -0.61
N VAL J 221 25.97 20.29 0.54
CA VAL J 221 26.38 21.64 0.90
C VAL J 221 27.90 21.66 0.94
N GLU J 222 28.51 22.29 -0.07
CA GLU J 222 29.96 22.33 -0.22
C GLU J 222 30.50 23.72 0.07
N PRO J 223 31.78 23.83 0.39
CA PRO J 223 32.42 25.15 0.46
C PRO J 223 32.62 25.69 -0.95
N LYS J 224 33.07 26.94 -1.02
CA LYS J 224 33.34 27.58 -2.31
C LYS J 224 34.80 27.42 -2.73
N GLN K 1 -25.20 24.22 32.40
CA GLN K 1 -24.13 23.96 31.43
C GLN K 1 -22.79 23.68 32.12
N LEU K 2 -22.13 22.60 31.71
CA LEU K 2 -20.84 22.19 32.26
C LEU K 2 -19.76 23.07 31.64
N VAL K 3 -19.14 23.91 32.45
CA VAL K 3 -18.14 24.88 31.99
C VAL K 3 -16.95 24.82 32.92
N LEU K 4 -15.75 24.94 32.34
CA LEU K 4 -14.50 25.07 33.09
C LEU K 4 -13.96 26.47 32.86
N THR K 5 -13.67 27.19 33.94
CA THR K 5 -13.21 28.57 33.86
C THR K 5 -11.77 28.65 34.30
N GLN K 6 -10.90 29.08 33.40
CA GLN K 6 -9.48 29.29 33.68
C GLN K 6 -9.10 30.71 33.33
N SER K 7 -8.30 31.33 34.19
CA SER K 7 -7.72 32.62 33.87
C SER K 7 -6.83 32.48 32.64
N PRO K 8 -6.79 33.46 31.76
CA PRO K 8 -6.01 33.30 30.52
C PRO K 8 -4.51 33.17 30.75
N SER K 9 -3.97 33.76 31.83
CA SER K 9 -2.53 33.82 32.01
C SER K 9 -2.17 33.78 33.49
N ALA K 10 -0.94 33.34 33.77
CA ALA K 10 -0.36 33.41 35.11
C ALA K 10 1.14 33.57 34.98
N SER K 11 1.75 34.04 36.06
CA SER K 11 3.20 34.22 36.07
C SER K 11 3.74 34.01 37.48
N ALA K 12 4.99 33.61 37.55
CA ALA K 12 5.67 33.41 38.82
C ALA K 12 7.15 33.38 38.53
N SER K 13 7.93 33.50 39.59
CA SER K 13 9.36 33.62 39.43
C SER K 13 9.98 32.24 39.22
N LEU K 14 11.08 32.22 38.48
CA LEU K 14 11.92 31.04 38.38
C LEU K 14 12.29 30.56 39.78
N GLY K 15 12.11 29.26 40.02
CA GLY K 15 12.37 28.70 41.32
C GLY K 15 11.25 28.86 42.33
N ALA K 16 10.21 29.62 42.02
CA ALA K 16 9.13 29.77 42.98
C ALA K 16 8.06 28.71 42.70
N SER K 17 6.93 28.81 43.40
CA SER K 17 5.80 27.94 43.20
C SER K 17 4.67 28.74 42.58
N VAL K 18 3.81 28.05 41.84
CA VAL K 18 2.62 28.67 41.25
C VAL K 18 1.47 27.69 41.41
N ARG K 19 0.29 28.22 41.69
CA ARG K 19 -0.90 27.39 41.71
C ARG K 19 -1.88 27.90 40.68
N LEU K 20 -2.21 27.06 39.72
CA LEU K 20 -3.21 27.39 38.70
C LEU K 20 -4.56 26.86 39.14
N THR K 21 -5.61 27.60 38.79
CA THR K 21 -6.96 27.30 39.23
C THR K 21 -7.86 27.04 38.03
N CYS K 22 -8.64 25.97 38.12
CA CYS K 22 -9.71 25.64 37.20
C CYS K 22 -10.98 25.54 38.02
N THR K 23 -12.00 26.29 37.63
CA THR K 23 -13.24 26.34 38.42
C THR K 23 -14.37 25.69 37.64
N LEU K 24 -15.02 24.70 38.25
CA LEU K 24 -16.18 24.03 37.66
C LEU K 24 -17.43 24.88 37.83
N SER K 25 -18.28 24.91 36.80
CA SER K 25 -19.52 25.66 36.89
C SER K 25 -20.41 25.07 37.98
N SER K 26 -21.31 25.91 38.50
CA SER K 26 -22.15 25.53 39.63
C SER K 26 -22.96 24.28 39.31
N GLY K 27 -23.12 23.43 40.33
CA GLY K 27 -23.82 22.17 40.19
C GLY K 27 -22.94 21.01 39.78
N HIS K 28 -21.63 21.24 39.64
CA HIS K 28 -20.69 20.21 39.19
C HIS K 28 -19.49 20.11 40.13
N SER K 29 -19.67 20.47 41.40
CA SER K 29 -18.52 20.51 42.31
C SER K 29 -17.95 19.12 42.63
N SER K 30 -18.66 18.04 42.28
CA SER K 30 -18.12 16.70 42.54
C SER K 30 -17.31 16.14 41.38
N TYR K 31 -17.15 16.88 40.28
CA TYR K 31 -16.59 16.31 39.05
C TYR K 31 -15.08 16.18 39.16
N VAL K 32 -14.55 15.14 38.51
CA VAL K 32 -13.10 15.01 38.33
C VAL K 32 -12.69 15.76 37.08
N ILE K 33 -11.52 16.39 37.13
CA ILE K 33 -10.95 17.02 35.95
C ILE K 33 -9.60 16.39 35.69
N ALA K 34 -9.07 16.66 34.50
CA ALA K 34 -7.70 16.32 34.17
C ALA K 34 -6.97 17.60 33.76
N TRP K 35 -5.70 17.66 34.10
CA TRP K 35 -4.81 18.74 33.68
C TRP K 35 -3.95 18.24 32.52
N HIS K 36 -3.86 19.05 31.47
CA HIS K 36 -2.98 18.76 30.35
C HIS K 36 -2.05 19.94 30.13
N GLN K 37 -0.79 19.64 29.86
CA GLN K 37 0.22 20.66 29.61
C GLN K 37 0.50 20.70 28.12
N GLN K 38 0.60 21.90 27.56
CA GLN K 38 0.96 22.06 26.15
C GLN K 38 2.02 23.15 26.03
N GLN K 39 3.26 22.75 25.79
CA GLN K 39 4.30 23.68 25.41
C GLN K 39 4.04 24.16 23.98
N SER K 40 4.48 25.39 23.67
CA SER K 40 4.15 25.96 22.37
C SER K 40 4.73 25.12 21.22
N GLU K 41 3.96 24.99 20.15
CA GLU K 41 4.34 24.20 18.98
C GLU K 41 4.55 22.72 19.31
N LYS K 42 3.99 22.25 20.42
CA LYS K 42 4.03 20.84 20.76
C LYS K 42 2.61 20.34 21.00
N GLY K 43 2.47 19.03 21.08
CA GLY K 43 1.18 18.45 21.38
C GLY K 43 0.94 18.37 22.88
N PRO K 44 -0.32 18.23 23.28
CA PRO K 44 -0.64 18.19 24.73
C PRO K 44 -0.04 16.97 25.39
N ARG K 45 0.21 17.11 26.68
CA ARG K 45 0.72 16.03 27.54
C ARG K 45 -0.17 15.94 28.77
N TYR K 46 -0.73 14.75 29.01
CA TYR K 46 -1.55 14.53 30.18
C TYR K 46 -0.70 14.58 31.46
N LEU K 47 -1.20 15.28 32.49
CA LEU K 47 -0.47 15.39 33.75
C LEU K 47 -1.06 14.50 34.84
N MET K 48 -2.34 14.69 35.16
CA MET K 48 -2.93 14.00 36.29
C MET K 48 -4.41 14.30 36.27
N LYS K 49 -5.15 13.61 37.13
CA LYS K 49 -6.54 13.90 37.38
C LYS K 49 -6.72 14.43 38.79
N VAL K 50 -7.77 15.22 39.01
CA VAL K 50 -8.07 15.80 40.31
C VAL K 50 -9.56 15.68 40.58
N ASN K 51 -9.94 14.97 41.64
CA ASN K 51 -11.32 14.85 42.08
C ASN K 51 -11.53 15.62 43.39
N SER K 52 -12.72 15.45 43.99
CA SER K 52 -13.02 16.15 45.23
C SER K 52 -12.06 15.78 46.35
N ASP K 53 -11.69 14.50 46.45
CA ASP K 53 -10.77 14.01 47.46
C ASP K 53 -9.32 14.36 47.18
N GLY K 54 -9.08 15.36 46.33
CA GLY K 54 -7.73 15.63 45.87
C GLY K 54 -7.26 14.55 44.92
N SER K 55 -6.40 13.65 45.42
CA SER K 55 -5.95 12.49 44.66
C SER K 55 -5.23 12.91 43.39
N HIS K 56 -4.66 11.94 42.69
CA HIS K 56 -4.03 12.14 41.40
C HIS K 56 -4.27 10.89 40.56
N SER K 57 -3.56 10.79 39.45
CA SER K 57 -3.44 9.57 38.67
C SER K 57 -2.35 9.88 37.64
N LYS K 58 -1.19 10.32 38.15
CA LYS K 58 -0.22 11.03 37.32
C LYS K 58 0.23 10.22 36.13
N GLY K 59 0.46 10.90 35.01
CA GLY K 59 1.03 10.27 33.84
C GLY K 59 2.46 9.84 34.10
N ASP K 60 2.97 9.04 33.17
CA ASP K 60 4.33 8.53 33.30
C ASP K 60 5.34 9.67 33.24
N GLY K 61 6.25 9.69 34.21
CA GLY K 61 7.36 10.63 34.18
C GLY K 61 7.01 12.05 34.55
N ILE K 62 5.84 12.28 35.13
CA ILE K 62 5.46 13.63 35.54
C ILE K 62 6.17 13.90 36.86
N PRO K 63 6.99 14.95 36.96
CA PRO K 63 7.81 15.13 38.15
C PRO K 63 6.96 15.30 39.40
N ASP K 64 7.59 15.07 40.54
CA ASP K 64 6.89 15.16 41.82
C ASP K 64 6.58 16.60 42.21
N ARG K 65 7.28 17.56 41.60
CA ARG K 65 7.00 18.98 41.81
C ARG K 65 5.65 19.42 41.23
N PHE K 66 5.01 18.60 40.41
CA PHE K 66 3.64 18.82 40.00
C PHE K 66 2.73 18.13 41.01
N SER K 67 1.76 18.86 41.54
CA SER K 67 0.77 18.23 42.39
C SER K 67 -0.60 18.85 42.10
N GLY K 68 -1.64 18.16 42.55
CA GLY K 68 -2.99 18.67 42.41
C GLY K 68 -3.70 18.64 43.75
N SER K 69 -4.76 19.44 43.83
CA SER K 69 -5.57 19.51 45.04
C SER K 69 -6.90 20.11 44.65
N SER K 70 -7.84 20.06 45.60
CA SER K 70 -9.22 20.38 45.36
C SER K 70 -9.81 21.13 46.54
N SER K 71 -10.75 22.02 46.25
CA SER K 71 -11.51 22.66 47.32
C SER K 71 -12.82 23.16 46.72
N GLY K 72 -13.93 22.51 47.09
CA GLY K 72 -15.22 22.95 46.59
C GLY K 72 -15.28 22.75 45.08
N ALA K 73 -15.67 23.81 44.37
CA ALA K 73 -15.75 23.74 42.91
C ALA K 73 -14.40 24.02 42.24
N GLU K 74 -13.34 24.24 43.00
CA GLU K 74 -12.07 24.61 42.42
C GLU K 74 -11.12 23.42 42.35
N ARG K 75 -10.37 23.35 41.27
CA ARG K 75 -9.35 22.33 41.06
C ARG K 75 -8.04 23.06 40.81
N TYR K 76 -6.97 22.57 41.43
CA TYR K 76 -5.70 23.27 41.44
C TYR K 76 -4.60 22.40 40.83
N LEU K 77 -3.66 23.05 40.17
CA LEU K 77 -2.40 22.46 39.78
C LEU K 77 -1.30 23.31 40.39
N THR K 78 -0.43 22.69 41.19
CA THR K 78 0.65 23.42 41.82
C THR K 78 1.97 22.89 41.29
N ILE K 79 2.80 23.81 40.80
CA ILE K 79 4.14 23.48 40.32
C ILE K 79 5.10 24.21 41.23
N SER K 80 5.96 23.45 41.90
CA SER K 80 6.99 24.03 42.75
C SER K 80 8.32 23.99 42.01
N SER K 81 9.28 24.72 42.55
CA SER K 81 10.62 24.88 41.97
C SER K 81 10.56 25.09 40.45
N LEU K 82 9.82 26.12 40.06
CA LEU K 82 9.53 26.37 38.64
C LEU K 82 10.80 26.47 37.81
N GLN K 83 10.77 25.82 36.65
CA GLN K 83 11.80 25.86 35.62
C GLN K 83 11.27 26.54 34.37
N SER K 84 12.21 26.94 33.49
CA SER K 84 11.82 27.58 32.24
C SER K 84 10.91 26.68 31.40
N GLU K 85 11.20 25.37 31.39
CA GLU K 85 10.44 24.42 30.61
C GLU K 85 8.99 24.31 31.06
N ASP K 86 8.68 24.76 32.28
CA ASP K 86 7.30 24.70 32.74
C ASP K 86 6.44 25.77 32.10
N GLU K 87 7.06 26.70 31.37
CA GLU K 87 6.31 27.67 30.58
C GLU K 87 5.55 26.93 29.49
N ALA K 88 4.22 27.05 29.52
CA ALA K 88 3.33 26.28 28.66
C ALA K 88 1.92 26.77 28.92
N ASP K 89 0.99 26.27 28.10
CA ASP K 89 -0.43 26.48 28.31
C ASP K 89 -0.98 25.27 29.04
N TYR K 90 -1.69 25.51 30.14
CA TYR K 90 -2.23 24.43 30.96
C TYR K 90 -3.75 24.40 30.81
N TYR K 91 -4.26 23.29 30.28
CA TYR K 91 -5.69 23.13 30.03
C TYR K 91 -6.30 22.16 31.05
N CYS K 92 -7.35 22.57 31.73
CA CYS K 92 -8.14 21.60 32.46
C CYS K 92 -9.23 21.05 31.55
N GLN K 93 -9.66 19.82 31.85
CA GLN K 93 -10.57 19.11 30.97
C GLN K 93 -11.45 18.21 31.83
N THR K 94 -12.72 18.10 31.45
CA THR K 94 -13.66 17.27 32.18
C THR K 94 -14.62 16.65 31.16
N TRP K 95 -15.63 15.94 31.66
CA TRP K 95 -16.59 15.31 30.77
C TRP K 95 -17.93 15.30 31.46
N GLY K 96 -18.97 15.18 30.63
CA GLY K 96 -20.35 15.04 31.03
C GLY K 96 -20.95 13.86 30.31
N ALA K 97 -22.28 13.78 30.23
CA ALA K 97 -22.94 12.55 29.79
C ALA K 97 -22.56 12.15 28.37
N GLY K 98 -22.45 13.09 27.45
CA GLY K 98 -22.04 12.68 26.11
C GLY K 98 -21.01 13.62 25.52
N ILE K 99 -20.25 14.31 26.36
CA ILE K 99 -19.37 15.38 25.90
C ILE K 99 -18.08 15.39 26.69
N LEU K 100 -17.04 15.94 26.07
CA LEU K 100 -15.87 16.43 26.77
C LEU K 100 -15.95 17.95 26.83
N VAL K 101 -15.39 18.53 27.88
CA VAL K 101 -15.37 19.97 28.07
C VAL K 101 -13.96 20.39 28.42
N PHE K 102 -13.46 21.44 27.74
CA PHE K 102 -12.14 22.01 28.02
C PHE K 102 -12.26 23.42 28.56
N GLY K 103 -11.39 23.79 29.49
CA GLY K 103 -11.19 25.18 29.81
C GLY K 103 -10.44 25.90 28.69
N GLY K 104 -10.38 27.22 28.82
CA GLY K 104 -9.69 28.03 27.84
C GLY K 104 -8.18 27.95 27.89
N GLY K 105 -7.62 27.33 28.93
CA GLY K 105 -6.19 27.21 29.07
C GLY K 105 -5.59 28.40 29.81
N THR K 106 -4.57 28.15 30.63
CA THR K 106 -3.85 29.21 31.35
C THR K 106 -2.41 29.17 30.86
N LYS K 107 -1.97 30.26 30.24
CA LYS K 107 -0.59 30.38 29.79
C LYS K 107 0.28 30.86 30.94
N LEU K 108 1.25 30.04 31.32
CA LEU K 108 2.12 30.33 32.45
C LEU K 108 3.44 30.89 31.94
N THR K 109 3.82 32.07 32.44
CA THR K 109 5.12 32.67 32.15
C THR K 109 5.99 32.58 33.40
N VAL K 110 7.21 32.09 33.23
CA VAL K 110 8.16 31.95 34.32
C VAL K 110 9.16 33.10 34.23
N LEU K 111 9.01 34.07 35.11
CA LEU K 111 9.71 35.34 34.97
C LEU K 111 11.16 35.26 35.41
N SER K 112 11.95 36.20 34.87
CA SER K 112 13.30 36.50 35.36
C SER K 112 14.29 35.37 35.07
N GLN K 113 14.18 34.77 33.90
CA GLN K 113 15.23 33.92 33.40
C GLN K 113 16.42 34.77 32.96
N PRO K 114 17.62 34.18 32.91
CA PRO K 114 18.82 34.96 32.57
C PRO K 114 18.72 35.61 31.19
N LYS K 115 19.09 36.88 31.12
CA LYS K 115 19.11 37.54 29.82
C LYS K 115 20.26 36.99 28.98
N ALA K 116 20.03 36.94 27.67
CA ALA K 116 21.00 36.37 26.74
C ALA K 116 21.00 37.18 25.44
N ALA K 117 22.21 37.49 24.95
CA ALA K 117 22.40 38.22 23.70
C ALA K 117 22.22 37.30 22.49
N PRO K 118 21.77 37.84 21.37
CA PRO K 118 21.54 36.98 20.19
C PRO K 118 22.82 36.59 19.49
N SER K 119 22.85 35.34 19.03
CA SER K 119 23.85 34.87 18.08
C SER K 119 23.26 35.06 16.69
N VAL K 120 24.02 35.66 15.79
CA VAL K 120 23.50 36.03 14.47
C VAL K 120 24.40 35.41 13.39
N THR K 121 23.78 34.71 12.45
CA THR K 121 24.49 34.19 11.28
C THR K 121 23.76 34.65 10.03
N LEU K 122 24.49 35.23 9.09
CA LEU K 122 23.93 35.77 7.86
C LEU K 122 24.55 35.05 6.67
N PHE K 123 23.70 34.47 5.81
CA PHE K 123 24.16 33.79 4.62
C PHE K 123 23.81 34.59 3.37
N PRO K 124 24.73 34.69 2.41
CA PRO K 124 24.43 35.39 1.14
C PRO K 124 23.64 34.49 0.21
N PRO K 125 23.20 34.99 -0.94
CA PRO K 125 22.53 34.12 -1.91
C PRO K 125 23.48 33.03 -2.40
N SER K 126 22.94 31.82 -2.55
CA SER K 126 23.73 30.75 -3.12
C SER K 126 23.85 30.93 -4.63
N SER K 127 24.91 30.36 -5.19
CA SER K 127 25.10 30.42 -6.63
C SER K 127 23.97 29.72 -7.38
N GLU K 128 23.41 28.64 -6.80
CA GLU K 128 22.30 27.96 -7.46
C GLU K 128 21.07 28.86 -7.52
N GLU K 129 20.79 29.58 -6.44
CA GLU K 129 19.65 30.51 -6.47
C GLU K 129 19.90 31.65 -7.45
N LEU K 130 21.12 32.18 -7.48
CA LEU K 130 21.43 33.25 -8.42
C LEU K 130 21.29 32.78 -9.86
N GLN K 131 21.68 31.53 -10.14
CA GLN K 131 21.50 31.00 -11.49
C GLN K 131 20.03 30.74 -11.82
N ALA K 132 19.17 30.57 -10.81
CA ALA K 132 17.73 30.56 -10.98
C ALA K 132 17.15 31.97 -11.04
N ASN K 133 18.01 32.99 -11.17
CA ASN K 133 17.61 34.38 -11.27
C ASN K 133 16.83 34.85 -10.03
N LYS K 134 17.26 34.39 -8.85
CA LYS K 134 16.70 34.87 -7.59
C LYS K 134 17.81 35.11 -6.59
N ALA K 135 17.46 35.78 -5.51
CA ALA K 135 18.45 36.11 -4.49
C ALA K 135 17.74 36.28 -3.16
N THR K 136 18.22 35.56 -2.16
CA THR K 136 17.70 35.63 -0.80
C THR K 136 18.86 35.74 0.17
N LEU K 137 18.83 36.74 1.03
CA LEU K 137 19.74 36.79 2.16
C LEU K 137 19.03 36.24 3.39
N VAL K 138 19.73 35.40 4.14
CA VAL K 138 19.16 34.63 5.24
C VAL K 138 19.88 35.04 6.52
N CYS K 139 19.14 35.68 7.42
CA CYS K 139 19.69 36.13 8.70
C CYS K 139 19.07 35.32 9.83
N LEU K 140 19.86 34.46 10.45
CA LEU K 140 19.39 33.54 11.48
C LEU K 140 19.82 34.03 12.84
N ILE K 141 18.86 34.09 13.77
CA ILE K 141 19.04 34.72 15.07
C ILE K 141 18.60 33.74 16.14
N SER K 142 19.49 33.43 17.07
CA SER K 142 19.18 32.41 18.06
C SER K 142 19.79 32.77 19.41
N ASP K 143 19.38 32.00 20.42
CA ASP K 143 19.97 32.00 21.77
C ASP K 143 19.74 33.30 22.54
N PHE K 144 18.65 34.02 22.32
CA PHE K 144 18.47 35.28 23.03
C PHE K 144 17.27 35.20 23.98
N TYR K 145 17.34 36.04 25.01
CA TYR K 145 16.27 36.18 26.01
C TYR K 145 16.36 37.59 26.61
N PRO K 146 15.20 38.27 26.78
CA PRO K 146 13.82 37.86 26.47
C PRO K 146 13.55 37.81 24.97
N GLY K 147 12.32 37.47 24.60
CA GLY K 147 11.96 37.21 23.21
C GLY K 147 11.60 38.41 22.36
N ALA K 148 12.16 39.59 22.66
CA ALA K 148 11.94 40.79 21.87
C ALA K 148 13.20 41.12 21.06
N VAL K 149 13.06 41.23 19.74
CA VAL K 149 14.15 41.63 18.86
C VAL K 149 13.61 42.57 17.79
N THR K 150 14.54 43.33 17.21
CA THR K 150 14.30 44.22 16.09
C THR K 150 15.37 43.96 15.05
N VAL K 151 14.96 43.79 13.79
CA VAL K 151 15.86 43.51 12.68
C VAL K 151 15.76 44.64 11.68
N ALA K 152 16.91 45.11 11.20
CA ALA K 152 16.95 46.14 10.18
C ALA K 152 18.03 45.79 9.15
N TRP K 153 17.69 45.85 7.89
CA TRP K 153 18.63 45.50 6.84
C TRP K 153 19.26 46.75 6.23
N LYS K 154 20.51 46.62 5.81
CA LYS K 154 21.27 47.70 5.20
C LYS K 154 21.85 47.24 3.87
N ALA K 155 21.75 48.10 2.86
CA ALA K 155 22.47 47.94 1.60
C ALA K 155 23.60 48.95 1.62
N ASP K 156 24.84 48.45 1.63
CA ASP K 156 25.98 49.29 2.00
C ASP K 156 25.67 49.89 3.37
N SER K 157 25.36 51.19 3.40
CA SER K 157 24.97 51.85 4.64
C SER K 157 23.52 52.34 4.59
N SER K 158 22.82 52.10 3.52
CA SER K 158 21.48 52.65 3.40
C SER K 158 20.45 51.63 3.90
N PRO K 159 19.47 52.11 4.66
CA PRO K 159 18.39 51.24 5.14
C PRO K 159 17.64 50.60 3.97
N VAL K 160 17.11 49.40 4.22
CA VAL K 160 16.32 48.67 3.24
C VAL K 160 15.05 48.18 3.91
N LYS K 161 13.91 48.53 3.33
CA LYS K 161 12.60 48.07 3.79
C LYS K 161 11.92 47.07 2.87
N ALA K 162 12.11 47.19 1.56
CA ALA K 162 11.40 46.37 0.59
C ALA K 162 11.95 44.95 0.58
N GLY K 163 11.05 43.95 0.64
CA GLY K 163 11.49 42.59 0.50
C GLY K 163 11.98 41.93 1.76
N VAL K 164 11.63 42.47 2.93
CA VAL K 164 12.04 41.92 4.21
C VAL K 164 10.86 41.17 4.80
N GLU K 165 11.08 39.93 5.20
CA GLU K 165 10.11 39.12 5.93
C GLU K 165 10.79 38.54 7.16
N THR K 166 10.18 38.75 8.33
CA THR K 166 10.80 38.35 9.58
C THR K 166 9.81 37.56 10.42
N THR K 167 10.28 36.46 11.01
CA THR K 167 9.45 35.64 11.87
C THR K 167 9.28 36.30 13.23
N THR K 168 8.18 35.96 13.90
CA THR K 168 8.06 36.25 15.31
C THR K 168 9.01 35.35 16.08
N PRO K 169 9.60 35.83 17.17
CA PRO K 169 10.51 34.97 17.95
C PRO K 169 9.74 33.79 18.52
N SER K 170 10.43 32.66 18.67
CA SER K 170 9.81 31.48 19.26
C SER K 170 10.83 30.74 20.12
N LYS K 171 10.35 30.21 21.24
CA LYS K 171 11.21 29.59 22.25
C LYS K 171 11.67 28.22 21.76
N GLN K 172 12.99 28.01 21.71
CA GLN K 172 13.55 26.76 21.21
C GLN K 172 13.78 25.79 22.38
N SER K 173 14.44 24.67 22.10
CA SER K 173 14.54 23.64 23.12
C SER K 173 15.58 23.98 24.19
N ASN K 174 16.52 24.88 23.90
CA ASN K 174 17.42 25.38 24.92
C ASN K 174 16.79 26.51 25.76
N ASN K 175 15.47 26.70 25.64
CA ASN K 175 14.72 27.70 26.40
C ASN K 175 15.15 29.14 26.11
N LYS K 176 15.90 29.34 25.03
CA LYS K 176 16.14 30.67 24.48
C LYS K 176 15.38 30.80 23.17
N TYR K 177 15.29 32.04 22.67
CA TYR K 177 14.45 32.34 21.54
C TYR K 177 15.25 32.36 20.24
N ALA K 178 14.54 32.12 19.15
CA ALA K 178 15.12 32.17 17.82
C ALA K 178 14.15 32.89 16.89
N ALA K 179 14.72 33.51 15.86
CA ALA K 179 13.94 34.14 14.80
C ALA K 179 14.83 34.19 13.58
N SER K 180 14.22 34.45 12.43
CA SER K 180 14.96 34.59 11.20
C SER K 180 14.32 35.69 10.36
N SER K 181 15.14 36.34 9.57
CA SER K 181 14.67 37.38 8.68
C SER K 181 15.24 37.11 7.30
N TYR K 182 14.39 37.28 6.29
CA TYR K 182 14.76 37.02 4.90
C TYR K 182 14.61 38.31 4.10
N LEU K 183 15.67 38.65 3.35
CA LEU K 183 15.67 39.78 2.44
C LEU K 183 15.69 39.26 1.01
N SER K 184 14.64 39.57 0.25
CA SER K 184 14.53 39.17 -1.14
C SER K 184 15.04 40.29 -2.06
N LEU K 185 15.95 39.93 -2.96
CA LEU K 185 16.57 40.87 -3.88
C LEU K 185 16.57 40.26 -5.27
N THR K 186 16.68 41.12 -6.31
CA THR K 186 17.06 40.54 -7.59
C THR K 186 18.57 40.31 -7.59
N PRO K 187 19.06 39.36 -8.39
CA PRO K 187 20.52 39.21 -8.49
C PRO K 187 21.21 40.52 -8.88
N GLU K 188 20.58 41.33 -9.73
CA GLU K 188 21.19 42.59 -10.15
C GLU K 188 21.40 43.52 -8.95
N GLN K 189 20.42 43.59 -8.04
CA GLN K 189 20.58 44.41 -6.85
C GLN K 189 21.67 43.86 -5.94
N TRP K 190 21.74 42.53 -5.81
CA TRP K 190 22.74 41.91 -4.95
C TRP K 190 24.16 42.25 -5.42
N LYS K 191 24.41 42.16 -6.72
CA LYS K 191 25.72 42.40 -7.27
C LYS K 191 26.05 43.89 -7.41
N SER K 192 25.06 44.77 -7.22
CA SER K 192 25.27 46.20 -7.40
C SER K 192 25.70 46.94 -6.13
N HIS K 193 25.68 46.30 -4.97
CA HIS K 193 26.15 46.93 -3.76
C HIS K 193 27.45 46.30 -3.29
N ARG K 194 28.19 47.05 -2.47
CA ARG K 194 29.41 46.52 -1.89
C ARG K 194 29.11 45.35 -0.96
N SER K 195 28.07 45.49 -0.15
CA SER K 195 27.74 44.50 0.88
C SER K 195 26.32 44.76 1.39
N TYR K 196 25.81 43.79 2.14
CA TYR K 196 24.55 43.92 2.86
C TYR K 196 24.76 43.47 4.31
N SER K 197 24.03 44.11 5.23
CA SER K 197 24.13 43.81 6.65
C SER K 197 22.75 43.54 7.24
N CYS K 198 22.73 42.68 8.27
CA CYS K 198 21.47 42.27 8.90
C CYS K 198 21.11 43.04 10.16
N GLN K 199 22.03 43.30 11.09
CA GLN K 199 21.77 44.17 12.24
C GLN K 199 20.59 43.81 13.14
N VAL K 200 20.86 43.13 14.25
CA VAL K 200 19.84 42.73 15.21
C VAL K 200 20.04 43.54 16.48
N THR K 201 18.96 44.16 16.97
CA THR K 201 19.03 44.98 18.18
C THR K 201 18.22 44.30 19.27
N HIS K 202 18.84 44.10 20.43
CA HIS K 202 18.25 43.35 21.54
C HIS K 202 18.69 43.93 22.86
N GLU K 203 17.74 44.46 23.64
CA GLU K 203 18.00 45.03 24.96
C GLU K 203 19.02 46.16 24.85
N GLY K 204 18.78 47.07 23.91
CA GLY K 204 19.61 48.24 23.70
C GLY K 204 20.91 48.01 22.97
N SER K 205 21.35 46.77 22.80
CA SER K 205 22.59 46.47 22.10
C SER K 205 22.30 45.94 20.70
N THR K 206 23.15 46.30 19.74
CA THR K 206 22.94 45.96 18.33
C THR K 206 24.10 45.10 17.86
N VAL K 207 23.79 43.90 17.40
CA VAL K 207 24.76 43.02 16.76
C VAL K 207 24.47 43.03 15.25
N GLU K 208 25.54 43.07 14.46
CA GLU K 208 25.45 43.21 13.02
C GLU K 208 26.36 42.20 12.33
N LYS K 209 25.90 41.66 11.21
CA LYS K 209 26.70 40.79 10.36
C LYS K 209 26.61 41.30 8.92
N THR K 210 27.65 41.02 8.13
CA THR K 210 27.77 41.56 6.78
C THR K 210 28.25 40.49 5.80
N VAL K 211 27.66 40.48 4.60
CA VAL K 211 28.07 39.60 3.51
C VAL K 211 28.25 40.41 2.24
N ALA K 212 29.03 39.86 1.31
CA ALA K 212 29.37 40.54 0.07
C ALA K 212 29.41 39.55 -1.08
N PRO K 213 29.14 40.00 -2.31
CA PRO K 213 29.30 39.19 -3.52
C PRO K 213 30.77 38.93 -3.83
N PRO L 1 -25.77 17.01 37.24
CA PRO L 1 -24.97 17.35 38.42
C PRO L 1 -24.16 16.18 38.98
N LEU L 2 -24.42 14.97 38.53
CA LEU L 2 -23.59 13.81 38.88
C LEU L 2 -22.84 13.37 37.63
N GLN L 3 -21.54 13.33 37.72
CA GLN L 3 -20.71 13.03 36.57
C GLN L 3 -20.78 11.53 36.23
N PRO L 4 -21.06 11.17 34.97
CA PRO L 4 -21.09 9.75 34.62
C PRO L 4 -19.72 9.13 34.74
N GLN L 5 -19.70 7.80 34.80
CA GLN L 5 -18.42 7.11 34.92
C GLN L 5 -17.54 7.34 33.69
N GLN L 6 -18.16 7.46 32.52
CA GLN L 6 -17.41 7.67 31.30
C GLN L 6 -18.30 8.45 30.34
N PRO L 7 -17.72 9.36 29.55
CA PRO L 7 -18.55 10.19 28.67
C PRO L 7 -19.16 9.43 27.51
N PHE L 8 -18.52 8.37 27.01
CA PHE L 8 -18.92 7.76 25.74
C PHE L 8 -19.18 6.26 25.90
N PRO L 9 -20.27 5.90 26.61
CA PRO L 9 -20.61 4.48 26.79
C PRO L 9 -21.30 3.86 25.57
S SO4 M . 39.99 3.17 16.98
O1 SO4 M . 40.80 4.38 17.02
O2 SO4 M . 38.81 3.39 16.14
O3 SO4 M . 39.56 2.81 18.33
O4 SO4 M . 40.80 2.09 16.42
S SO4 N . -24.60 13.46 -12.31
O1 SO4 N . -23.89 14.68 -11.97
O2 SO4 N . -24.94 13.46 -13.74
O3 SO4 N . -25.84 13.39 -11.54
O4 SO4 N . -23.77 12.29 -12.00
S SO4 O . -45.74 0.49 6.86
O1 SO4 O . -45.29 0.64 5.48
O2 SO4 O . -45.71 1.80 7.51
O3 SO4 O . -47.11 -0.04 6.90
O4 SO4 O . -44.86 -0.43 7.57
S SO4 P . -54.10 -2.04 -0.53
O1 SO4 P . -53.49 -0.73 -0.33
O2 SO4 P . -55.20 -1.92 -1.49
O3 SO4 P . -53.10 -2.97 -1.06
O4 SO4 P . -54.62 -2.54 0.73
S SO4 Q . 3.59 -19.49 -23.74
O1 SO4 Q . 4.96 -19.72 -23.28
O2 SO4 Q . 3.54 -18.27 -24.54
O3 SO4 Q . 2.69 -19.34 -22.59
O4 SO4 Q . 3.17 -20.63 -24.54
S SO4 R . 2.27 4.38 29.92
O1 SO4 R . 1.22 4.80 30.86
O2 SO4 R . 2.84 5.57 29.29
O3 SO4 R . 1.71 3.55 28.85
O4 SO4 R . 3.31 3.65 30.63
S SO4 S . -5.64 -3.20 28.92
O1 SO4 S . -5.04 -2.10 29.65
O2 SO4 S . -5.66 -2.87 27.50
O3 SO4 S . -7.01 -3.45 29.40
O4 SO4 S . -4.85 -4.41 29.12
S SO4 T . -3.50 7.04 42.57
O1 SO4 T . -3.98 7.70 43.78
O2 SO4 T . -2.75 7.99 41.74
O3 SO4 T . -4.63 6.53 41.80
O4 SO4 T . -2.62 5.95 42.95
S SO4 U . -25.99 20.27 33.41
O1 SO4 U . -25.34 20.33 32.11
O2 SO4 U . -26.09 21.63 33.97
O3 SO4 U . -25.21 19.44 34.32
O4 SO4 U . -27.34 19.71 33.27
S SO4 V . 15.61 23.62 18.57
O1 SO4 V . 16.59 24.26 19.45
O2 SO4 V . 15.87 24.05 17.19
O3 SO4 V . 15.75 22.17 18.65
O4 SO4 V . 14.27 24.02 18.97
S SO4 W . -23.35 16.84 32.42
O1 SO4 W . -23.20 16.78 30.96
O2 SO4 W . -22.50 17.91 32.94
O3 SO4 W . -24.73 17.11 32.75
O4 SO4 W . -22.94 15.57 33.01
#